data_1CW9
# 
_entry.id   1CW9 
# 
_audit_conform.dict_name       mmcif_pdbx.dic 
_audit_conform.dict_version    5.389 
_audit_conform.dict_location   http://mmcif.pdb.org/dictionaries/ascii/mmcif_pdbx.dic 
# 
loop_
_database_2.database_id 
_database_2.database_code 
_database_2.pdbx_database_accession 
_database_2.pdbx_DOI 
PDB   1CW9         pdb_00001cw9 10.2210/pdb1cw9/pdb 
NDB   BD0021       ?            ?                   
RCSB  RCSB009586   ?            ?                   
WWPDB D_1000009586 ?            ?                   
# 
loop_
_pdbx_audit_revision_history.ordinal 
_pdbx_audit_revision_history.data_content_type 
_pdbx_audit_revision_history.major_revision 
_pdbx_audit_revision_history.minor_revision 
_pdbx_audit_revision_history.revision_date 
1 'Structure model' 1 0 1999-10-14 
2 'Structure model' 1 1 2008-04-27 
3 'Structure model' 1 2 2011-07-13 
4 'Structure model' 1 3 2017-02-01 
5 'Structure model' 1 4 2017-10-04 
6 'Structure model' 1 5 2024-02-07 
7 'Structure model' 1 6 2024-04-03 
# 
_pdbx_audit_revision_details.ordinal             1 
_pdbx_audit_revision_details.revision_ordinal    1 
_pdbx_audit_revision_details.data_content_type   'Structure model' 
_pdbx_audit_revision_details.provider            repository 
_pdbx_audit_revision_details.type                'Initial release' 
_pdbx_audit_revision_details.description         ? 
_pdbx_audit_revision_details.details             ? 
# 
loop_
_pdbx_audit_revision_group.ordinal 
_pdbx_audit_revision_group.revision_ordinal 
_pdbx_audit_revision_group.data_content_type 
_pdbx_audit_revision_group.group 
1 2 'Structure model' 'Version format compliance' 
2 3 'Structure model' 'Version format compliance' 
3 4 'Structure model' 'Structure summary'         
4 5 'Structure model' 'Refinement description'    
5 6 'Structure model' 'Data collection'           
6 6 'Structure model' 'Database references'       
7 6 'Structure model' 'Derived calculations'      
8 7 'Structure model' 'Refinement description'    
# 
loop_
_pdbx_audit_revision_category.ordinal 
_pdbx_audit_revision_category.revision_ordinal 
_pdbx_audit_revision_category.data_content_type 
_pdbx_audit_revision_category.category 
1 5 'Structure model' software                      
2 6 'Structure model' chem_comp_atom                
3 6 'Structure model' chem_comp_bond                
4 6 'Structure model' database_2                    
5 6 'Structure model' pdbx_struct_conn_angle        
6 6 'Structure model' struct_conn                   
7 6 'Structure model' struct_site                   
8 7 'Structure model' pdbx_initial_refinement_model 
# 
loop_
_pdbx_audit_revision_item.ordinal 
_pdbx_audit_revision_item.revision_ordinal 
_pdbx_audit_revision_item.data_content_type 
_pdbx_audit_revision_item.item 
1  5 'Structure model' '_software.classification'                    
2  5 'Structure model' '_software.name'                              
3  6 'Structure model' '_database_2.pdbx_DOI'                        
4  6 'Structure model' '_database_2.pdbx_database_accession'         
5  6 'Structure model' '_pdbx_struct_conn_angle.ptnr1_auth_asym_id'  
6  6 'Structure model' '_pdbx_struct_conn_angle.ptnr1_auth_comp_id'  
7  6 'Structure model' '_pdbx_struct_conn_angle.ptnr1_auth_seq_id'   
8  6 'Structure model' '_pdbx_struct_conn_angle.ptnr1_label_asym_id' 
9  6 'Structure model' '_pdbx_struct_conn_angle.ptnr1_label_atom_id' 
10 6 'Structure model' '_pdbx_struct_conn_angle.ptnr1_label_comp_id' 
11 6 'Structure model' '_pdbx_struct_conn_angle.ptnr1_label_seq_id'  
12 6 'Structure model' '_pdbx_struct_conn_angle.ptnr3_auth_asym_id'  
13 6 'Structure model' '_pdbx_struct_conn_angle.ptnr3_auth_comp_id'  
14 6 'Structure model' '_pdbx_struct_conn_angle.ptnr3_auth_seq_id'   
15 6 'Structure model' '_pdbx_struct_conn_angle.ptnr3_label_asym_id' 
16 6 'Structure model' '_pdbx_struct_conn_angle.ptnr3_label_atom_id' 
17 6 'Structure model' '_pdbx_struct_conn_angle.ptnr3_label_comp_id' 
18 6 'Structure model' '_pdbx_struct_conn_angle.ptnr3_label_seq_id'  
19 6 'Structure model' '_pdbx_struct_conn_angle.value'               
20 6 'Structure model' '_struct_conn.conn_type_id'                   
21 6 'Structure model' '_struct_conn.id'                             
22 6 'Structure model' '_struct_conn.pdbx_dist_value'                
23 6 'Structure model' '_struct_conn.pdbx_leaving_atom_flag'         
24 6 'Structure model' '_struct_conn.ptnr1_auth_asym_id'             
25 6 'Structure model' '_struct_conn.ptnr1_auth_comp_id'             
26 6 'Structure model' '_struct_conn.ptnr1_auth_seq_id'              
27 6 'Structure model' '_struct_conn.ptnr1_label_asym_id'            
28 6 'Structure model' '_struct_conn.ptnr1_label_atom_id'            
29 6 'Structure model' '_struct_conn.ptnr1_label_comp_id'            
30 6 'Structure model' '_struct_conn.ptnr1_label_seq_id'             
31 6 'Structure model' '_struct_conn.ptnr2_auth_asym_id'             
32 6 'Structure model' '_struct_conn.ptnr2_auth_comp_id'             
33 6 'Structure model' '_struct_conn.ptnr2_auth_seq_id'              
34 6 'Structure model' '_struct_conn.ptnr2_label_asym_id'            
35 6 'Structure model' '_struct_conn.ptnr2_label_atom_id'            
36 6 'Structure model' '_struct_conn.ptnr2_label_comp_id'            
37 6 'Structure model' '_struct_conn.ptnr2_label_seq_id'             
38 6 'Structure model' '_struct_site.pdbx_auth_asym_id'              
39 6 'Structure model' '_struct_site.pdbx_auth_comp_id'              
40 6 'Structure model' '_struct_site.pdbx_auth_seq_id'               
# 
_pdbx_database_status.status_code                     REL 
_pdbx_database_status.entry_id                        1CW9 
_pdbx_database_status.recvd_initial_deposition_date   1999-08-26 
_pdbx_database_status.deposit_site                    RCSB 
_pdbx_database_status.process_site                    RCSB 
_pdbx_database_status.SG_entry                        . 
_pdbx_database_status.status_code_sf                  ? 
_pdbx_database_status.status_code_mr                  ? 
_pdbx_database_status.status_code_cs                  ? 
_pdbx_database_status.methods_development_category    ? 
_pdbx_database_status.pdb_format_compatible           Y 
_pdbx_database_status.status_code_nmr_data            ? 
# 
loop_
_audit_author.name 
_audit_author.pdbx_ordinal 
'van Aalten, D.M.F.' 1 
'Erlanson, D.A.'     2 
'Verdine, G.L.'      3 
'Joshua-Tor, L.'     4 
# 
_citation.id                        primary 
_citation.title                     'A structural snapshot of base-pair opening in DNA.' 
_citation.journal_abbrev            Proc.Natl.Acad.Sci.USA 
_citation.journal_volume            96 
_citation.page_first                11809 
_citation.page_last                 11814 
_citation.year                      1999 
_citation.journal_id_ASTM           PNASA6 
_citation.country                   US 
_citation.journal_id_ISSN           0027-8424 
_citation.journal_id_CSD            0040 
_citation.book_publisher            ? 
_citation.pdbx_database_id_PubMed   10518532 
_citation.pdbx_database_id_DOI      10.1073/pnas.96.21.11809 
# 
loop_
_citation_author.citation_id 
_citation_author.name 
_citation_author.ordinal 
_citation_author.identifier_ORCID 
primary 'van Aalten, D.M.' 1 ? 
primary 'Erlanson, D.A.'   2 ? 
primary 'Verdine, G.L.'    3 ? 
primary 'Joshua-Tor, L.'   4 ? 
# 
loop_
_entity.id 
_entity.type 
_entity.src_method 
_entity.pdbx_description 
_entity.formula_weight 
_entity.pdbx_number_of_molecules 
_entity.pdbx_ec 
_entity.pdbx_mutation 
_entity.pdbx_fragment 
_entity.details 
1 polymer     syn "5'-D(*CP*CP*AP*GP*(G47)P*CP*CP*TP*GP*G)-3'" 3106.110 4   ? ? ? ? 
2 non-polymer syn 'CALCIUM ION'                                40.078   1   ? ? ? ? 
3 water       nat water                                        18.015   271 ? ? ? ? 
# 
_entity_poly.entity_id                      1 
_entity_poly.type                           polydeoxyribonucleotide 
_entity_poly.nstd_linkage                   no 
_entity_poly.nstd_monomer                   yes 
_entity_poly.pdbx_seq_one_letter_code       '(DC)(DC)(DA)(DG)(G47)(DC)(DC)(DT)(DG)(DG)' 
_entity_poly.pdbx_seq_one_letter_code_can   CCAGGCCTGG 
_entity_poly.pdbx_strand_id                 A,B,C,D 
_entity_poly.pdbx_target_identifier         ? 
# 
loop_
_pdbx_entity_nonpoly.entity_id 
_pdbx_entity_nonpoly.name 
_pdbx_entity_nonpoly.comp_id 
2 'CALCIUM ION' CA  
3 water         HOH 
# 
loop_
_entity_poly_seq.entity_id 
_entity_poly_seq.num 
_entity_poly_seq.mon_id 
_entity_poly_seq.hetero 
1 1  DC  n 
1 2  DC  n 
1 3  DA  n 
1 4  DG  n 
1 5  G47 n 
1 6  DC  n 
1 7  DC  n 
1 8  DT  n 
1 9  DG  n 
1 10 DG  n 
# 
_pdbx_entity_src_syn.entity_id              1 
_pdbx_entity_src_syn.pdbx_src_id            1 
_pdbx_entity_src_syn.pdbx_alt_source_flag   sample 
_pdbx_entity_src_syn.pdbx_beg_seq_num       ? 
_pdbx_entity_src_syn.pdbx_end_seq_num       ? 
_pdbx_entity_src_syn.organism_scientific    ? 
_pdbx_entity_src_syn.organism_common_name   ? 
_pdbx_entity_src_syn.ncbi_taxonomy_id       ? 
_pdbx_entity_src_syn.details                'CROSSLINKED DNA WAS SYNTHESIZED BY THE CONVERTIBLE NUCLEOSIDE APPROACH' 
# 
loop_
_chem_comp.id 
_chem_comp.type 
_chem_comp.mon_nstd_flag 
_chem_comp.name 
_chem_comp.pdbx_synonyms 
_chem_comp.formula 
_chem_comp.formula_weight 
CA  non-polymer   . 'CALCIUM ION'                                        ? 'Ca 2'              40.078  
DA  'DNA linking' y "2'-DEOXYADENOSINE-5'-MONOPHOSPHATE"                 ? 'C10 H14 N5 O6 P'   331.222 
DC  'DNA linking' y "2'-DEOXYCYTIDINE-5'-MONOPHOSPHATE"                  ? 'C9 H14 N3 O7 P'    307.197 
DG  'DNA linking' y "2'-DEOXYGUANOSINE-5'-MONOPHOSPHATE"                 ? 'C10 H14 N5 O7 P'   347.221 
DT  'DNA linking' y "THYMIDINE-5'-MONOPHOSPHATE"                         ? 'C10 H15 N2 O8 P'   322.208 
G47 'DNA linking' n "N2-ETHANETHIOL-2'-DEOXY-GUANOSINE-5'-MONOPHOSPHATE" ? 'C12 H18 N5 O7 P S' 407.339 
HOH non-polymer   . WATER                                                ? 'H2 O'              18.015  
# 
loop_
_pdbx_poly_seq_scheme.asym_id 
_pdbx_poly_seq_scheme.entity_id 
_pdbx_poly_seq_scheme.seq_id 
_pdbx_poly_seq_scheme.mon_id 
_pdbx_poly_seq_scheme.ndb_seq_num 
_pdbx_poly_seq_scheme.pdb_seq_num 
_pdbx_poly_seq_scheme.auth_seq_num 
_pdbx_poly_seq_scheme.pdb_mon_id 
_pdbx_poly_seq_scheme.auth_mon_id 
_pdbx_poly_seq_scheme.pdb_strand_id 
_pdbx_poly_seq_scheme.pdb_ins_code 
_pdbx_poly_seq_scheme.hetero 
A 1 1  DC  1  1  1  DC  C  A . n 
A 1 2  DC  2  2  2  DC  C  A . n 
A 1 3  DA  3  3  3  DA  A  A . n 
A 1 4  DG  4  4  4  DG  G  A . n 
A 1 5  G47 5  5  5  G47 +G A . n 
A 1 6  DC  6  6  6  DC  C  A . n 
A 1 7  DC  7  7  7  DC  C  A . n 
A 1 8  DT  8  8  8  DT  T  A . n 
A 1 9  DG  9  9  9  DG  G  A . n 
A 1 10 DG  10 10 10 DG  G  A . n 
B 1 1  DC  1  1  1  DC  C  B . n 
B 1 2  DC  2  2  2  DC  C  B . n 
B 1 3  DA  3  3  3  DA  A  B . n 
B 1 4  DG  4  4  4  DG  G  B . n 
B 1 5  G47 5  5  5  G47 +G B . n 
B 1 6  DC  6  6  6  DC  C  B . n 
B 1 7  DC  7  7  7  DC  C  B . n 
B 1 8  DT  8  8  8  DT  T  B . n 
B 1 9  DG  9  9  9  DG  G  B . n 
B 1 10 DG  10 10 10 DG  G  B . n 
C 1 1  DC  1  1  1  DC  C  C . n 
C 1 2  DC  2  2  2  DC  C  C . n 
C 1 3  DA  3  3  3  DA  A  C . n 
C 1 4  DG  4  4  4  DG  G  C . n 
C 1 5  G47 5  5  5  G47 +G C . n 
C 1 6  DC  6  6  6  DC  C  C . n 
C 1 7  DC  7  7  7  DC  C  C . n 
C 1 8  DT  8  8  8  DT  T  C . n 
C 1 9  DG  9  9  9  DG  G  C . n 
C 1 10 DG  10 10 10 DG  G  C . n 
D 1 1  DC  1  1  1  DC  C  D . n 
D 1 2  DC  2  2  2  DC  C  D . n 
D 1 3  DA  3  3  3  DA  A  D . n 
D 1 4  DG  4  4  4  DG  G  D . n 
D 1 5  G47 5  5  5  G47 +G D . n 
D 1 6  DC  6  6  6  DC  C  D . n 
D 1 7  DC  7  7  7  DC  C  D . n 
D 1 8  DT  8  8  8  DT  T  D . n 
D 1 9  DG  9  9  9  DG  G  D . n 
D 1 10 DG  10 10 10 DG  G  D . n 
# 
loop_
_pdbx_nonpoly_scheme.asym_id 
_pdbx_nonpoly_scheme.entity_id 
_pdbx_nonpoly_scheme.mon_id 
_pdbx_nonpoly_scheme.ndb_seq_num 
_pdbx_nonpoly_scheme.pdb_seq_num 
_pdbx_nonpoly_scheme.auth_seq_num 
_pdbx_nonpoly_scheme.pdb_mon_id 
_pdbx_nonpoly_scheme.auth_mon_id 
_pdbx_nonpoly_scheme.pdb_strand_id 
_pdbx_nonpoly_scheme.pdb_ins_code 
E 2 CA  1  11  1   CA  CA  A . 
F 3 HOH 1  12  2   HOH HOH A . 
F 3 HOH 2  13  303 HOH HOH A . 
F 3 HOH 3  14  305 HOH HOH A . 
F 3 HOH 4  15  308 HOH HOH A . 
F 3 HOH 5  16  313 HOH HOH A . 
F 3 HOH 6  17  318 HOH HOH A . 
F 3 HOH 7  18  324 HOH HOH A . 
F 3 HOH 8  19  327 HOH HOH A . 
F 3 HOH 9  20  329 HOH HOH A . 
F 3 HOH 10 21  334 HOH HOH A . 
F 3 HOH 11 22  336 HOH HOH A . 
F 3 HOH 12 23  339 HOH HOH A . 
F 3 HOH 13 24  342 HOH HOH A . 
F 3 HOH 14 25  346 HOH HOH A . 
F 3 HOH 15 26  349 HOH HOH A . 
F 3 HOH 16 27  351 HOH HOH A . 
F 3 HOH 17 28  352 HOH HOH A . 
F 3 HOH 18 29  354 HOH HOH A . 
F 3 HOH 19 30  355 HOH HOH A . 
F 3 HOH 20 31  357 HOH HOH A . 
F 3 HOH 21 32  358 HOH HOH A . 
F 3 HOH 22 33  381 HOH HOH A . 
F 3 HOH 23 34  384 HOH HOH A . 
F 3 HOH 24 35  385 HOH HOH A . 
F 3 HOH 25 36  389 HOH HOH A . 
F 3 HOH 26 37  410 HOH HOH A . 
F 3 HOH 27 38  418 HOH HOH A . 
F 3 HOH 28 39  420 HOH HOH A . 
F 3 HOH 29 40  422 HOH HOH A . 
F 3 HOH 30 41  426 HOH HOH A . 
F 3 HOH 31 42  427 HOH HOH A . 
F 3 HOH 32 43  431 HOH HOH A . 
F 3 HOH 33 44  433 HOH HOH A . 
F 3 HOH 34 45  438 HOH HOH A . 
F 3 HOH 35 46  439 HOH HOH A . 
F 3 HOH 36 47  457 HOH HOH A . 
F 3 HOH 37 48  461 HOH HOH A . 
F 3 HOH 38 49  463 HOH HOH A . 
F 3 HOH 39 50  464 HOH HOH A . 
F 3 HOH 40 51  465 HOH HOH A . 
F 3 HOH 41 52  468 HOH HOH A . 
F 3 HOH 42 53  470 HOH HOH A . 
F 3 HOH 43 54  476 HOH HOH A . 
F 3 HOH 44 55  481 HOH HOH A . 
F 3 HOH 45 56  496 HOH HOH A . 
F 3 HOH 46 57  502 HOH HOH A . 
F 3 HOH 47 58  514 HOH HOH A . 
F 3 HOH 48 59  516 HOH HOH A . 
F 3 HOH 49 60  519 HOH HOH A . 
F 3 HOH 50 61  528 HOH HOH A . 
F 3 HOH 51 62  543 HOH HOH A . 
F 3 HOH 52 63  544 HOH HOH A . 
F 3 HOH 53 64  548 HOH HOH A . 
F 3 HOH 54 65  552 HOH HOH A . 
F 3 HOH 55 66  556 HOH HOH A . 
F 3 HOH 56 67  567 HOH HOH A . 
F 3 HOH 57 68  574 HOH HOH A . 
F 3 HOH 58 69  581 HOH HOH A . 
F 3 HOH 59 70  583 HOH HOH A . 
F 3 HOH 60 71  584 HOH HOH A . 
F 3 HOH 61 72  590 HOH HOH A . 
F 3 HOH 62 73  595 HOH HOH A . 
F 3 HOH 63 74  600 HOH HOH A . 
F 3 HOH 64 75  606 HOH HOH A . 
F 3 HOH 65 76  608 HOH HOH A . 
F 3 HOH 66 77  615 HOH HOH A . 
F 3 HOH 67 78  617 HOH HOH A . 
F 3 HOH 68 79  621 HOH HOH A . 
F 3 HOH 69 80  623 HOH HOH A . 
F 3 HOH 70 81  639 HOH HOH A . 
F 3 HOH 71 82  641 HOH HOH A . 
F 3 HOH 72 83  644 HOH HOH A . 
F 3 HOH 73 84  654 HOH HOH A . 
F 3 HOH 74 85  659 HOH HOH A . 
F 3 HOH 75 86  660 HOH HOH A . 
F 3 HOH 76 87  690 HOH HOH A . 
F 3 HOH 77 88  696 HOH HOH A . 
G 3 HOH 1  304 304 HOH HOH B . 
G 3 HOH 2  306 306 HOH HOH B . 
G 3 HOH 3  316 316 HOH HOH B . 
G 3 HOH 4  326 326 HOH HOH B . 
G 3 HOH 5  328 328 HOH HOH B . 
G 3 HOH 6  331 331 HOH HOH B . 
G 3 HOH 7  333 333 HOH HOH B . 
G 3 HOH 8  338 338 HOH HOH B . 
G 3 HOH 9  345 345 HOH HOH B . 
G 3 HOH 10 347 347 HOH HOH B . 
G 3 HOH 11 348 348 HOH HOH B . 
G 3 HOH 12 353 353 HOH HOH B . 
G 3 HOH 13 356 356 HOH HOH B . 
G 3 HOH 14 359 359 HOH HOH B . 
G 3 HOH 15 363 363 HOH HOH B . 
G 3 HOH 16 366 366 HOH HOH B . 
G 3 HOH 17 367 367 HOH HOH B . 
G 3 HOH 18 369 369 HOH HOH B . 
G 3 HOH 19 380 380 HOH HOH B . 
G 3 HOH 20 382 382 HOH HOH B . 
G 3 HOH 21 386 386 HOH HOH B . 
G 3 HOH 22 392 392 HOH HOH B . 
G 3 HOH 23 393 393 HOH HOH B . 
G 3 HOH 24 395 395 HOH HOH B . 
G 3 HOH 25 397 397 HOH HOH B . 
G 3 HOH 26 419 419 HOH HOH B . 
G 3 HOH 27 421 421 HOH HOH B . 
G 3 HOH 28 424 424 HOH HOH B . 
G 3 HOH 29 428 428 HOH HOH B . 
G 3 HOH 30 434 434 HOH HOH B . 
G 3 HOH 31 449 449 HOH HOH B . 
G 3 HOH 32 450 450 HOH HOH B . 
G 3 HOH 33 452 452 HOH HOH B . 
G 3 HOH 34 458 458 HOH HOH B . 
G 3 HOH 35 467 467 HOH HOH B . 
G 3 HOH 36 474 474 HOH HOH B . 
G 3 HOH 37 475 475 HOH HOH B . 
G 3 HOH 38 492 492 HOH HOH B . 
G 3 HOH 39 493 493 HOH HOH B . 
G 3 HOH 40 501 501 HOH HOH B . 
G 3 HOH 41 507 507 HOH HOH B . 
G 3 HOH 42 509 509 HOH HOH B . 
G 3 HOH 43 510 510 HOH HOH B . 
G 3 HOH 44 513 513 HOH HOH B . 
G 3 HOH 45 523 523 HOH HOH B . 
G 3 HOH 46 530 530 HOH HOH B . 
G 3 HOH 47 533 533 HOH HOH B . 
G 3 HOH 48 537 537 HOH HOH B . 
G 3 HOH 49 541 541 HOH HOH B . 
G 3 HOH 50 545 545 HOH HOH B . 
G 3 HOH 51 572 572 HOH HOH B . 
G 3 HOH 52 573 573 HOH HOH B . 
G 3 HOH 53 587 587 HOH HOH B . 
G 3 HOH 54 588 588 HOH HOH B . 
G 3 HOH 55 593 593 HOH HOH B . 
G 3 HOH 56 596 596 HOH HOH B . 
G 3 HOH 57 599 599 HOH HOH B . 
G 3 HOH 58 603 603 HOH HOH B . 
G 3 HOH 59 609 609 HOH HOH B . 
G 3 HOH 60 631 631 HOH HOH B . 
G 3 HOH 61 636 636 HOH HOH B . 
G 3 HOH 62 637 637 HOH HOH B . 
G 3 HOH 63 638 638 HOH HOH B . 
G 3 HOH 64 649 649 HOH HOH B . 
G 3 HOH 65 651 651 HOH HOH B . 
G 3 HOH 66 669 669 HOH HOH B . 
G 3 HOH 67 698 698 HOH HOH B . 
G 3 HOH 68 706 706 HOH HOH B . 
H 3 HOH 1  11  4   HOH HOH C . 
H 3 HOH 2  12  302 HOH HOH C . 
H 3 HOH 3  13  309 HOH HOH C . 
H 3 HOH 4  14  310 HOH HOH C . 
H 3 HOH 5  15  311 HOH HOH C . 
H 3 HOH 6  16  312 HOH HOH C . 
H 3 HOH 7  17  315 HOH HOH C . 
H 3 HOH 8  18  319 HOH HOH C . 
H 3 HOH 9  19  320 HOH HOH C . 
H 3 HOH 10 20  322 HOH HOH C . 
H 3 HOH 11 21  323 HOH HOH C . 
H 3 HOH 12 22  325 HOH HOH C . 
H 3 HOH 13 23  330 HOH HOH C . 
H 3 HOH 14 24  332 HOH HOH C . 
H 3 HOH 15 25  350 HOH HOH C . 
H 3 HOH 16 26  360 HOH HOH C . 
H 3 HOH 17 27  362 HOH HOH C . 
H 3 HOH 18 28  364 HOH HOH C . 
H 3 HOH 19 29  368 HOH HOH C . 
H 3 HOH 20 30  378 HOH HOH C . 
H 3 HOH 21 31  390 HOH HOH C . 
H 3 HOH 22 32  411 HOH HOH C . 
H 3 HOH 23 33  412 HOH HOH C . 
H 3 HOH 24 34  413 HOH HOH C . 
H 3 HOH 25 35  425 HOH HOH C . 
H 3 HOH 26 36  429 HOH HOH C . 
H 3 HOH 27 37  430 HOH HOH C . 
H 3 HOH 28 38  432 HOH HOH C . 
H 3 HOH 29 39  436 HOH HOH C . 
H 3 HOH 30 40  440 HOH HOH C . 
H 3 HOH 31 41  447 HOH HOH C . 
H 3 HOH 32 42  453 HOH HOH C . 
H 3 HOH 33 43  456 HOH HOH C . 
H 3 HOH 34 44  460 HOH HOH C . 
H 3 HOH 35 45  466 HOH HOH C . 
H 3 HOH 36 46  480 HOH HOH C . 
H 3 HOH 37 47  485 HOH HOH C . 
H 3 HOH 38 48  497 HOH HOH C . 
H 3 HOH 39 49  518 HOH HOH C . 
H 3 HOH 40 50  521 HOH HOH C . 
H 3 HOH 41 51  522 HOH HOH C . 
H 3 HOH 42 52  538 HOH HOH C . 
H 3 HOH 43 53  542 HOH HOH C . 
H 3 HOH 44 54  546 HOH HOH C . 
H 3 HOH 45 55  549 HOH HOH C . 
H 3 HOH 46 56  557 HOH HOH C . 
H 3 HOH 47 57  558 HOH HOH C . 
H 3 HOH 48 58  563 HOH HOH C . 
H 3 HOH 49 59  569 HOH HOH C . 
H 3 HOH 50 60  580 HOH HOH C . 
H 3 HOH 51 61  586 HOH HOH C . 
H 3 HOH 52 62  591 HOH HOH C . 
H 3 HOH 53 63  592 HOH HOH C . 
H 3 HOH 54 64  594 HOH HOH C . 
H 3 HOH 55 65  601 HOH HOH C . 
H 3 HOH 56 66  612 HOH HOH C . 
H 3 HOH 57 67  624 HOH HOH C . 
H 3 HOH 58 68  625 HOH HOH C . 
H 3 HOH 59 69  640 HOH HOH C . 
H 3 HOH 60 70  653 HOH HOH C . 
H 3 HOH 61 71  656 HOH HOH C . 
I 3 HOH 1  11  3   HOH HOH D . 
I 3 HOH 2  12  314 HOH HOH D . 
I 3 HOH 3  13  321 HOH HOH D . 
I 3 HOH 4  14  335 HOH HOH D . 
I 3 HOH 5  15  337 HOH HOH D . 
I 3 HOH 6  16  361 HOH HOH D . 
I 3 HOH 7  17  371 HOH HOH D . 
I 3 HOH 8  18  372 HOH HOH D . 
I 3 HOH 9  19  373 HOH HOH D . 
I 3 HOH 10 20  374 HOH HOH D . 
I 3 HOH 11 21  375 HOH HOH D . 
I 3 HOH 12 22  376 HOH HOH D . 
I 3 HOH 13 23  377 HOH HOH D . 
I 3 HOH 14 24  383 HOH HOH D . 
I 3 HOH 15 25  391 HOH HOH D . 
I 3 HOH 16 26  394 HOH HOH D . 
I 3 HOH 17 27  398 HOH HOH D . 
I 3 HOH 18 28  401 HOH HOH D . 
I 3 HOH 19 29  402 HOH HOH D . 
I 3 HOH 20 30  403 HOH HOH D . 
I 3 HOH 21 31  406 HOH HOH D . 
I 3 HOH 22 32  407 HOH HOH D . 
I 3 HOH 23 33  408 HOH HOH D . 
I 3 HOH 24 34  414 HOH HOH D . 
I 3 HOH 25 35  415 HOH HOH D . 
I 3 HOH 26 36  416 HOH HOH D . 
I 3 HOH 27 37  423 HOH HOH D . 
I 3 HOH 28 38  435 HOH HOH D . 
I 3 HOH 29 39  437 HOH HOH D . 
I 3 HOH 30 40  441 HOH HOH D . 
I 3 HOH 31 41  443 HOH HOH D . 
I 3 HOH 32 42  444 HOH HOH D . 
I 3 HOH 33 43  448 HOH HOH D . 
I 3 HOH 34 44  451 HOH HOH D . 
I 3 HOH 35 45  462 HOH HOH D . 
I 3 HOH 36 46  469 HOH HOH D . 
I 3 HOH 37 47  477 HOH HOH D . 
I 3 HOH 38 48  478 HOH HOH D . 
I 3 HOH 39 49  479 HOH HOH D . 
I 3 HOH 40 50  487 HOH HOH D . 
I 3 HOH 41 51  504 HOH HOH D . 
I 3 HOH 42 52  508 HOH HOH D . 
I 3 HOH 43 53  520 HOH HOH D . 
I 3 HOH 44 54  525 HOH HOH D . 
I 3 HOH 45 55  531 HOH HOH D . 
I 3 HOH 46 56  535 HOH HOH D . 
I 3 HOH 47 57  547 HOH HOH D . 
I 3 HOH 48 58  553 HOH HOH D . 
I 3 HOH 49 59  555 HOH HOH D . 
I 3 HOH 50 60  565 HOH HOH D . 
I 3 HOH 51 61  571 HOH HOH D . 
I 3 HOH 52 62  576 HOH HOH D . 
I 3 HOH 53 63  585 HOH HOH D . 
I 3 HOH 54 64  597 HOH HOH D . 
I 3 HOH 55 65  602 HOH HOH D . 
I 3 HOH 56 66  604 HOH HOH D . 
I 3 HOH 57 67  619 HOH HOH D . 
I 3 HOH 58 68  630 HOH HOH D . 
I 3 HOH 59 69  643 HOH HOH D . 
I 3 HOH 60 70  652 HOH HOH D . 
I 3 HOH 61 71  661 HOH HOH D . 
I 3 HOH 62 72  667 HOH HOH D . 
I 3 HOH 63 73  668 HOH HOH D . 
I 3 HOH 64 74  678 HOH HOH D . 
I 3 HOH 65 75  685 HOH HOH D . 
# 
loop_
_software.name 
_software.classification 
_software.version 
_software.citation_id 
_software.pdbx_ordinal 
AMoRE     phasing           . ? 1 
CNS       refinement        . ? 2 
MAR345    'data collection' . ? 3 
SCALEPACK 'data scaling'    . ? 4 
# 
_cell.entry_id           1CW9 
_cell.length_a           34.435 
_cell.length_b           43.180 
_cell.length_c           72.412 
_cell.angle_alpha        90.00 
_cell.angle_beta         90.00 
_cell.angle_gamma        90.00 
_cell.Z_PDB              16 
_cell.pdbx_unique_axis   ? 
_cell.length_a_esd       ? 
_cell.length_b_esd       ? 
_cell.length_c_esd       ? 
_cell.angle_alpha_esd    ? 
_cell.angle_beta_esd     ? 
_cell.angle_gamma_esd    ? 
# 
_symmetry.entry_id                         1CW9 
_symmetry.space_group_name_H-M             'P 21 21 21' 
_symmetry.pdbx_full_space_group_name_H-M   ? 
_symmetry.cell_setting                     orthorhombic 
_symmetry.Int_Tables_number                19 
_symmetry.space_group_name_Hall            ? 
# 
_exptl.entry_id          1CW9 
_exptl.method            'X-RAY DIFFRACTION' 
_exptl.crystals_number   1 
# 
_exptl_crystal.id                    1 
_exptl_crystal.density_meas          ? 
_exptl_crystal.density_Matthews      2.13 
_exptl_crystal.density_percent_sol   45. 
_exptl_crystal.description           ? 
_exptl_crystal.F_000                 ? 
_exptl_crystal.preparation           ? 
# 
_exptl_crystal_grow.crystal_id      1 
_exptl_crystal_grow.method          'VAPOR DIFFUSION, HANGING DROP' 
_exptl_crystal_grow.temp            277 
_exptl_crystal_grow.temp_details    ? 
_exptl_crystal_grow.pH              7.0 
_exptl_crystal_grow.pdbx_details    
;MPD, CALCIUM CHLORIDE, SODIUM CHLORIDE, SPERMINE TETRACHLORIDE, SODIUM CACODYLATE, pH 7.0, VAPOR DIFFUSION, HANGING DROP, temperature 277K
;
_exptl_crystal_grow.pdbx_pH_range   . 
# 
loop_
_exptl_crystal_grow_comp.crystal_id 
_exptl_crystal_grow_comp.id 
_exptl_crystal_grow_comp.sol_id 
_exptl_crystal_grow_comp.name 
_exptl_crystal_grow_comp.volume 
_exptl_crystal_grow_comp.conc 
_exptl_crystal_grow_comp.details 
1 1 1 CACL2               ? ? ? 
1 2 1 NACL                ? ? ? 
1 3 1 SPERMINE            ? ? ? 
1 4 1 'SODIUM CACODYLATE' ? ? ? 
1 5 1 MPD                 ? ? ? 
1 6 2 MPD                 ? ? ? 
# 
_diffrn.id                     1 
_diffrn.ambient_temp           100 
_diffrn.ambient_temp_details   ? 
_diffrn.crystal_id             1 
# 
_diffrn_detector.diffrn_id              1 
_diffrn_detector.detector               'IMAGE PLATE' 
_diffrn_detector.type                   MARRESEARCH 
_diffrn_detector.pdbx_collection_date   1998-03-02 
_diffrn_detector.details                ? 
# 
_diffrn_radiation.diffrn_id                        1 
_diffrn_radiation.wavelength_id                    1 
_diffrn_radiation.pdbx_monochromatic_or_laue_m_l   M 
_diffrn_radiation.monochromator                    ? 
_diffrn_radiation.pdbx_diffrn_protocol             'SINGLE WAVELENGTH' 
_diffrn_radiation.pdbx_scattering_type             x-ray 
# 
_diffrn_radiation_wavelength.id           1 
_diffrn_radiation_wavelength.wavelength   1.0800 
_diffrn_radiation_wavelength.wt           1.0 
# 
_diffrn_source.diffrn_id                   1 
_diffrn_source.source                      SYNCHROTRON 
_diffrn_source.type                        'NSLS BEAMLINE X26C' 
_diffrn_source.pdbx_synchrotron_site       NSLS 
_diffrn_source.pdbx_synchrotron_beamline   X26C 
_diffrn_source.pdbx_wavelength             1.0800 
_diffrn_source.pdbx_wavelength_list        ? 
# 
_reflns.entry_id                     1CW9 
_reflns.observed_criterion_sigma_I   0.0 
_reflns.observed_criterion_sigma_F   0.0 
_reflns.d_resolution_low             13.0 
_reflns.d_resolution_high            1.55 
_reflns.number_obs                   62990 
_reflns.number_all                   62990 
_reflns.percent_possible_obs         95.5 
_reflns.pdbx_Rmerge_I_obs            0.078 
_reflns.pdbx_Rsym_value              ? 
_reflns.pdbx_netI_over_sigmaI        9.0 
_reflns.B_iso_Wilson_estimate        14.7 
_reflns.pdbx_redundancy              4.0 
_reflns.R_free_details               ? 
_reflns.pdbx_chi_squared             ? 
_reflns.pdbx_scaling_rejects         ? 
_reflns.pdbx_ordinal                 1 
_reflns.pdbx_diffrn_id               1 
# 
_reflns_shell.d_res_high             1.55 
_reflns_shell.d_res_low              1.61 
_reflns_shell.percent_possible_all   98.0 
_reflns_shell.Rmerge_I_obs           0.32 
_reflns_shell.pdbx_Rsym_value        ? 
_reflns_shell.meanI_over_sigI_obs    3.0 
_reflns_shell.pdbx_redundancy        4.0 
_reflns_shell.percent_possible_obs   ? 
_reflns_shell.number_unique_all      ? 
_reflns_shell.number_measured_all    ? 
_reflns_shell.number_measured_obs    ? 
_reflns_shell.number_unique_obs      ? 
_reflns_shell.pdbx_chi_squared       ? 
_reflns_shell.pdbx_ordinal           1 
_reflns_shell.pdbx_diffrn_id         1 
# 
_refine.entry_id                                 1CW9 
_refine.ls_number_reflns_obs                     15525 
_refine.ls_number_reflns_all                     15525 
_refine.pdbx_ls_sigma_I                          0.0 
_refine.pdbx_ls_sigma_F                          0.0 
_refine.pdbx_data_cutoff_high_absF               ? 
_refine.pdbx_data_cutoff_low_absF                ? 
_refine.pdbx_data_cutoff_high_rms_absF           ? 
_refine.ls_d_res_low                             13.0 
_refine.ls_d_res_high                            1.55 
_refine.ls_percent_reflns_obs                    95.7 
_refine.ls_R_factor_obs                          0.2031 
_refine.ls_R_factor_all                          0.2031 
_refine.ls_R_factor_R_work                       0.203 
_refine.ls_R_factor_R_free                       0.232 
_refine.ls_R_factor_R_free_error                 ? 
_refine.ls_R_factor_R_free_error_details         ? 
_refine.ls_percent_reflns_R_free                 5 
_refine.ls_number_reflns_R_free                  782 
_refine.ls_number_parameters                     ? 
_refine.ls_number_restraints                     ? 
_refine.occupancy_min                            ? 
_refine.occupancy_max                            ? 
_refine.B_iso_mean                               18.3 
_refine.aniso_B[1][1]                            3.895 
_refine.aniso_B[2][2]                            -2.358 
_refine.aniso_B[3][3]                            -1.537 
_refine.aniso_B[1][2]                            0.000 
_refine.aniso_B[1][3]                            0.000 
_refine.aniso_B[2][3]                            0.000 
_refine.solvent_model_details                    'FLAT - CNS CALCULATED MASK' 
_refine.solvent_model_param_ksol                 ? 
_refine.solvent_model_param_bsol                 ? 
_refine.pdbx_ls_cross_valid_method               THROUGHOUT 
_refine.details                                  'MAXIMUM LIKELIHOOD.' 
_refine.pdbx_starting_model                      BDJ017 
_refine.pdbx_method_to_determine_struct          'MOLECULAR REPLACEMENT' 
_refine.pdbx_isotropic_thermal_model             'RESTRAINED CNS' 
_refine.pdbx_stereochemistry_target_values       
'CNS NUCLEIC ACID PARAMETERS USING SOFT VAN DER WAALS PARAMETERS (PARKINSON ET AL., ACTA D, 52, 57-64 (1996)).' 
_refine.pdbx_stereochem_target_val_spec_case     ? 
_refine.pdbx_R_Free_selection_details            RANDOM 
_refine.pdbx_overall_ESU_R                       ? 
_refine.pdbx_overall_ESU_R_Free                  ? 
_refine.overall_SU_ML                            ? 
_refine.overall_SU_B                             ? 
_refine.ls_redundancy_reflns_obs                 ? 
_refine.correlation_coeff_Fo_to_Fc               ? 
_refine.correlation_coeff_Fo_to_Fc_free          ? 
_refine.pdbx_solvent_vdw_probe_radii             ? 
_refine.pdbx_solvent_ion_probe_radii             ? 
_refine.pdbx_solvent_shrinkage_radii             ? 
_refine.overall_SU_R_Cruickshank_DPI             ? 
_refine.overall_SU_R_free                        ? 
_refine.pdbx_refine_id                           'X-RAY DIFFRACTION' 
_refine.pdbx_overall_phase_error                 ? 
_refine.ls_wR_factor_R_free                      ? 
_refine.ls_wR_factor_R_work                      ? 
_refine.overall_FOM_free_R_set                   ? 
_refine.overall_FOM_work_R_set                   ? 
_refine.pdbx_diffrn_id                           1 
_refine.pdbx_TLS_residual_ADP_flag               ? 
_refine.pdbx_overall_SU_R_free_Cruickshank_DPI   ? 
_refine.pdbx_overall_SU_R_Blow_DPI               ? 
_refine.pdbx_overall_SU_R_free_Blow_DPI          ? 
# 
_refine_hist.pdbx_refine_id                   'X-RAY DIFFRACTION' 
_refine_hist.cycle_id                         LAST 
_refine_hist.pdbx_number_atoms_protein        0 
_refine_hist.pdbx_number_atoms_nucleic_acid   820 
_refine_hist.pdbx_number_atoms_ligand         1 
_refine_hist.number_atoms_solvent             271 
_refine_hist.number_atoms_total               1092 
_refine_hist.d_res_high                       1.55 
_refine_hist.d_res_low                        13.0 
# 
loop_
_refine_ls_restr.type 
_refine_ls_restr.dev_ideal 
_refine_ls_restr.dev_ideal_target 
_refine_ls_restr.weight 
_refine_ls_restr.number 
_refine_ls_restr.pdbx_refine_id 
_refine_ls_restr.pdbx_restraint_function 
c_bond_d                0.009 ? ? ? 'X-RAY DIFFRACTION' ? 
c_bond_d_na             ?     ? ? ? 'X-RAY DIFFRACTION' ? 
c_bond_d_prot           ?     ? ? ? 'X-RAY DIFFRACTION' ? 
c_angle_d               ?     ? ? ? 'X-RAY DIFFRACTION' ? 
c_angle_d_na            ?     ? ? ? 'X-RAY DIFFRACTION' ? 
c_angle_d_prot          ?     ? ? ? 'X-RAY DIFFRACTION' ? 
c_angle_deg             1.53  ? ? ? 'X-RAY DIFFRACTION' ? 
c_angle_deg_na          ?     ? ? ? 'X-RAY DIFFRACTION' ? 
c_angle_deg_prot        ?     ? ? ? 'X-RAY DIFFRACTION' ? 
c_dihedral_angle_d      ?     ? ? ? 'X-RAY DIFFRACTION' ? 
c_dihedral_angle_d_na   ?     ? ? ? 'X-RAY DIFFRACTION' ? 
c_dihedral_angle_d_prot ?     ? ? ? 'X-RAY DIFFRACTION' ? 
c_improper_angle_d      ?     ? ? ? 'X-RAY DIFFRACTION' ? 
c_improper_angle_d_na   ?     ? ? ? 'X-RAY DIFFRACTION' ? 
c_improper_angle_d_prot ?     ? ? ? 'X-RAY DIFFRACTION' ? 
c_mcbond_it             3.938 ? ? ? 'X-RAY DIFFRACTION' ? 
c_mcangle_it            4.824 ? ? ? 'X-RAY DIFFRACTION' ? 
c_scbond_it             2.875 ? ? ? 'X-RAY DIFFRACTION' ? 
c_scangle_it            3.828 ? ? ? 'X-RAY DIFFRACTION' ? 
# 
_refine_ls_shell.pdbx_total_number_of_bins_used   ? 
_refine_ls_shell.d_res_high                       1.55 
_refine_ls_shell.d_res_low                        1.61 
_refine_ls_shell.number_reflns_R_work             ? 
_refine_ls_shell.R_factor_R_work                  ? 
_refine_ls_shell.percent_reflns_obs               98.0 
_refine_ls_shell.R_factor_R_free                  ? 
_refine_ls_shell.R_factor_R_free_error            ? 
_refine_ls_shell.percent_reflns_R_free            5 
_refine_ls_shell.number_reflns_R_free             ? 
_refine_ls_shell.redundancy_reflns_obs            ? 
_refine_ls_shell.pdbx_refine_id                   'X-RAY DIFFRACTION' 
_refine_ls_shell.number_reflns_all                ? 
_refine_ls_shell.number_reflns_obs                ? 
_refine_ls_shell.R_factor_all                     ? 
# 
_pdbx_xplor_file.serial_no        1 
_pdbx_xplor_file.param_file       DNA-RNA_REP.PARAM 
_pdbx_xplor_file.topol_file       DNA-RNA.TOP 
_pdbx_xplor_file.pdbx_refine_id   'X-RAY DIFFRACTION' 
# 
_struct.entry_id                  1CW9 
_struct.title                     'DNA DECAMER WITH AN ENGINEERED CROSSLINK IN THE MINOR GROOVE' 
_struct.pdbx_model_details        ? 
_struct.pdbx_CASP_flag            ? 
_struct.pdbx_model_type_details   ? 
# 
_struct_keywords.entry_id        1CW9 
_struct_keywords.pdbx_keywords   DNA 
_struct_keywords.text            'CROSSLINKED DOUBLE-HELICAL DNA, BASE-PAIR OPENING, PARTIAL BASE FLIPPING., DNA' 
# 
loop_
_struct_asym.id 
_struct_asym.pdbx_blank_PDB_chainid_flag 
_struct_asym.pdbx_modified 
_struct_asym.entity_id 
_struct_asym.details 
A N N 1 ? 
B N N 1 ? 
C N N 1 ? 
D N N 1 ? 
E N N 2 ? 
F N N 3 ? 
G N N 3 ? 
H N N 3 ? 
I N N 3 ? 
# 
_struct_ref.id                         1 
_struct_ref.entity_id                  1 
_struct_ref.db_name                    PDB 
_struct_ref.db_code                    1CW9 
_struct_ref.pdbx_db_accession          1CW9 
_struct_ref.pdbx_align_begin           ? 
_struct_ref.pdbx_seq_one_letter_code   ? 
_struct_ref.pdbx_db_isoform            ? 
# 
loop_
_struct_ref_seq.align_id 
_struct_ref_seq.ref_id 
_struct_ref_seq.pdbx_PDB_id_code 
_struct_ref_seq.pdbx_strand_id 
_struct_ref_seq.seq_align_beg 
_struct_ref_seq.pdbx_seq_align_beg_ins_code 
_struct_ref_seq.seq_align_end 
_struct_ref_seq.pdbx_seq_align_end_ins_code 
_struct_ref_seq.pdbx_db_accession 
_struct_ref_seq.db_align_beg 
_struct_ref_seq.pdbx_db_align_beg_ins_code 
_struct_ref_seq.db_align_end 
_struct_ref_seq.pdbx_db_align_end_ins_code 
_struct_ref_seq.pdbx_auth_seq_align_beg 
_struct_ref_seq.pdbx_auth_seq_align_end 
1 1 1CW9 A 1 ? 10 ? 1CW9 1 ? 10 ? 1 10 
2 1 1CW9 B 1 ? 10 ? 1CW9 1 ? 10 ? 1 10 
3 1 1CW9 C 1 ? 10 ? 1CW9 1 ? 10 ? 1 10 
4 1 1CW9 D 1 ? 10 ? 1CW9 1 ? 10 ? 1 10 
# 
loop_
_pdbx_struct_assembly.id 
_pdbx_struct_assembly.details 
_pdbx_struct_assembly.method_details 
_pdbx_struct_assembly.oligomeric_details 
_pdbx_struct_assembly.oligomeric_count 
1 author_defined_assembly ? dimeric 2 
2 author_defined_assembly ? dimeric 2 
# 
loop_
_pdbx_struct_assembly_gen.assembly_id 
_pdbx_struct_assembly_gen.oper_expression 
_pdbx_struct_assembly_gen.asym_id_list 
1 1 A,B,E,F,G 
2 1 C,D,H,I   
# 
_pdbx_struct_oper_list.id                   1 
_pdbx_struct_oper_list.type                 'identity operation' 
_pdbx_struct_oper_list.name                 1_555 
_pdbx_struct_oper_list.symmetry_operation   x,y,z 
_pdbx_struct_oper_list.matrix[1][1]         1.0000000000 
_pdbx_struct_oper_list.matrix[1][2]         0.0000000000 
_pdbx_struct_oper_list.matrix[1][3]         0.0000000000 
_pdbx_struct_oper_list.vector[1]            0.0000000000 
_pdbx_struct_oper_list.matrix[2][1]         0.0000000000 
_pdbx_struct_oper_list.matrix[2][2]         1.0000000000 
_pdbx_struct_oper_list.matrix[2][3]         0.0000000000 
_pdbx_struct_oper_list.vector[2]            0.0000000000 
_pdbx_struct_oper_list.matrix[3][1]         0.0000000000 
_pdbx_struct_oper_list.matrix[3][2]         0.0000000000 
_pdbx_struct_oper_list.matrix[3][3]         1.0000000000 
_pdbx_struct_oper_list.vector[3]            0.0000000000 
# 
loop_
_struct_biol.id 
_struct_biol.pdbx_parent_biol_id 
_struct_biol.details 
1 ? ? 
2 ? ? 
# 
loop_
_struct_conn.id 
_struct_conn.conn_type_id 
_struct_conn.pdbx_leaving_atom_flag 
_struct_conn.pdbx_PDB_id 
_struct_conn.ptnr1_label_asym_id 
_struct_conn.ptnr1_label_comp_id 
_struct_conn.ptnr1_label_seq_id 
_struct_conn.ptnr1_label_atom_id 
_struct_conn.pdbx_ptnr1_label_alt_id 
_struct_conn.pdbx_ptnr1_PDB_ins_code 
_struct_conn.pdbx_ptnr1_standard_comp_id 
_struct_conn.ptnr1_symmetry 
_struct_conn.ptnr2_label_asym_id 
_struct_conn.ptnr2_label_comp_id 
_struct_conn.ptnr2_label_seq_id 
_struct_conn.ptnr2_label_atom_id 
_struct_conn.pdbx_ptnr2_label_alt_id 
_struct_conn.pdbx_ptnr2_PDB_ins_code 
_struct_conn.ptnr1_auth_asym_id 
_struct_conn.ptnr1_auth_comp_id 
_struct_conn.ptnr1_auth_seq_id 
_struct_conn.ptnr2_auth_asym_id 
_struct_conn.ptnr2_auth_comp_id 
_struct_conn.ptnr2_auth_seq_id 
_struct_conn.ptnr2_symmetry 
_struct_conn.pdbx_ptnr3_label_atom_id 
_struct_conn.pdbx_ptnr3_label_seq_id 
_struct_conn.pdbx_ptnr3_label_comp_id 
_struct_conn.pdbx_ptnr3_label_asym_id 
_struct_conn.pdbx_ptnr3_label_alt_id 
_struct_conn.pdbx_ptnr3_PDB_ins_code 
_struct_conn.details 
_struct_conn.pdbx_dist_value 
_struct_conn.pdbx_value_order 
_struct_conn.pdbx_role 
covale1  covale both ? A DG  4  "O3'" ? ? ? 1_555 A G47 5  P  ? ? A DG  4  A G47 5   1_555 ? ? ? ? ? ? ?             1.598 ? ? 
covale2  covale one  ? A G47 5  "O3'" ? ? ? 1_555 A DC  6  P  ? ? A G47 5  A DC  6   1_555 ? ? ? ? ? ? ?             1.600 ? ? 
covale3  covale none ? A G47 5  SG    ? ? ? 1_555 B G47 5  SG ? ? A G47 5  B G47 5   1_555 ? ? ? ? ? ? ?             2.091 ? ? 
covale4  covale both ? B DG  4  "O3'" ? ? ? 1_555 B G47 5  P  ? ? B DG  4  B G47 5   1_555 ? ? ? ? ? ? ?             1.608 ? ? 
covale5  covale one  ? B G47 5  "O3'" ? ? ? 1_555 B DC  6  P  ? ? B G47 5  B DC  6   1_555 ? ? ? ? ? ? ?             1.605 ? ? 
covale6  covale both ? C DG  4  "O3'" ? ? ? 1_555 C G47 5  P  ? ? C DG  4  C G47 5   1_555 ? ? ? ? ? ? ?             1.601 ? ? 
covale7  covale one  ? C G47 5  "O3'" ? ? ? 1_555 C DC  6  P  ? ? C G47 5  C DC  6   1_555 ? ? ? ? ? ? ?             1.600 ? ? 
covale8  covale none ? C G47 5  SG    ? ? ? 1_555 D G47 5  SG ? ? C G47 5  D G47 5   1_555 ? ? ? ? ? ? ?             2.145 ? ? 
covale9  covale both ? D DG  4  "O3'" ? ? ? 1_555 D G47 5  P  ? ? D DG  4  D G47 5   1_555 ? ? ? ? ? ? ?             1.610 ? ? 
covale10 covale one  ? D G47 5  "O3'" ? ? ? 1_555 D DC  6  P  ? ? D G47 5  D DC  6   1_555 ? ? ? ? ? ? ?             1.592 ? ? 
metalc1  metalc ?    ? A G47 5  O6    ? ? ? 1_555 E CA  .  CA ? ? A G47 5  A CA  11  1_555 ? ? ? ? ? ? ?             2.513 ? ? 
metalc2  metalc ?    ? E CA  .  CA    ? ? ? 1_555 F HOH .  O  ? ? A CA  11 A HOH 16  1_555 ? ? ? ? ? ? ?             2.442 ? ? 
metalc3  metalc ?    ? E CA  .  CA    ? ? ? 1_555 F HOH .  O  ? ? A CA  11 A HOH 21  1_555 ? ? ? ? ? ? ?             2.319 ? ? 
metalc4  metalc ?    ? E CA  .  CA    ? ? ? 1_555 F HOH .  O  ? ? A CA  11 A HOH 26  1_555 ? ? ? ? ? ? ?             2.365 ? ? 
metalc5  metalc ?    ? E CA  .  CA    ? ? ? 1_555 F HOH .  O  ? ? A CA  11 A HOH 30  1_555 ? ? ? ? ? ? ?             2.492 ? ? 
metalc6  metalc ?    ? E CA  .  CA    ? ? ? 1_555 B G47 5  O6 ? ? A CA  11 B G47 5   1_555 ? ? ? ? ? ? ?             2.542 ? ? 
metalc7  metalc ?    ? E CA  .  CA    ? ? ? 1_555 G HOH .  O  ? ? A CA  11 B HOH 359 1_555 ? ? ? ? ? ? ?             2.413 ? ? 
hydrog1  hydrog ?    ? A DC  1  N3    ? ? ? 1_555 B DG  10 N1 ? ? A DC  1  B DG  10  1_555 ? ? ? ? ? ? WATSON-CRICK  ?     ? ? 
hydrog2  hydrog ?    ? A DC  1  N4    ? ? ? 1_555 B DG  10 O6 ? ? A DC  1  B DG  10  1_555 ? ? ? ? ? ? WATSON-CRICK  ?     ? ? 
hydrog3  hydrog ?    ? A DC  1  O2    ? ? ? 1_555 B DG  10 N2 ? ? A DC  1  B DG  10  1_555 ? ? ? ? ? ? WATSON-CRICK  ?     ? ? 
hydrog4  hydrog ?    ? A DC  2  N3    ? ? ? 1_555 B DG  9  N1 ? ? A DC  2  B DG  9   1_555 ? ? ? ? ? ? WATSON-CRICK  ?     ? ? 
hydrog5  hydrog ?    ? A DC  2  N4    ? ? ? 1_555 B DG  9  O6 ? ? A DC  2  B DG  9   1_555 ? ? ? ? ? ? WATSON-CRICK  ?     ? ? 
hydrog6  hydrog ?    ? A DC  2  O2    ? ? ? 1_555 B DG  9  N2 ? ? A DC  2  B DG  9   1_555 ? ? ? ? ? ? WATSON-CRICK  ?     ? ? 
hydrog7  hydrog ?    ? A DA  3  N1    ? ? ? 1_555 B DT  8  N3 ? ? A DA  3  B DT  8   1_555 ? ? ? ? ? ? WATSON-CRICK  ?     ? ? 
hydrog8  hydrog ?    ? A DA  3  N6    ? ? ? 1_555 B DT  8  O4 ? ? A DA  3  B DT  8   1_555 ? ? ? ? ? ? WATSON-CRICK  ?     ? ? 
hydrog9  hydrog ?    ? A DG  4  N1    ? ? ? 1_555 B DC  7  N3 ? ? A DG  4  B DC  7   1_555 ? ? ? ? ? ? WATSON-CRICK  ?     ? ? 
hydrog10 hydrog ?    ? A DG  4  N2    ? ? ? 1_555 B DC  7  O2 ? ? A DG  4  B DC  7   1_555 ? ? ? ? ? ? WATSON-CRICK  ?     ? ? 
hydrog11 hydrog ?    ? A DG  4  O6    ? ? ? 1_555 B DC  7  N4 ? ? A DG  4  B DC  7   1_555 ? ? ? ? ? ? WATSON-CRICK  ?     ? ? 
hydrog12 hydrog ?    ? A G47 5  N1    ? ? ? 1_555 B DC  6  N3 ? ? A G47 5  B DC  6   1_555 ? ? ? ? ? ? WATSON-CRICK  ?     ? ? 
hydrog13 hydrog ?    ? A G47 5  N2    ? ? ? 1_555 B DC  6  O2 ? ? A G47 5  B DC  6   1_555 ? ? ? ? ? ? WATSON-CRICK  ?     ? ? 
hydrog14 hydrog ?    ? A G47 5  O6    ? ? ? 1_555 B DC  6  N4 ? ? A G47 5  B DC  6   1_555 ? ? ? ? ? ? WATSON-CRICK  ?     ? ? 
hydrog15 hydrog ?    ? A DC  6  N3    ? ? ? 1_555 B G47 5  N1 ? ? A DC  6  B G47 5   1_555 ? ? ? ? ? ? WATSON-CRICK  ?     ? ? 
hydrog16 hydrog ?    ? A DC  6  N4    ? ? ? 1_555 B G47 5  O6 ? ? A DC  6  B G47 5   1_555 ? ? ? ? ? ? WATSON-CRICK  ?     ? ? 
hydrog17 hydrog ?    ? A DC  6  O2    ? ? ? 1_555 B G47 5  N2 ? ? A DC  6  B G47 5   1_555 ? ? ? ? ? ? WATSON-CRICK  ?     ? ? 
hydrog18 hydrog ?    ? A DC  7  N3    ? ? ? 1_555 B DG  4  N1 ? ? A DC  7  B DG  4   1_555 ? ? ? ? ? ? WATSON-CRICK  ?     ? ? 
hydrog19 hydrog ?    ? A DC  7  N4    ? ? ? 1_555 B DG  4  O6 ? ? A DC  7  B DG  4   1_555 ? ? ? ? ? ? WATSON-CRICK  ?     ? ? 
hydrog20 hydrog ?    ? A DC  7  O2    ? ? ? 1_555 B DG  4  N2 ? ? A DC  7  B DG  4   1_555 ? ? ? ? ? ? WATSON-CRICK  ?     ? ? 
hydrog21 hydrog ?    ? A DT  8  N3    ? ? ? 1_555 B DA  3  N1 ? ? A DT  8  B DA  3   1_555 ? ? ? ? ? ? WATSON-CRICK  ?     ? ? 
hydrog22 hydrog ?    ? A DT  8  O4    ? ? ? 1_555 B DA  3  N6 ? ? A DT  8  B DA  3   1_555 ? ? ? ? ? ? WATSON-CRICK  ?     ? ? 
hydrog23 hydrog ?    ? A DG  9  N1    ? ? ? 1_555 B DC  2  N3 ? ? A DG  9  B DC  2   1_555 ? ? ? ? ? ? WATSON-CRICK  ?     ? ? 
hydrog24 hydrog ?    ? A DG  9  N2    ? ? ? 1_555 B DC  2  O2 ? ? A DG  9  B DC  2   1_555 ? ? ? ? ? ? WATSON-CRICK  ?     ? ? 
hydrog25 hydrog ?    ? A DG  9  O6    ? ? ? 1_555 B DC  2  N4 ? ? A DG  9  B DC  2   1_555 ? ? ? ? ? ? WATSON-CRICK  ?     ? ? 
hydrog26 hydrog ?    ? A DG  10 N1    ? ? ? 1_555 B DC  1  N3 ? ? A DG  10 B DC  1   1_555 ? ? ? ? ? ? WATSON-CRICK  ?     ? ? 
hydrog27 hydrog ?    ? A DG  10 N2    ? ? ? 1_555 B DC  1  O2 ? ? A DG  10 B DC  1   1_555 ? ? ? ? ? ? WATSON-CRICK  ?     ? ? 
hydrog28 hydrog ?    ? A DG  10 O6    ? ? ? 1_555 B DC  1  N4 ? ? A DG  10 B DC  1   1_555 ? ? ? ? ? ? WATSON-CRICK  ?     ? ? 
hydrog29 hydrog ?    ? C DC  1  N3    ? ? ? 1_555 D DG  10 N1 ? ? C DC  1  D DG  10  1_555 ? ? ? ? ? ? WATSON-CRICK  ?     ? ? 
hydrog30 hydrog ?    ? C DC  1  N4    ? ? ? 1_555 D DG  10 O6 ? ? C DC  1  D DG  10  1_555 ? ? ? ? ? ? WATSON-CRICK  ?     ? ? 
hydrog31 hydrog ?    ? C DC  1  O2    ? ? ? 1_555 D DG  10 N2 ? ? C DC  1  D DG  10  1_555 ? ? ? ? ? ? WATSON-CRICK  ?     ? ? 
hydrog32 hydrog ?    ? C DC  2  N3    ? ? ? 1_555 D DG  9  N1 ? ? C DC  2  D DG  9   1_555 ? ? ? ? ? ? WATSON-CRICK  ?     ? ? 
hydrog33 hydrog ?    ? C DC  2  N4    ? ? ? 1_555 D DG  9  O6 ? ? C DC  2  D DG  9   1_555 ? ? ? ? ? ? WATSON-CRICK  ?     ? ? 
hydrog34 hydrog ?    ? C DC  2  O2    ? ? ? 1_555 D DG  9  N2 ? ? C DC  2  D DG  9   1_555 ? ? ? ? ? ? WATSON-CRICK  ?     ? ? 
hydrog35 hydrog ?    ? C DA  3  N1    ? ? ? 1_555 D DT  8  N3 ? ? C DA  3  D DT  8   1_555 ? ? ? ? ? ? WATSON-CRICK  ?     ? ? 
hydrog36 hydrog ?    ? C DA  3  N6    ? ? ? 1_555 D DT  8  O4 ? ? C DA  3  D DT  8   1_555 ? ? ? ? ? ? WATSON-CRICK  ?     ? ? 
hydrog37 hydrog ?    ? C DG  4  N1    ? ? ? 1_555 D DC  7  N3 ? ? C DG  4  D DC  7   1_555 ? ? ? ? ? ? WATSON-CRICK  ?     ? ? 
hydrog38 hydrog ?    ? C DG  4  N2    ? ? ? 1_555 D DC  7  O2 ? ? C DG  4  D DC  7   1_555 ? ? ? ? ? ? WATSON-CRICK  ?     ? ? 
hydrog39 hydrog ?    ? C DG  4  O6    ? ? ? 1_555 D DC  7  N4 ? ? C DG  4  D DC  7   1_555 ? ? ? ? ? ? WATSON-CRICK  ?     ? ? 
hydrog40 hydrog ?    ? C G47 5  N1    ? ? ? 1_555 D DC  6  N3 ? ? C G47 5  D DC  6   1_555 ? ? ? ? ? ? WATSON-CRICK  ?     ? ? 
hydrog41 hydrog ?    ? C G47 5  N2    ? ? ? 1_555 D DC  6  O2 ? ? C G47 5  D DC  6   1_555 ? ? ? ? ? ? WATSON-CRICK  ?     ? ? 
hydrog42 hydrog ?    ? C G47 5  O6    ? ? ? 1_555 D DC  6  N4 ? ? C G47 5  D DC  6   1_555 ? ? ? ? ? ? WATSON-CRICK  ?     ? ? 
hydrog43 hydrog ?    ? C DC  6  O2    ? ? ? 1_555 D G47 5  N2 ? ? C DC  6  D G47 5   1_555 ? ? ? ? ? ? 'DC-G47 PAIR' ?     ? ? 
hydrog44 hydrog ?    ? C DC  7  N3    ? ? ? 1_555 D DG  4  N1 ? ? C DC  7  D DG  4   1_555 ? ? ? ? ? ? WATSON-CRICK  ?     ? ? 
hydrog45 hydrog ?    ? C DC  7  N4    ? ? ? 1_555 D DG  4  O6 ? ? C DC  7  D DG  4   1_555 ? ? ? ? ? ? WATSON-CRICK  ?     ? ? 
hydrog46 hydrog ?    ? C DC  7  O2    ? ? ? 1_555 D DG  4  N2 ? ? C DC  7  D DG  4   1_555 ? ? ? ? ? ? WATSON-CRICK  ?     ? ? 
hydrog47 hydrog ?    ? C DT  8  N3    ? ? ? 1_555 D DA  3  N1 ? ? C DT  8  D DA  3   1_555 ? ? ? ? ? ? WATSON-CRICK  ?     ? ? 
hydrog48 hydrog ?    ? C DT  8  O4    ? ? ? 1_555 D DA  3  N6 ? ? C DT  8  D DA  3   1_555 ? ? ? ? ? ? WATSON-CRICK  ?     ? ? 
hydrog49 hydrog ?    ? C DG  9  N1    ? ? ? 1_555 D DC  2  N3 ? ? C DG  9  D DC  2   1_555 ? ? ? ? ? ? WATSON-CRICK  ?     ? ? 
hydrog50 hydrog ?    ? C DG  9  N2    ? ? ? 1_555 D DC  2  O2 ? ? C DG  9  D DC  2   1_555 ? ? ? ? ? ? WATSON-CRICK  ?     ? ? 
hydrog51 hydrog ?    ? C DG  9  O6    ? ? ? 1_555 D DC  2  N4 ? ? C DG  9  D DC  2   1_555 ? ? ? ? ? ? WATSON-CRICK  ?     ? ? 
hydrog52 hydrog ?    ? C DG  10 N1    ? ? ? 1_555 D DC  1  N3 ? ? C DG  10 D DC  1   1_555 ? ? ? ? ? ? WATSON-CRICK  ?     ? ? 
hydrog53 hydrog ?    ? C DG  10 N2    ? ? ? 1_555 D DC  1  O2 ? ? C DG  10 D DC  1   1_555 ? ? ? ? ? ? WATSON-CRICK  ?     ? ? 
hydrog54 hydrog ?    ? C DG  10 O6    ? ? ? 1_555 D DC  1  N4 ? ? C DG  10 D DC  1   1_555 ? ? ? ? ? ? WATSON-CRICK  ?     ? ? 
# 
loop_
_struct_conn_type.id 
_struct_conn_type.criteria 
_struct_conn_type.reference 
covale ? ? 
metalc ? ? 
hydrog ? ? 
# 
loop_
_pdbx_struct_conn_angle.id 
_pdbx_struct_conn_angle.ptnr1_label_atom_id 
_pdbx_struct_conn_angle.ptnr1_label_alt_id 
_pdbx_struct_conn_angle.ptnr1_label_asym_id 
_pdbx_struct_conn_angle.ptnr1_label_comp_id 
_pdbx_struct_conn_angle.ptnr1_label_seq_id 
_pdbx_struct_conn_angle.ptnr1_auth_atom_id 
_pdbx_struct_conn_angle.ptnr1_auth_asym_id 
_pdbx_struct_conn_angle.ptnr1_auth_comp_id 
_pdbx_struct_conn_angle.ptnr1_auth_seq_id 
_pdbx_struct_conn_angle.ptnr1_PDB_ins_code 
_pdbx_struct_conn_angle.ptnr1_symmetry 
_pdbx_struct_conn_angle.ptnr2_label_atom_id 
_pdbx_struct_conn_angle.ptnr2_label_alt_id 
_pdbx_struct_conn_angle.ptnr2_label_asym_id 
_pdbx_struct_conn_angle.ptnr2_label_comp_id 
_pdbx_struct_conn_angle.ptnr2_label_seq_id 
_pdbx_struct_conn_angle.ptnr2_auth_atom_id 
_pdbx_struct_conn_angle.ptnr2_auth_asym_id 
_pdbx_struct_conn_angle.ptnr2_auth_comp_id 
_pdbx_struct_conn_angle.ptnr2_auth_seq_id 
_pdbx_struct_conn_angle.ptnr2_PDB_ins_code 
_pdbx_struct_conn_angle.ptnr2_symmetry 
_pdbx_struct_conn_angle.ptnr3_label_atom_id 
_pdbx_struct_conn_angle.ptnr3_label_alt_id 
_pdbx_struct_conn_angle.ptnr3_label_asym_id 
_pdbx_struct_conn_angle.ptnr3_label_comp_id 
_pdbx_struct_conn_angle.ptnr3_label_seq_id 
_pdbx_struct_conn_angle.ptnr3_auth_atom_id 
_pdbx_struct_conn_angle.ptnr3_auth_asym_id 
_pdbx_struct_conn_angle.ptnr3_auth_comp_id 
_pdbx_struct_conn_angle.ptnr3_auth_seq_id 
_pdbx_struct_conn_angle.ptnr3_PDB_ins_code 
_pdbx_struct_conn_angle.ptnr3_symmetry 
_pdbx_struct_conn_angle.value 
_pdbx_struct_conn_angle.value_esd 
1  O6 ? A G47 5 ? A G47 5  ? 1_555 CA ? E CA . ? A CA 11 ? 1_555 O  ? F HOH . ? A HOH 16  ? 1_555 78.1  ? 
2  O6 ? A G47 5 ? A G47 5  ? 1_555 CA ? E CA . ? A CA 11 ? 1_555 O  ? F HOH . ? A HOH 21  ? 1_555 122.2 ? 
3  O  ? F HOH . ? A HOH 16 ? 1_555 CA ? E CA . ? A CA 11 ? 1_555 O  ? F HOH . ? A HOH 21  ? 1_555 80.8  ? 
4  O6 ? A G47 5 ? A G47 5  ? 1_555 CA ? E CA . ? A CA 11 ? 1_555 O  ? F HOH . ? A HOH 26  ? 1_555 73.4  ? 
5  O  ? F HOH . ? A HOH 16 ? 1_555 CA ? E CA . ? A CA 11 ? 1_555 O  ? F HOH . ? A HOH 26  ? 1_555 95.0  ? 
6  O  ? F HOH . ? A HOH 21 ? 1_555 CA ? E CA . ? A CA 11 ? 1_555 O  ? F HOH . ? A HOH 26  ? 1_555 161.9 ? 
7  O6 ? A G47 5 ? A G47 5  ? 1_555 CA ? E CA . ? A CA 11 ? 1_555 O  ? F HOH . ? A HOH 30  ? 1_555 142.8 ? 
8  O  ? F HOH . ? A HOH 16 ? 1_555 CA ? E CA . ? A CA 11 ? 1_555 O  ? F HOH . ? A HOH 30  ? 1_555 78.3  ? 
9  O  ? F HOH . ? A HOH 21 ? 1_555 CA ? E CA . ? A CA 11 ? 1_555 O  ? F HOH . ? A HOH 30  ? 1_555 81.3  ? 
10 O  ? F HOH . ? A HOH 26 ? 1_555 CA ? E CA . ? A CA 11 ? 1_555 O  ? F HOH . ? A HOH 30  ? 1_555 80.6  ? 
11 O6 ? A G47 5 ? A G47 5  ? 1_555 CA ? E CA . ? A CA 11 ? 1_555 O6 ? B G47 5 ? B G47 5   ? 1_555 72.1  ? 
12 O  ? F HOH . ? A HOH 16 ? 1_555 CA ? E CA . ? A CA 11 ? 1_555 O6 ? B G47 5 ? B G47 5   ? 1_555 123.2 ? 
13 O  ? F HOH . ? A HOH 21 ? 1_555 CA ? E CA . ? A CA 11 ? 1_555 O6 ? B G47 5 ? B G47 5   ? 1_555 76.3  ? 
14 O  ? F HOH . ? A HOH 26 ? 1_555 CA ? E CA . ? A CA 11 ? 1_555 O6 ? B G47 5 ? B G47 5   ? 1_555 119.9 ? 
15 O  ? F HOH . ? A HOH 30 ? 1_555 CA ? E CA . ? A CA 11 ? 1_555 O6 ? B G47 5 ? B G47 5   ? 1_555 145.0 ? 
16 O6 ? A G47 5 ? A G47 5  ? 1_555 CA ? E CA . ? A CA 11 ? 1_555 O  ? G HOH . ? B HOH 359 ? 1_555 119.2 ? 
17 O  ? F HOH . ? A HOH 16 ? 1_555 CA ? E CA . ? A CA 11 ? 1_555 O  ? G HOH . ? B HOH 359 ? 1_555 157.1 ? 
18 O  ? F HOH . ? A HOH 21 ? 1_555 CA ? E CA . ? A CA 11 ? 1_555 O  ? G HOH . ? B HOH 359 ? 1_555 99.7  ? 
19 O  ? F HOH . ? A HOH 26 ? 1_555 CA ? E CA . ? A CA 11 ? 1_555 O  ? G HOH . ? B HOH 359 ? 1_555 77.5  ? 
20 O  ? F HOH . ? A HOH 30 ? 1_555 CA ? E CA . ? A CA 11 ? 1_555 O  ? G HOH . ? B HOH 359 ? 1_555 79.2  ? 
21 O6 ? B G47 5 ? B G47 5  ? 1_555 CA ? E CA . ? A CA 11 ? 1_555 O  ? G HOH . ? B HOH 359 ? 1_555 78.5  ? 
# 
_struct_site.id                   AC1 
_struct_site.pdbx_evidence_code   Software 
_struct_site.pdbx_auth_asym_id    A 
_struct_site.pdbx_auth_comp_id    CA 
_struct_site.pdbx_auth_seq_id     11 
_struct_site.pdbx_auth_ins_code   ? 
_struct_site.pdbx_num_residues    7 
_struct_site.details              'BINDING SITE FOR RESIDUE CA A 11' 
# 
loop_
_struct_site_gen.id 
_struct_site_gen.site_id 
_struct_site_gen.pdbx_num_res 
_struct_site_gen.label_comp_id 
_struct_site_gen.label_asym_id 
_struct_site_gen.label_seq_id 
_struct_site_gen.pdbx_auth_ins_code 
_struct_site_gen.auth_comp_id 
_struct_site_gen.auth_asym_id 
_struct_site_gen.auth_seq_id 
_struct_site_gen.label_atom_id 
_struct_site_gen.label_alt_id 
_struct_site_gen.symmetry 
_struct_site_gen.details 
1 AC1 7 G47 A 5 ? G47 A 5   . ? 1_555 ? 
2 AC1 7 HOH F . ? HOH A 16  . ? 1_555 ? 
3 AC1 7 HOH F . ? HOH A 21  . ? 1_555 ? 
4 AC1 7 HOH F . ? HOH A 26  . ? 1_555 ? 
5 AC1 7 HOH F . ? HOH A 30  . ? 1_555 ? 
6 AC1 7 G47 B 5 ? G47 B 5   . ? 1_555 ? 
7 AC1 7 HOH G . ? HOH B 359 . ? 1_555 ? 
# 
_pdbx_validate_symm_contact.id                1 
_pdbx_validate_symm_contact.PDB_model_num     1 
_pdbx_validate_symm_contact.auth_atom_id_1    "O5'" 
_pdbx_validate_symm_contact.auth_asym_id_1    A 
_pdbx_validate_symm_contact.auth_comp_id_1    DC 
_pdbx_validate_symm_contact.auth_seq_id_1     1 
_pdbx_validate_symm_contact.PDB_ins_code_1    ? 
_pdbx_validate_symm_contact.label_alt_id_1    ? 
_pdbx_validate_symm_contact.site_symmetry_1   1_555 
_pdbx_validate_symm_contact.auth_atom_id_2    OP1 
_pdbx_validate_symm_contact.auth_asym_id_2    B 
_pdbx_validate_symm_contact.auth_comp_id_2    DC 
_pdbx_validate_symm_contact.auth_seq_id_2     6 
_pdbx_validate_symm_contact.PDB_ins_code_2    ? 
_pdbx_validate_symm_contact.label_alt_id_2    ? 
_pdbx_validate_symm_contact.site_symmetry_2   4_456 
_pdbx_validate_symm_contact.dist              2.18 
# 
loop_
_pdbx_validate_planes.id 
_pdbx_validate_planes.PDB_model_num 
_pdbx_validate_planes.auth_comp_id 
_pdbx_validate_planes.auth_asym_id 
_pdbx_validate_planes.auth_seq_id 
_pdbx_validate_planes.PDB_ins_code 
_pdbx_validate_planes.label_alt_id 
_pdbx_validate_planes.rmsd 
_pdbx_validate_planes.type 
1  1 DC A 2 ? ? 0.068 'SIDE CHAIN' 
2  1 DA A 3 ? ? 0.056 'SIDE CHAIN' 
3  1 DC A 7 ? ? 0.073 'SIDE CHAIN' 
4  1 DG A 9 ? ? 0.095 'SIDE CHAIN' 
5  1 DA B 3 ? ? 0.052 'SIDE CHAIN' 
6  1 DC B 6 ? ? 0.059 'SIDE CHAIN' 
7  1 DC B 7 ? ? 0.088 'SIDE CHAIN' 
8  1 DA C 3 ? ? 0.069 'SIDE CHAIN' 
9  1 DC C 7 ? ? 0.101 'SIDE CHAIN' 
10 1 DG C 9 ? ? 0.062 'SIDE CHAIN' 
# 
loop_
_pdbx_struct_mod_residue.id 
_pdbx_struct_mod_residue.label_asym_id 
_pdbx_struct_mod_residue.label_comp_id 
_pdbx_struct_mod_residue.label_seq_id 
_pdbx_struct_mod_residue.auth_asym_id 
_pdbx_struct_mod_residue.auth_comp_id 
_pdbx_struct_mod_residue.auth_seq_id 
_pdbx_struct_mod_residue.PDB_ins_code 
_pdbx_struct_mod_residue.parent_comp_id 
_pdbx_struct_mod_residue.details 
1 A G47 5 A G47 5 ? DG ? 
2 B G47 5 B G47 5 ? DG ? 
3 C G47 5 C G47 5 ? DG ? 
4 D G47 5 D G47 5 ? DG ? 
# 
loop_
_chem_comp_atom.comp_id 
_chem_comp_atom.atom_id 
_chem_comp_atom.type_symbol 
_chem_comp_atom.pdbx_aromatic_flag 
_chem_comp_atom.pdbx_stereo_config 
_chem_comp_atom.pdbx_ordinal 
CA  CA     CA N N 1   
DA  OP3    O  N N 2   
DA  P      P  N N 3   
DA  OP1    O  N N 4   
DA  OP2    O  N N 5   
DA  "O5'"  O  N N 6   
DA  "C5'"  C  N N 7   
DA  "C4'"  C  N R 8   
DA  "O4'"  O  N N 9   
DA  "C3'"  C  N S 10  
DA  "O3'"  O  N N 11  
DA  "C2'"  C  N N 12  
DA  "C1'"  C  N R 13  
DA  N9     N  Y N 14  
DA  C8     C  Y N 15  
DA  N7     N  Y N 16  
DA  C5     C  Y N 17  
DA  C6     C  Y N 18  
DA  N6     N  N N 19  
DA  N1     N  Y N 20  
DA  C2     C  Y N 21  
DA  N3     N  Y N 22  
DA  C4     C  Y N 23  
DA  HOP3   H  N N 24  
DA  HOP2   H  N N 25  
DA  "H5'"  H  N N 26  
DA  "H5''" H  N N 27  
DA  "H4'"  H  N N 28  
DA  "H3'"  H  N N 29  
DA  "HO3'" H  N N 30  
DA  "H2'"  H  N N 31  
DA  "H2''" H  N N 32  
DA  "H1'"  H  N N 33  
DA  H8     H  N N 34  
DA  H61    H  N N 35  
DA  H62    H  N N 36  
DA  H2     H  N N 37  
DC  OP3    O  N N 38  
DC  P      P  N N 39  
DC  OP1    O  N N 40  
DC  OP2    O  N N 41  
DC  "O5'"  O  N N 42  
DC  "C5'"  C  N N 43  
DC  "C4'"  C  N R 44  
DC  "O4'"  O  N N 45  
DC  "C3'"  C  N S 46  
DC  "O3'"  O  N N 47  
DC  "C2'"  C  N N 48  
DC  "C1'"  C  N R 49  
DC  N1     N  N N 50  
DC  C2     C  N N 51  
DC  O2     O  N N 52  
DC  N3     N  N N 53  
DC  C4     C  N N 54  
DC  N4     N  N N 55  
DC  C5     C  N N 56  
DC  C6     C  N N 57  
DC  HOP3   H  N N 58  
DC  HOP2   H  N N 59  
DC  "H5'"  H  N N 60  
DC  "H5''" H  N N 61  
DC  "H4'"  H  N N 62  
DC  "H3'"  H  N N 63  
DC  "HO3'" H  N N 64  
DC  "H2'"  H  N N 65  
DC  "H2''" H  N N 66  
DC  "H1'"  H  N N 67  
DC  H41    H  N N 68  
DC  H42    H  N N 69  
DC  H5     H  N N 70  
DC  H6     H  N N 71  
DG  OP3    O  N N 72  
DG  P      P  N N 73  
DG  OP1    O  N N 74  
DG  OP2    O  N N 75  
DG  "O5'"  O  N N 76  
DG  "C5'"  C  N N 77  
DG  "C4'"  C  N R 78  
DG  "O4'"  O  N N 79  
DG  "C3'"  C  N S 80  
DG  "O3'"  O  N N 81  
DG  "C2'"  C  N N 82  
DG  "C1'"  C  N R 83  
DG  N9     N  Y N 84  
DG  C8     C  Y N 85  
DG  N7     N  Y N 86  
DG  C5     C  Y N 87  
DG  C6     C  N N 88  
DG  O6     O  N N 89  
DG  N1     N  N N 90  
DG  C2     C  N N 91  
DG  N2     N  N N 92  
DG  N3     N  N N 93  
DG  C4     C  Y N 94  
DG  HOP3   H  N N 95  
DG  HOP2   H  N N 96  
DG  "H5'"  H  N N 97  
DG  "H5''" H  N N 98  
DG  "H4'"  H  N N 99  
DG  "H3'"  H  N N 100 
DG  "HO3'" H  N N 101 
DG  "H2'"  H  N N 102 
DG  "H2''" H  N N 103 
DG  "H1'"  H  N N 104 
DG  H8     H  N N 105 
DG  H1     H  N N 106 
DG  H21    H  N N 107 
DG  H22    H  N N 108 
DT  OP3    O  N N 109 
DT  P      P  N N 110 
DT  OP1    O  N N 111 
DT  OP2    O  N N 112 
DT  "O5'"  O  N N 113 
DT  "C5'"  C  N N 114 
DT  "C4'"  C  N R 115 
DT  "O4'"  O  N N 116 
DT  "C3'"  C  N S 117 
DT  "O3'"  O  N N 118 
DT  "C2'"  C  N N 119 
DT  "C1'"  C  N R 120 
DT  N1     N  N N 121 
DT  C2     C  N N 122 
DT  O2     O  N N 123 
DT  N3     N  N N 124 
DT  C4     C  N N 125 
DT  O4     O  N N 126 
DT  C5     C  N N 127 
DT  C7     C  N N 128 
DT  C6     C  N N 129 
DT  HOP3   H  N N 130 
DT  HOP2   H  N N 131 
DT  "H5'"  H  N N 132 
DT  "H5''" H  N N 133 
DT  "H4'"  H  N N 134 
DT  "H3'"  H  N N 135 
DT  "HO3'" H  N N 136 
DT  "H2'"  H  N N 137 
DT  "H2''" H  N N 138 
DT  "H1'"  H  N N 139 
DT  H3     H  N N 140 
DT  H71    H  N N 141 
DT  H72    H  N N 142 
DT  H73    H  N N 143 
DT  H6     H  N N 144 
G47 P      P  N N 145 
G47 O1P    O  N N 146 
G47 O2P    O  N N 147 
G47 O3P    O  N N 148 
G47 "O5'"  O  N N 149 
G47 "C5'"  C  N N 150 
G47 "C4'"  C  N R 151 
G47 "O4'"  O  N N 152 
G47 "C3'"  C  N S 153 
G47 "O3'"  O  N N 154 
G47 "C2'"  C  N N 155 
G47 "C1'"  C  N R 156 
G47 N9     N  Y N 157 
G47 C8     C  Y N 158 
G47 N7     N  Y N 159 
G47 C5     C  Y N 160 
G47 C6     C  N N 161 
G47 O6     O  N N 162 
G47 N1     N  N N 163 
G47 C2     C  N N 164 
G47 N2     N  N N 165 
G47 N3     N  N N 166 
G47 C4     C  Y N 167 
G47 C6A    C  N N 168 
G47 C7A    C  N N 169 
G47 SG     S  N N 170 
G47 H1P    H  N N 171 
G47 H3P    H  N N 172 
G47 "H5'1" H  N N 173 
G47 "H5'2" H  N N 174 
G47 "H4'"  H  N N 175 
G47 "H3'"  H  N N 176 
G47 HA     H  N N 177 
G47 "H2'1" H  N N 178 
G47 "H2'2" H  N N 179 
G47 "H1'"  H  N N 180 
G47 H8     H  N N 181 
G47 H1     H  N N 182 
G47 H2     H  N N 183 
G47 H6A1   H  N N 184 
G47 H6A2   H  N N 185 
G47 H7A1   H  N N 186 
G47 H7A2   H  N N 187 
G47 HS1    H  N N 188 
HOH O      O  N N 189 
HOH H1     H  N N 190 
HOH H2     H  N N 191 
# 
loop_
_chem_comp_bond.comp_id 
_chem_comp_bond.atom_id_1 
_chem_comp_bond.atom_id_2 
_chem_comp_bond.value_order 
_chem_comp_bond.pdbx_aromatic_flag 
_chem_comp_bond.pdbx_stereo_config 
_chem_comp_bond.pdbx_ordinal 
DA  OP3   P      sing N N 1   
DA  OP3   HOP3   sing N N 2   
DA  P     OP1    doub N N 3   
DA  P     OP2    sing N N 4   
DA  P     "O5'"  sing N N 5   
DA  OP2   HOP2   sing N N 6   
DA  "O5'" "C5'"  sing N N 7   
DA  "C5'" "C4'"  sing N N 8   
DA  "C5'" "H5'"  sing N N 9   
DA  "C5'" "H5''" sing N N 10  
DA  "C4'" "O4'"  sing N N 11  
DA  "C4'" "C3'"  sing N N 12  
DA  "C4'" "H4'"  sing N N 13  
DA  "O4'" "C1'"  sing N N 14  
DA  "C3'" "O3'"  sing N N 15  
DA  "C3'" "C2'"  sing N N 16  
DA  "C3'" "H3'"  sing N N 17  
DA  "O3'" "HO3'" sing N N 18  
DA  "C2'" "C1'"  sing N N 19  
DA  "C2'" "H2'"  sing N N 20  
DA  "C2'" "H2''" sing N N 21  
DA  "C1'" N9     sing N N 22  
DA  "C1'" "H1'"  sing N N 23  
DA  N9    C8     sing Y N 24  
DA  N9    C4     sing Y N 25  
DA  C8    N7     doub Y N 26  
DA  C8    H8     sing N N 27  
DA  N7    C5     sing Y N 28  
DA  C5    C6     sing Y N 29  
DA  C5    C4     doub Y N 30  
DA  C6    N6     sing N N 31  
DA  C6    N1     doub Y N 32  
DA  N6    H61    sing N N 33  
DA  N6    H62    sing N N 34  
DA  N1    C2     sing Y N 35  
DA  C2    N3     doub Y N 36  
DA  C2    H2     sing N N 37  
DA  N3    C4     sing Y N 38  
DC  OP3   P      sing N N 39  
DC  OP3   HOP3   sing N N 40  
DC  P     OP1    doub N N 41  
DC  P     OP2    sing N N 42  
DC  P     "O5'"  sing N N 43  
DC  OP2   HOP2   sing N N 44  
DC  "O5'" "C5'"  sing N N 45  
DC  "C5'" "C4'"  sing N N 46  
DC  "C5'" "H5'"  sing N N 47  
DC  "C5'" "H5''" sing N N 48  
DC  "C4'" "O4'"  sing N N 49  
DC  "C4'" "C3'"  sing N N 50  
DC  "C4'" "H4'"  sing N N 51  
DC  "O4'" "C1'"  sing N N 52  
DC  "C3'" "O3'"  sing N N 53  
DC  "C3'" "C2'"  sing N N 54  
DC  "C3'" "H3'"  sing N N 55  
DC  "O3'" "HO3'" sing N N 56  
DC  "C2'" "C1'"  sing N N 57  
DC  "C2'" "H2'"  sing N N 58  
DC  "C2'" "H2''" sing N N 59  
DC  "C1'" N1     sing N N 60  
DC  "C1'" "H1'"  sing N N 61  
DC  N1    C2     sing N N 62  
DC  N1    C6     sing N N 63  
DC  C2    O2     doub N N 64  
DC  C2    N3     sing N N 65  
DC  N3    C4     doub N N 66  
DC  C4    N4     sing N N 67  
DC  C4    C5     sing N N 68  
DC  N4    H41    sing N N 69  
DC  N4    H42    sing N N 70  
DC  C5    C6     doub N N 71  
DC  C5    H5     sing N N 72  
DC  C6    H6     sing N N 73  
DG  OP3   P      sing N N 74  
DG  OP3   HOP3   sing N N 75  
DG  P     OP1    doub N N 76  
DG  P     OP2    sing N N 77  
DG  P     "O5'"  sing N N 78  
DG  OP2   HOP2   sing N N 79  
DG  "O5'" "C5'"  sing N N 80  
DG  "C5'" "C4'"  sing N N 81  
DG  "C5'" "H5'"  sing N N 82  
DG  "C5'" "H5''" sing N N 83  
DG  "C4'" "O4'"  sing N N 84  
DG  "C4'" "C3'"  sing N N 85  
DG  "C4'" "H4'"  sing N N 86  
DG  "O4'" "C1'"  sing N N 87  
DG  "C3'" "O3'"  sing N N 88  
DG  "C3'" "C2'"  sing N N 89  
DG  "C3'" "H3'"  sing N N 90  
DG  "O3'" "HO3'" sing N N 91  
DG  "C2'" "C1'"  sing N N 92  
DG  "C2'" "H2'"  sing N N 93  
DG  "C2'" "H2''" sing N N 94  
DG  "C1'" N9     sing N N 95  
DG  "C1'" "H1'"  sing N N 96  
DG  N9    C8     sing Y N 97  
DG  N9    C4     sing Y N 98  
DG  C8    N7     doub Y N 99  
DG  C8    H8     sing N N 100 
DG  N7    C5     sing Y N 101 
DG  C5    C6     sing N N 102 
DG  C5    C4     doub Y N 103 
DG  C6    O6     doub N N 104 
DG  C6    N1     sing N N 105 
DG  N1    C2     sing N N 106 
DG  N1    H1     sing N N 107 
DG  C2    N2     sing N N 108 
DG  C2    N3     doub N N 109 
DG  N2    H21    sing N N 110 
DG  N2    H22    sing N N 111 
DG  N3    C4     sing N N 112 
DT  OP3   P      sing N N 113 
DT  OP3   HOP3   sing N N 114 
DT  P     OP1    doub N N 115 
DT  P     OP2    sing N N 116 
DT  P     "O5'"  sing N N 117 
DT  OP2   HOP2   sing N N 118 
DT  "O5'" "C5'"  sing N N 119 
DT  "C5'" "C4'"  sing N N 120 
DT  "C5'" "H5'"  sing N N 121 
DT  "C5'" "H5''" sing N N 122 
DT  "C4'" "O4'"  sing N N 123 
DT  "C4'" "C3'"  sing N N 124 
DT  "C4'" "H4'"  sing N N 125 
DT  "O4'" "C1'"  sing N N 126 
DT  "C3'" "O3'"  sing N N 127 
DT  "C3'" "C2'"  sing N N 128 
DT  "C3'" "H3'"  sing N N 129 
DT  "O3'" "HO3'" sing N N 130 
DT  "C2'" "C1'"  sing N N 131 
DT  "C2'" "H2'"  sing N N 132 
DT  "C2'" "H2''" sing N N 133 
DT  "C1'" N1     sing N N 134 
DT  "C1'" "H1'"  sing N N 135 
DT  N1    C2     sing N N 136 
DT  N1    C6     sing N N 137 
DT  C2    O2     doub N N 138 
DT  C2    N3     sing N N 139 
DT  N3    C4     sing N N 140 
DT  N3    H3     sing N N 141 
DT  C4    O4     doub N N 142 
DT  C4    C5     sing N N 143 
DT  C5    C7     sing N N 144 
DT  C5    C6     doub N N 145 
DT  C7    H71    sing N N 146 
DT  C7    H72    sing N N 147 
DT  C7    H73    sing N N 148 
DT  C6    H6     sing N N 149 
G47 P     O1P    sing N N 150 
G47 P     O2P    doub N N 151 
G47 P     O3P    sing N N 152 
G47 P     "O5'"  sing N N 153 
G47 O1P   H1P    sing N N 154 
G47 O3P   H3P    sing N N 155 
G47 "O5'" "C5'"  sing N N 156 
G47 "C5'" "C4'"  sing N N 157 
G47 "C5'" "H5'1" sing N N 158 
G47 "C5'" "H5'2" sing N N 159 
G47 "C4'" "O4'"  sing N N 160 
G47 "C4'" "C3'"  sing N N 161 
G47 "C4'" "H4'"  sing N N 162 
G47 "O4'" "C1'"  sing N N 163 
G47 "C3'" "O3'"  sing N N 164 
G47 "C3'" "C2'"  sing N N 165 
G47 "C3'" "H3'"  sing N N 166 
G47 "O3'" HA     sing N N 167 
G47 "C2'" "C1'"  sing N N 168 
G47 "C2'" "H2'1" sing N N 169 
G47 "C2'" "H2'2" sing N N 170 
G47 "C1'" N9     sing N N 171 
G47 "C1'" "H1'"  sing N N 172 
G47 N9    C8     sing Y N 173 
G47 N9    C4     sing Y N 174 
G47 C8    N7     doub Y N 175 
G47 C8    H8     sing N N 176 
G47 N7    C5     sing Y N 177 
G47 C5    C6     sing N N 178 
G47 C5    C4     doub Y N 179 
G47 C6    O6     doub N N 180 
G47 C6    N1     sing N N 181 
G47 N1    C2     sing N N 182 
G47 N1    H1     sing N N 183 
G47 C2    N2     sing N N 184 
G47 C2    N3     doub N N 185 
G47 N2    C6A    sing N N 186 
G47 N2    H2     sing N N 187 
G47 N3    C4     sing N N 188 
G47 C6A   C7A    sing N N 189 
G47 C6A   H6A1   sing N N 190 
G47 C6A   H6A2   sing N N 191 
G47 C7A   SG     sing N N 192 
G47 C7A   H7A1   sing N N 193 
G47 C7A   H7A2   sing N N 194 
G47 HS1   SG     sing N N 195 
HOH O     H1     sing N N 196 
HOH O     H2     sing N N 197 
# 
_ndb_struct_conf_na.entry_id   1CW9 
_ndb_struct_conf_na.feature    'b-form double helix' 
# 
loop_
_ndb_struct_na_base_pair.model_number 
_ndb_struct_na_base_pair.i_label_asym_id 
_ndb_struct_na_base_pair.i_label_comp_id 
_ndb_struct_na_base_pair.i_label_seq_id 
_ndb_struct_na_base_pair.i_symmetry 
_ndb_struct_na_base_pair.j_label_asym_id 
_ndb_struct_na_base_pair.j_label_comp_id 
_ndb_struct_na_base_pair.j_label_seq_id 
_ndb_struct_na_base_pair.j_symmetry 
_ndb_struct_na_base_pair.shear 
_ndb_struct_na_base_pair.stretch 
_ndb_struct_na_base_pair.stagger 
_ndb_struct_na_base_pair.buckle 
_ndb_struct_na_base_pair.propeller 
_ndb_struct_na_base_pair.opening 
_ndb_struct_na_base_pair.pair_number 
_ndb_struct_na_base_pair.pair_name 
_ndb_struct_na_base_pair.i_auth_asym_id 
_ndb_struct_na_base_pair.i_auth_seq_id 
_ndb_struct_na_base_pair.i_PDB_ins_code 
_ndb_struct_na_base_pair.j_auth_asym_id 
_ndb_struct_na_base_pair.j_auth_seq_id 
_ndb_struct_na_base_pair.j_PDB_ins_code 
_ndb_struct_na_base_pair.hbond_type_28 
_ndb_struct_na_base_pair.hbond_type_12 
1 A DC  1  1_555 B DG  10 1_555 0.199  -0.138 0.186  -2.554  -15.186 1.920  1  A_DC1:DG10_B A 1  ? B 10 ? 19 1 
1 A DC  2  1_555 B DG  9  1_555 0.262  -0.109 0.025  1.111   -8.912  -0.466 2  A_DC2:DG9_B  A 2  ? B 9  ? 19 1 
1 A DA  3  1_555 B DT  8  1_555 0.027  -0.016 0.329  2.958   -5.269  0.982  3  A_DA3:DT8_B  A 3  ? B 8  ? 20 1 
1 A DG  4  1_555 B DC  7  1_555 -0.085 -0.177 0.331  11.999  -6.704  -1.080 4  A_DG4:DC7_B  A 4  ? B 7  ? 19 1 
1 A G47 5  1_555 B DC  6  1_555 -0.452 -0.085 0.294  0.860   -15.214 3.018  5  A_G475:DC6_B A 5  ? B 6  ? 19 1 
1 A DC  6  1_555 B G47 5  1_555 0.343  -0.110 0.273  -2.401  -8.750  1.213  6  A_DC6:G475_B A 6  ? B 5  ? 19 1 
1 A DC  7  1_555 B DG  4  1_555 0.143  -0.123 0.468  -12.779 -8.194  -2.503 7  A_DC7:DG4_B  A 7  ? B 4  ? 19 1 
1 A DT  8  1_555 B DA  3  1_555 -0.030 -0.089 0.119  -1.558  -6.799  -1.130 8  A_DT8:DA3_B  A 8  ? B 3  ? 20 1 
1 A DG  9  1_555 B DC  2  1_555 -0.289 -0.119 0.078  -4.843  -15.199 1.381  9  A_DG9:DC2_B  A 9  ? B 2  ? 19 1 
1 A DG  10 1_555 B DC  1  1_555 -0.137 -0.157 0.174  1.602   -18.142 1.486  10 A_DG10:DC1_B A 10 ? B 1  ? 19 1 
1 C DC  1  1_555 D DG  10 1_555 0.082  -0.137 0.226  -7.445  -11.540 0.520  11 C_DC1:DG10_D C 1  ? D 10 ? 19 1 
1 C DC  2  1_555 D DG  9  1_555 0.200  -0.159 -0.068 2.444   -8.081  -0.983 12 C_DC2:DG9_D  C 2  ? D 9  ? 19 1 
1 C DA  3  1_555 D DT  8  1_555 0.124  -0.139 0.167  4.393   -8.323  -2.085 13 C_DA3:DT8_D  C 3  ? D 8  ? 20 1 
1 C DG  4  1_555 D DC  7  1_555 -0.172 -0.175 0.373  8.521   -11.911 0.224  14 C_DG4:DC7_D  C 4  ? D 7  ? 19 1 
1 C G47 5  1_555 D DC  6  1_555 -0.208 -0.126 0.344  4.770   -7.001  0.582  15 C_G475:DC6_D C 5  ? D 6  ? 19 1 
1 C DC  6  1_555 D G47 5  1_555 1.676  2.570  0.533  6.150   -32.191 56.064 16 C_DC6:G475_D C 6  ? D 5  ? ?  ? 
1 C DC  7  1_555 D DG  4  1_555 0.184  -0.096 0.312  -11.194 -8.217  -0.632 17 C_DC7:DG4_D  C 7  ? D 4  ? 19 1 
1 C DT  8  1_555 D DA  3  1_555 -0.017 -0.159 0.229  -6.728  -10.293 1.748  18 C_DT8:DA3_D  C 8  ? D 3  ? 20 1 
1 C DG  9  1_555 D DC  2  1_555 -0.285 -0.133 0.075  -5.381  -9.394  -0.620 19 C_DG9:DC2_D  C 9  ? D 2  ? 19 1 
1 C DG  10 1_555 D DC  1  1_555 -0.142 -0.070 0.244  5.620   -12.557 2.490  20 C_DG10:DC1_D C 10 ? D 1  ? 19 1 
# 
loop_
_ndb_struct_na_base_pair_step.model_number 
_ndb_struct_na_base_pair_step.i_label_asym_id_1 
_ndb_struct_na_base_pair_step.i_label_comp_id_1 
_ndb_struct_na_base_pair_step.i_label_seq_id_1 
_ndb_struct_na_base_pair_step.i_symmetry_1 
_ndb_struct_na_base_pair_step.j_label_asym_id_1 
_ndb_struct_na_base_pair_step.j_label_comp_id_1 
_ndb_struct_na_base_pair_step.j_label_seq_id_1 
_ndb_struct_na_base_pair_step.j_symmetry_1 
_ndb_struct_na_base_pair_step.i_label_asym_id_2 
_ndb_struct_na_base_pair_step.i_label_comp_id_2 
_ndb_struct_na_base_pair_step.i_label_seq_id_2 
_ndb_struct_na_base_pair_step.i_symmetry_2 
_ndb_struct_na_base_pair_step.j_label_asym_id_2 
_ndb_struct_na_base_pair_step.j_label_comp_id_2 
_ndb_struct_na_base_pair_step.j_label_seq_id_2 
_ndb_struct_na_base_pair_step.j_symmetry_2 
_ndb_struct_na_base_pair_step.shift 
_ndb_struct_na_base_pair_step.slide 
_ndb_struct_na_base_pair_step.rise 
_ndb_struct_na_base_pair_step.tilt 
_ndb_struct_na_base_pair_step.roll 
_ndb_struct_na_base_pair_step.twist 
_ndb_struct_na_base_pair_step.x_displacement 
_ndb_struct_na_base_pair_step.y_displacement 
_ndb_struct_na_base_pair_step.helical_rise 
_ndb_struct_na_base_pair_step.inclination 
_ndb_struct_na_base_pair_step.tip 
_ndb_struct_na_base_pair_step.helical_twist 
_ndb_struct_na_base_pair_step.step_number 
_ndb_struct_na_base_pair_step.step_name 
_ndb_struct_na_base_pair_step.i_auth_asym_id_1 
_ndb_struct_na_base_pair_step.i_auth_seq_id_1 
_ndb_struct_na_base_pair_step.i_PDB_ins_code_1 
_ndb_struct_na_base_pair_step.j_auth_asym_id_1 
_ndb_struct_na_base_pair_step.j_auth_seq_id_1 
_ndb_struct_na_base_pair_step.j_PDB_ins_code_1 
_ndb_struct_na_base_pair_step.i_auth_asym_id_2 
_ndb_struct_na_base_pair_step.i_auth_seq_id_2 
_ndb_struct_na_base_pair_step.i_PDB_ins_code_2 
_ndb_struct_na_base_pair_step.j_auth_asym_id_2 
_ndb_struct_na_base_pair_step.j_auth_seq_id_2 
_ndb_struct_na_base_pair_step.j_PDB_ins_code_2 
1 A DC  1 1_555 B DG  10 1_555 A DC  2  1_555 B DG  9 1_555 0.208  2.233  3.394 7.548  3.786  40.170 2.744  0.588  3.562 5.440  
-10.845 41.012 1  AA_DC1DC2:DG9DG10_BB  A 1 ? B 10 ? A 2  ? B 9 ? 
1 A DC  2 1_555 B DG  9  1_555 A DA  3  1_555 B DT  8 1_555 0.033  2.707  3.264 -3.229 -4.188 45.233 3.852  -0.315 3.006 -5.423 
4.181   45.525 2  AA_DC2DA3:DT8DG9_BB   A 2 ? B 9  ? A 3  ? B 8 ? 
1 A DA  3 1_555 B DT  8  1_555 A DG  4  1_555 B DC  7 1_555 0.412  0.646  3.158 -0.985 5.269  23.874 -0.088 -1.274 3.204 12.537 
2.344   24.460 3  AA_DA3DG4:DC7DT8_BB   A 3 ? B 8  ? A 4  ? B 7 ? 
1 A DG  4 1_555 B DC  7  1_555 A G47 5  1_555 B DC  6 1_555 -0.081 0.239  3.563 -1.111 1.628  41.141 0.148  -0.016 3.571 2.315  
1.579   41.186 4  AA_DG4G475:DC6DC7_BB  A 4 ? B 7  ? A 5  ? B 6 ? 
1 A G47 5 1_555 B DC  6  1_555 A DC  6  1_555 B G47 5 1_555 -0.069 -0.067 3.468 0.920  5.469  35.289 -0.946 0.254  3.417 8.953  
-1.505  35.708 5  AA_G475DC6:G475DC6_BB A 5 ? B 6  ? A 6  ? B 5 ? 
1 A DC  6 1_555 B G47 5  1_555 A DC  7  1_555 B DG  4 1_555 -0.046 1.160  3.604 -1.346 -3.742 45.316 1.860  -0.070 3.502 -4.845 
1.743   45.481 6  AA_DC6DC7:DG4G475_BB  A 6 ? B 5  ? A 7  ? B 4 ? 
1 A DC  7 1_555 B DG  4  1_555 A DT  8  1_555 B DA  3 1_555 -0.432 0.683  3.079 2.738  4.229  24.125 0.367  1.811  3.084 9.980  
-6.461  24.638 7  AA_DC7DT8:DA3DG4_BB   A 7 ? B 4  ? A 8  ? B 3 ? 
1 A DT  8 1_555 B DA  3  1_555 A DG  9  1_555 B DC  2 1_555 -0.006 3.053  3.310 1.371  -6.166 50.142 3.997  0.100  2.938 -7.242 
-1.610  50.513 8  AA_DT8DG9:DC2DA3_BB   A 8 ? B 3  ? A 9  ? B 2 ? 
1 A DG  9 1_555 B DC  2  1_555 A DG  10 1_555 B DC  1 1_555 0.686  0.983  3.210 -3.865 6.814  33.764 0.602  -1.747 3.245 11.540 
6.546   34.635 9  AA_DG9DG10:DC1DC2_BB  A 9 ? B 2  ? A 10 ? B 1 ? 
1 C DC  1 1_555 D DG  10 1_555 C DC  2  1_555 D DG  9 1_555 -0.199 0.530  3.079 4.869  8.552  28.383 -0.669 1.348  3.032 16.814 
-9.573  30.008 10 CC_DC1DC2:DG9DG10_DD  C 1 ? D 10 ? C 2  ? D 9 ? 
1 C DC  2 1_555 D DG  9  1_555 C DA  3  1_555 D DT  8 1_555 -0.051 2.665  3.264 -1.038 -5.907 50.239 3.518  -0.010 2.954 -6.928 
1.218   50.573 11 CC_DC2DA3:DT8DG9_DD   C 2 ? D 9  ? C 3  ? D 8 ? 
1 C DA  3 1_555 D DT  8  1_555 C DG  4  1_555 D DC  7 1_555 0.095  0.436  3.199 -1.770 3.846  27.446 -0.004 -0.618 3.216 8.045  
3.702   27.765 12 CC_DA3DG4:DC7DT8_DD   C 3 ? D 8  ? C 4  ? D 7 ? 
1 C DG  4 1_555 D DC  7  1_555 C G47 5  1_555 D DC  6 1_555 0.806  -0.108 3.326 1.849  3.463  37.187 -0.634 -1.009 3.338 5.412  
-2.890  37.386 13 CC_DG4G475:DC6DC7_DD  C 4 ? D 7  ? C 5  ? D 6 ? 
1 C G47 5 1_555 D DC  6  1_555 C DC  6  1_555 D G47 5 1_555 2.625  0.516  3.392 8.442  8.821  38.409 -0.391 -2.725 3.883 13.013 
-12.453 40.233 14 CC_G475DC6:G475DC6_DD C 5 ? D 6  ? C 6  ? D 5 ? 
1 C DC  6 1_555 D G47 5  1_555 C DC  7  1_555 D DG  4 1_555 -2.796 0.214  3.534 -4.189 10.335 29.847 -1.784 4.219  3.748 19.239 
7.799   31.818 15 CC_DC6DC7:DG4G475_DD  C 6 ? D 5  ? C 7  ? D 4 ? 
1 C DC  7 1_555 D DG  4  1_555 C DT  8  1_555 D DA  3 1_555 -0.394 0.518  3.181 0.426  5.216  27.176 -0.164 0.925  3.216 10.972 
-0.897  27.666 16 CC_DC7DT8:DA3DG4_DD   C 7 ? D 4  ? C 8  ? D 3 ? 
1 C DT  8 1_555 D DA  3  1_555 C DG  9  1_555 D DC  2 1_555 -0.255 2.846  3.232 -1.349 -6.380 49.862 3.780  0.209  2.876 -7.530 
1.592   50.260 17 CC_DT8DG9:DC2DA3_DD   C 8 ? D 3  ? C 9  ? D 2 ? 
1 C DG  9 1_555 D DC  2  1_555 C DG  10 1_555 D DC  1 1_555 0.556  0.878  3.102 -5.464 11.812 28.253 -0.604 -2.077 3.060 22.735 
10.516  31.051 18 CC_DG9DG10:DC1DC2_DD  C 9 ? D 2  ? C 10 ? D 1 ? 
# 
_pdbx_initial_refinement_model.accession_code   1BD1 
_pdbx_initial_refinement_model.id               1 
_pdbx_initial_refinement_model.entity_id_list   ? 
_pdbx_initial_refinement_model.type             'experimental model' 
_pdbx_initial_refinement_model.source_name      PDB 
_pdbx_initial_refinement_model.details          BDJ017 
# 
_atom_sites.entry_id                    1CW9 
_atom_sites.fract_transf_matrix[1][1]   0.02886947 
_atom_sites.fract_transf_matrix[1][2]   0.00168355 
_atom_sites.fract_transf_matrix[1][3]   0.00265344 
_atom_sites.fract_transf_matrix[2][1]   -0.00065383 
_atom_sites.fract_transf_matrix[2][2]   -0.01565973 
_atom_sites.fract_transf_matrix[2][3]   0.01704948 
_atom_sites.fract_transf_matrix[3][1]   0.00144264 
_atom_sites.fract_transf_matrix[3][2]   -0.01014274 
_atom_sites.fract_transf_matrix[3][3]   -0.00926065 
_atom_sites.fract_transf_vector[1]      0.218268 
_atom_sites.fract_transf_vector[2]      0.399863 
_atom_sites.fract_transf_vector[3]      0.380740 
# 
loop_
_atom_type.symbol 
C  
CA 
N  
O  
P  
S  
# 
loop_
_atom_site.group_PDB 
_atom_site.id 
_atom_site.type_symbol 
_atom_site.label_atom_id 
_atom_site.label_alt_id 
_atom_site.label_comp_id 
_atom_site.label_asym_id 
_atom_site.label_entity_id 
_atom_site.label_seq_id 
_atom_site.pdbx_PDB_ins_code 
_atom_site.Cartn_x 
_atom_site.Cartn_y 
_atom_site.Cartn_z 
_atom_site.occupancy 
_atom_site.B_iso_or_equiv 
_atom_site.pdbx_formal_charge 
_atom_site.auth_seq_id 
_atom_site.auth_comp_id 
_atom_site.auth_asym_id 
_atom_site.auth_atom_id 
_atom_site.pdbx_PDB_model_num 
ATOM   1    O  "O5'" . DC  A 1 1  ? -17.016 -0.826  -13.900 1.00 35.80 ? 1   DC  A "O5'" 1 
ATOM   2    C  "C5'" . DC  A 1 1  ? -17.065 0.049   -15.008 1.00 30.42 ? 1   DC  A "C5'" 1 
ATOM   3    C  "C4'" . DC  A 1 1  ? -18.097 1.149   -14.935 1.00 21.32 ? 1   DC  A "C4'" 1 
ATOM   4    O  "O4'" . DC  A 1 1  ? -18.735 1.211   -13.631 1.00 19.00 ? 1   DC  A "O4'" 1 
ATOM   5    C  "C3'" . DC  A 1 1  ? -17.486 2.530   -15.173 1.00 19.66 ? 1   DC  A "C3'" 1 
ATOM   6    O  "O3'" . DC  A 1 1  ? -18.368 3.318   -15.965 1.00 22.41 ? 1   DC  A "O3'" 1 
ATOM   7    C  "C2'" . DC  A 1 1  ? -17.380 3.108   -13.774 1.00 13.63 ? 1   DC  A "C2'" 1 
ATOM   8    C  "C1'" . DC  A 1 1  ? -18.626 2.542   -13.126 1.00 14.86 ? 1   DC  A "C1'" 1 
ATOM   9    N  N1    . DC  A 1 1  ? -18.553 2.474   -11.663 1.00 13.30 ? 1   DC  A N1    1 
ATOM   10   C  C2    . DC  A 1 1  ? -18.742 3.639   -10.946 1.00 14.33 ? 1   DC  A C2    1 
ATOM   11   O  O2    . DC  A 1 1  ? -18.920 4.687   -11.572 1.00 15.50 ? 1   DC  A O2    1 
ATOM   12   N  N3    . DC  A 1 1  ? -18.724 3.604   -9.603  1.00 13.84 ? 1   DC  A N3    1 
ATOM   13   C  C4    . DC  A 1 1  ? -18.522 2.448   -8.970  1.00 13.65 ? 1   DC  A C4    1 
ATOM   14   N  N4    . DC  A 1 1  ? -18.558 2.455   -7.641  1.00 14.08 ? 1   DC  A N4    1 
ATOM   15   C  C5    . DC  A 1 1  ? -18.289 1.234   -9.675  1.00 14.16 ? 1   DC  A C5    1 
ATOM   16   C  C6    . DC  A 1 1  ? -18.318 1.289   -11.015 1.00 15.88 ? 1   DC  A C6    1 
ATOM   17   P  P     . DC  A 1 2  ? -17.946 3.711   -17.472 1.00 23.96 ? 2   DC  A P     1 
ATOM   18   O  OP1   . DC  A 1 2  ? -19.065 4.494   -18.073 1.00 26.61 ? 2   DC  A OP1   1 
ATOM   19   O  OP2   . DC  A 1 2  ? -17.413 2.521   -18.143 1.00 24.87 ? 2   DC  A OP2   1 
ATOM   20   O  "O5'" . DC  A 1 2  ? -16.683 4.652   -17.289 1.00 16.43 ? 2   DC  A "O5'" 1 
ATOM   21   C  "C5'" . DC  A 1 2  ? -16.873 6.007   -16.972 1.00 19.36 ? 2   DC  A "C5'" 1 
ATOM   22   C  "C4'" . DC  A 1 2  ? -15.683 6.508   -16.201 1.00 14.70 ? 2   DC  A "C4'" 1 
ATOM   23   O  "O4'" . DC  A 1 2  ? -15.634 5.809   -14.922 1.00 12.82 ? 2   DC  A "O4'" 1 
ATOM   24   C  "C3'" . DC  A 1 2  ? -14.334 6.247   -16.883 1.00 19.17 ? 2   DC  A "C3'" 1 
ATOM   25   O  "O3'" . DC  A 1 2  ? -13.505 7.410   -16.733 1.00 17.45 ? 2   DC  A "O3'" 1 
ATOM   26   C  "C2'" . DC  A 1 2  ? -13.728 5.145   -16.025 1.00 15.78 ? 2   DC  A "C2'" 1 
ATOM   27   C  "C1'" . DC  A 1 2  ? -14.271 5.548   -14.673 1.00 14.53 ? 2   DC  A "C1'" 1 
ATOM   28   N  N1    . DC  A 1 2  ? -14.210 4.578   -13.581 1.00 11.06 ? 2   DC  A N1    1 
ATOM   29   C  C2    . DC  A 1 2  ? -14.571 5.010   -12.324 1.00 13.18 ? 2   DC  A C2    1 
ATOM   30   O  O2    . DC  A 1 2  ? -14.786 6.234   -12.152 1.00 14.82 ? 2   DC  A O2    1 
ATOM   31   N  N3    . DC  A 1 2  ? -14.662 4.113   -11.322 1.00 15.40 ? 2   DC  A N3    1 
ATOM   32   C  C4    . DC  A 1 2  ? -14.357 2.836   -11.543 1.00 17.88 ? 2   DC  A C4    1 
ATOM   33   N  N4    . DC  A 1 2  ? -14.524 1.973   -10.541 1.00 16.86 ? 2   DC  A N4    1 
ATOM   34   C  C5    . DC  A 1 2  ? -13.891 2.382   -12.805 1.00 14.98 ? 2   DC  A C5    1 
ATOM   35   C  C6    . DC  A 1 2  ? -13.839 3.281   -13.794 1.00 14.67 ? 2   DC  A C6    1 
ATOM   36   P  P     . DA  A 1 3  ? -13.147 8.308   -17.994 1.00 17.77 ? 3   DA  A P     1 
ATOM   37   O  OP1   . DA  A 1 3  ? -14.310 8.378   -18.917 1.00 19.35 ? 3   DA  A OP1   1 
ATOM   38   O  OP2   . DA  A 1 3  ? -11.832 7.863   -18.486 1.00 19.12 ? 3   DA  A OP2   1 
ATOM   39   O  "O5'" . DA  A 1 3  ? -12.933 9.726   -17.322 1.00 16.56 ? 3   DA  A "O5'" 1 
ATOM   40   C  "C5'" . DA  A 1 3  ? -14.050 10.425  -16.795 1.00 14.94 ? 3   DA  A "C5'" 1 
ATOM   41   C  "C4'" . DA  A 1 3  ? -13.662 11.141  -15.527 1.00 18.76 ? 3   DA  A "C4'" 1 
ATOM   42   O  "O4'" . DA  A 1 3  ? -13.390 10.240  -14.429 1.00 18.29 ? 3   DA  A "O4'" 1 
ATOM   43   C  "C3'" . DA  A 1 3  ? -12.429 12.008  -15.661 1.00 17.09 ? 3   DA  A "C3'" 1 
ATOM   44   O  "O3'" . DA  A 1 3  ? -12.663 13.137  -14.856 1.00 23.09 ? 3   DA  A "O3'" 1 
ATOM   45   C  "C2'" . DA  A 1 3  ? -11.314 11.149  -15.076 1.00 22.13 ? 3   DA  A "C2'" 1 
ATOM   46   C  "C1'" . DA  A 1 3  ? -12.024 10.319  -14.021 1.00 15.79 ? 3   DA  A "C1'" 1 
ATOM   47   N  N9    . DA  A 1 3  ? -11.545 8.936   -13.914 1.00 16.09 ? 3   DA  A N9    1 
ATOM   48   C  C8    . DA  A 1 3  ? -11.030 8.142   -14.909 1.00 16.53 ? 3   DA  A C8    1 
ATOM   49   N  N7    . DA  A 1 3  ? -10.820 6.907   -14.541 1.00 16.25 ? 3   DA  A N7    1 
ATOM   50   C  C5    . DA  A 1 3  ? -11.197 6.888   -13.203 1.00 13.55 ? 3   DA  A C5    1 
ATOM   51   C  C6    . DA  A 1 3  ? -11.232 5.879   -12.251 1.00 14.47 ? 3   DA  A C6    1 
ATOM   52   N  N6    . DA  A 1 3  ? -10.910 4.604   -12.502 1.00 16.12 ? 3   DA  A N6    1 
ATOM   53   N  N1    . DA  A 1 3  ? -11.634 6.209   -11.008 1.00 11.32 ? 3   DA  A N1    1 
ATOM   54   C  C2    . DA  A 1 3  ? -11.995 7.467   -10.754 1.00 11.89 ? 3   DA  A C2    1 
ATOM   55   N  N3    . DA  A 1 3  ? -12.027 8.508   -11.580 1.00 15.02 ? 3   DA  A N3    1 
ATOM   56   C  C4    . DA  A 1 3  ? -11.608 8.143   -12.797 1.00 14.38 ? 3   DA  A C4    1 
ATOM   57   P  P     . DG  A 1 4  ? -11.736 14.423  -15.014 1.00 21.04 ? 4   DG  A P     1 
ATOM   58   O  OP1   . DG  A 1 4  ? -12.607 15.575  -14.677 1.00 22.01 ? 4   DG  A OP1   1 
ATOM   59   O  OP2   . DG  A 1 4  ? -11.038 14.346  -16.325 1.00 20.96 ? 4   DG  A OP2   1 
ATOM   60   O  "O5'" . DG  A 1 4  ? -10.658 14.233  -13.856 1.00 19.55 ? 4   DG  A "O5'" 1 
ATOM   61   C  "C5'" . DG  A 1 4  ? -11.048 14.327  -12.497 1.00 23.66 ? 4   DG  A "C5'" 1 
ATOM   62   C  "C4'" . DG  A 1 4  ? -9.994  13.707  -11.613 1.00 20.29 ? 4   DG  A "C4'" 1 
ATOM   63   O  "O4'" . DG  A 1 4  ? -9.943  12.267  -11.831 1.00 15.67 ? 4   DG  A "O4'" 1 
ATOM   64   C  "C3'" . DG  A 1 4  ? -8.567  14.225  -11.843 1.00 20.15 ? 4   DG  A "C3'" 1 
ATOM   65   O  "O3'" . DG  A 1 4  ? -7.888  14.219  -10.597 1.00 25.24 ? 4   DG  A "O3'" 1 
ATOM   66   C  "C2'" . DG  A 1 4  ? -7.916  13.069  -12.584 1.00 21.07 ? 4   DG  A "C2'" 1 
ATOM   67   C  "C1'" . DG  A 1 4  ? -8.574  11.930  -11.840 1.00 14.83 ? 4   DG  A "C1'" 1 
ATOM   68   N  N9    . DG  A 1 4  ? -8.402  10.599  -12.406 1.00 16.70 ? 4   DG  A N9    1 
ATOM   69   C  C8    . DG  A 1 4  ? -8.080  10.258  -13.694 1.00 19.25 ? 4   DG  A C8    1 
ATOM   70   N  N7    . DG  A 1 4  ? -7.914  8.976   -13.855 1.00 18.19 ? 4   DG  A N7    1 
ATOM   71   C  C5    . DG  A 1 4  ? -8.154  8.438   -12.595 1.00 14.46 ? 4   DG  A C5    1 
ATOM   72   C  C6    . DG  A 1 4  ? -8.106  7.095   -12.143 1.00 12.64 ? 4   DG  A C6    1 
ATOM   73   O  O6    . DG  A 1 4  ? -7.818  6.080   -12.776 1.00 16.07 ? 4   DG  A O6    1 
ATOM   74   N  N1    . DG  A 1 4  ? -8.448  6.997   -10.801 1.00 12.87 ? 4   DG  A N1    1 
ATOM   75   C  C2    . DG  A 1 4  ? -8.780  8.047   -9.987  1.00 11.18 ? 4   DG  A C2    1 
ATOM   76   N  N2    . DG  A 1 4  ? -9.125  7.737   -8.712  1.00 15.05 ? 4   DG  A N2    1 
ATOM   77   N  N3    . DG  A 1 4  ? -8.789  9.318   -10.391 1.00 14.99 ? 4   DG  A N3    1 
ATOM   78   C  C4    . DG  A 1 4  ? -8.478  9.424   -11.698 1.00 13.60 ? 4   DG  A C4    1 
HETATM 79   P  P     . G47 A 1 5  ? -7.385  15.577  -9.921  1.00 20.73 ? 5   G47 A P     1 
HETATM 80   O  O1P   . G47 A 1 5  ? -8.497  16.566  -9.992  1.00 24.11 ? 5   G47 A O1P   1 
HETATM 81   O  O2P   . G47 A 1 5  ? -6.049  15.922  -10.424 1.00 21.93 ? 5   G47 A O2P   1 
HETATM 82   O  "O5'" . G47 A 1 5  ? -7.190  15.086  -8.419  1.00 20.82 ? 5   G47 A "O5'" 1 
HETATM 83   C  "C5'" . G47 A 1 5  ? -8.300  14.625  -7.657  1.00 18.39 ? 5   G47 A "C5'" 1 
HETATM 84   C  "C4'" . G47 A 1 5  ? -7.903  13.468  -6.770  1.00 15.12 ? 5   G47 A "C4'" 1 
HETATM 85   O  "O4'" . G47 A 1 5  ? -7.721  12.251  -7.539  1.00 18.01 ? 5   G47 A "O4'" 1 
HETATM 86   C  "C3'" . G47 A 1 5  ? -6.608  13.667  -5.989  1.00 14.68 ? 5   G47 A "C3'" 1 
HETATM 87   O  "O3'" . G47 A 1 5  ? -6.809  13.130  -4.670  1.00 18.76 ? 5   G47 A "O3'" 1 
HETATM 88   C  "C2'" . G47 A 1 5  ? -5.597  12.840  -6.779  1.00 16.84 ? 5   G47 A "C2'" 1 
HETATM 89   C  "C1'" . G47 A 1 5  ? -6.443  11.667  -7.249  1.00 13.54 ? 5   G47 A "C1'" 1 
HETATM 90   N  N9    . G47 A 1 5  ? -5.981  11.057  -8.491  1.00 13.00 ? 5   G47 A N9    1 
HETATM 91   C  C8    . G47 A 1 5  ? -5.765  11.715  -9.676  1.00 12.71 ? 5   G47 A C8    1 
HETATM 92   N  N7    . G47 A 1 5  ? -5.410  10.908  -10.650 1.00 13.85 ? 5   G47 A N7    1 
HETATM 93   C  C5    . G47 A 1 5  ? -5.390  9.649   -10.066 1.00 10.93 ? 5   G47 A C5    1 
HETATM 94   C  C6    . G47 A 1 5  ? -5.072  8.375   -10.628 1.00 12.06 ? 5   G47 A C6    1 
HETATM 95   O  O6    . G47 A 1 5  ? -4.772  8.090   -11.801 1.00 16.11 ? 5   G47 A O6    1 
HETATM 96   N  N1    . G47 A 1 5  ? -5.130  7.373   -9.679  1.00 12.06 ? 5   G47 A N1    1 
HETATM 97   C  C2    . G47 A 1 5  ? -5.464  7.572   -8.362  1.00 15.38 ? 5   G47 A C2    1 
HETATM 98   N  N2    . G47 A 1 5  ? -5.442  6.501   -7.602  1.00 16.43 ? 5   G47 A N2    1 
HETATM 99   N  N3    . G47 A 1 5  ? -5.785  8.739   -7.833  1.00 12.99 ? 5   G47 A N3    1 
HETATM 100  C  C4    . G47 A 1 5  ? -5.722  9.727   -8.731  1.00 10.22 ? 5   G47 A C4    1 
HETATM 101  C  C6A   . G47 A 1 5  ? -5.865  6.480   -6.214  1.00 19.72 ? 5   G47 A C6A   1 
HETATM 102  C  C7A   . G47 A 1 5  ? -4.710  6.852   -5.369  1.00 32.88 ? 5   G47 A C7A   1 
HETATM 103  S  SG    . G47 A 1 5  ? -3.986  5.459   -4.515  1.00 34.10 ? 5   G47 A SG    1 
ATOM   104  P  P     . DC  A 1 6  ? -5.728  13.412  -3.523  1.00 19.80 ? 6   DC  A P     1 
ATOM   105  O  OP1   . DC  A 1 6  ? -6.482  13.238  -2.261  1.00 22.12 ? 6   DC  A OP1   1 
ATOM   106  O  OP2   . DC  A 1 6  ? -5.019  14.668  -3.812  1.00 22.20 ? 6   DC  A OP2   1 
ATOM   107  O  "O5'" . DC  A 1 6  ? -4.716  12.194  -3.668  1.00 19.36 ? 6   DC  A "O5'" 1 
ATOM   108  C  "C5'" . DC  A 1 6  ? -5.134  10.892  -3.311  1.00 17.63 ? 6   DC  A "C5'" 1 
ATOM   109  C  "C4'" . DC  A 1 6  ? -4.002  9.916   -3.495  1.00 21.70 ? 6   DC  A "C4'" 1 
ATOM   110  O  "O4'" . DC  A 1 6  ? -3.783  9.645   -4.900  1.00 19.89 ? 6   DC  A "O4'" 1 
ATOM   111  C  "C3'" . DC  A 1 6  ? -2.650  10.379  -2.954  1.00 25.81 ? 6   DC  A "C3'" 1 
ATOM   112  O  "O3'" . DC  A 1 6  ? -2.016  9.223   -2.450  1.00 36.51 ? 6   DC  A "O3'" 1 
ATOM   113  C  "C2'" . DC  A 1 6  ? -1.889  10.764  -4.207  1.00 23.10 ? 6   DC  A "C2'" 1 
ATOM   114  C  "C1'" . DC  A 1 6  ? -2.390  9.680   -5.137  1.00 16.45 ? 6   DC  A "C1'" 1 
ATOM   115  N  N1    . DC  A 1 6  ? -2.205  9.919   -6.571  1.00 16.11 ? 6   DC  A N1    1 
ATOM   116  C  C2    . DC  A 1 6  ? -1.926  8.813   -7.387  1.00 17.03 ? 6   DC  A C2    1 
ATOM   117  O  O2    . DC  A 1 6  ? -1.746  7.705   -6.847  1.00 17.46 ? 6   DC  A O2    1 
ATOM   118  N  N3    . DC  A 1 6  ? -1.853  8.976   -8.716  1.00 15.10 ? 6   DC  A N3    1 
ATOM   119  C  C4    . DC  A 1 6  ? -2.025  10.188  -9.246  1.00 17.00 ? 6   DC  A C4    1 
ATOM   120  N  N4    . DC  A 1 6  ? -1.985  10.290  -10.571 1.00 16.94 ? 6   DC  A N4    1 
ATOM   121  C  C5    . DC  A 1 6  ? -2.261  11.347  -8.435  1.00 15.07 ? 6   DC  A C5    1 
ATOM   122  C  C6    . DC  A 1 6  ? -2.337  11.165  -7.113  1.00 18.77 ? 6   DC  A C6    1 
ATOM   123  P  P     . DC  A 1 7  ? -1.581  9.144   -0.918  1.00 27.11 ? 7   DC  A P     1 
ATOM   124  O  OP1   . DC  A 1 7  ? -2.762  8.956   -0.046  1.00 33.59 ? 7   DC  A OP1   1 
ATOM   125  O  OP2   . DC  A 1 7  ? -0.659  10.271  -0.672  1.00 24.64 ? 7   DC  A OP2   1 
ATOM   126  O  "O5'" . DC  A 1 7  ? -0.789  7.774   -0.935  1.00 28.67 ? 7   DC  A "O5'" 1 
ATOM   127  C  "C5'" . DC  A 1 7  ? -1.424  6.603   -1.423  1.00 23.31 ? 7   DC  A "C5'" 1 
ATOM   128  C  "C4'" . DC  A 1 7  ? -0.445  5.783   -2.221  1.00 20.39 ? 7   DC  A "C4'" 1 
ATOM   129  O  "O4'" . DC  A 1 7  ? -0.255  6.412   -3.505  1.00 19.81 ? 7   DC  A "O4'" 1 
ATOM   130  C  "C3'" . DC  A 1 7  ? 0.937   5.677   -1.588  1.00 17.21 ? 7   DC  A "C3'" 1 
ATOM   131  O  "O3'" . DC  A 1 7  ? 1.264   4.305   -1.461  1.00 29.14 ? 7   DC  A "O3'" 1 
ATOM   132  C  "C2'" . DC  A 1 7  ? 1.868   6.391   -2.566  1.00 24.72 ? 7   DC  A "C2'" 1 
ATOM   133  C  "C1'" . DC  A 1 7  ? 1.106   6.357   -3.878  1.00 18.63 ? 7   DC  A "C1'" 1 
ATOM   134  N  N1    . DC  A 1 7  ? 1.336   7.508   -4.779  1.00 17.48 ? 7   DC  A N1    1 
ATOM   135  C  C2    . DC  A 1 7  ? 1.638   7.280   -6.124  1.00 13.02 ? 7   DC  A C2    1 
ATOM   136  O  O2    . DC  A 1 7  ? 1.858   6.133   -6.498  1.00 16.19 ? 7   DC  A O2    1 
ATOM   137  N  N3    . DC  A 1 7  ? 1.691   8.328   -6.973  1.00 12.95 ? 7   DC  A N3    1 
ATOM   138  C  C4    . DC  A 1 7  ? 1.478   9.563   -6.512  1.00 12.91 ? 7   DC  A C4    1 
ATOM   139  N  N4    . DC  A 1 7  ? 1.455   10.564  -7.393  1.00 15.48 ? 7   DC  A N4    1 
ATOM   140  C  C5    . DC  A 1 7  ? 1.256   9.827   -5.137  1.00 16.95 ? 7   DC  A C5    1 
ATOM   141  C  C6    . DC  A 1 7  ? 1.195   8.783   -4.312  1.00 14.82 ? 7   DC  A C6    1 
ATOM   142  P  P     . DT  A 1 8  ? 2.487   3.861   -0.523  1.00 26.55 ? 8   DT  A P     1 
ATOM   143  O  OP1   . DT  A 1 8  ? 2.048   2.645   0.203   1.00 29.84 ? 8   DT  A OP1   1 
ATOM   144  O  OP2   . DT  A 1 8  ? 3.009   5.028   0.238   1.00 30.28 ? 8   DT  A OP2   1 
ATOM   145  O  "O5'" . DT  A 1 8  ? 3.606   3.458   -1.576  1.00 22.91 ? 8   DT  A "O5'" 1 
ATOM   146  C  "C5'" . DT  A 1 8  ? 3.310   2.526   -2.606  1.00 23.09 ? 8   DT  A "C5'" 1 
ATOM   147  C  "C4'" . DT  A 1 8  ? 4.394   2.558   -3.657  1.00 18.64 ? 8   DT  A "C4'" 1 
ATOM   148  O  "O4'" . DT  A 1 8  ? 4.287   3.759   -4.453  1.00 20.62 ? 8   DT  A "O4'" 1 
ATOM   149  C  "C3'" . DT  A 1 8  ? 5.815   2.542   -3.095  1.00 21.49 ? 8   DT  A "C3'" 1 
ATOM   150  O  "O3'" . DT  A 1 8  ? 6.605   1.679   -3.903  1.00 20.84 ? 8   DT  A "O3'" 1 
ATOM   151  C  "C2'" . DT  A 1 8  ? 6.283   3.974   -3.273  1.00 22.47 ? 8   DT  A "C2'" 1 
ATOM   152  C  "C1'" . DT  A 1 8  ? 5.575   4.338   -4.563  1.00 18.80 ? 8   DT  A "C1'" 1 
ATOM   153  N  N1    . DT  A 1 8  ? 5.411   5.774   -4.868  1.00 14.48 ? 8   DT  A N1    1 
ATOM   154  C  C2    . DT  A 1 8  ? 5.396   6.118   -6.195  1.00 12.24 ? 8   DT  A C2    1 
ATOM   155  O  O2    . DT  A 1 8  ? 5.582   5.310   -7.101  1.00 16.11 ? 8   DT  A O2    1 
ATOM   156  N  N3    . DT  A 1 8  ? 5.165   7.438   -6.437  1.00 15.28 ? 8   DT  A N3    1 
ATOM   157  C  C4    . DT  A 1 8  ? 4.968   8.441   -5.516  1.00 12.07 ? 8   DT  A C4    1 
ATOM   158  O  O4    . DT  A 1 8  ? 4.750   9.591   -5.913  1.00 15.04 ? 8   DT  A O4    1 
ATOM   159  C  C5    . DT  A 1 8  ? 5.033   8.023   -4.131  1.00 16.78 ? 8   DT  A C5    1 
ATOM   160  C  C7    . DT  A 1 8  ? 4.857   9.048   -3.052  1.00 17.04 ? 8   DT  A C7    1 
ATOM   161  C  C6    . DT  A 1 8  ? 5.253   6.724   -3.880  1.00 16.21 ? 8   DT  A C6    1 
ATOM   162  P  P     . DG  A 1 9  ? 7.010   0.229   -3.352  1.00 25.00 ? 9   DG  A P     1 
ATOM   163  O  OP1   . DG  A 1 9  ? 5.768   -0.425  -2.882  1.00 24.23 ? 9   DG  A OP1   1 
ATOM   164  O  OP2   . DG  A 1 9  ? 8.151   0.417   -2.425  1.00 27.00 ? 9   DG  A OP2   1 
ATOM   165  O  "O5'" . DG  A 1 9  ? 7.564   -0.502  -4.656  1.00 25.32 ? 9   DG  A "O5'" 1 
ATOM   166  C  "C5'" . DG  A 1 9  ? 6.679   -0.880  -5.692  1.00 20.66 ? 9   DG  A "C5'" 1 
ATOM   167  C  "C4'" . DG  A 1 9  ? 7.238   -0.512  -7.046  1.00 21.97 ? 9   DG  A "C4'" 1 
ATOM   168  O  "O4'" . DG  A 1 9  ? 7.432   0.918   -7.181  1.00 20.71 ? 9   DG  A "O4'" 1 
ATOM   169  C  "C3'" . DG  A 1 9  ? 8.565   -1.149  -7.439  1.00 22.68 ? 9   DG  A "C3'" 1 
ATOM   170  O  "O3'" . DG  A 1 9  ? 8.454   -1.427  -8.840  1.00 17.55 ? 9   DG  A "O3'" 1 
ATOM   171  C  "C2'" . DG  A 1 9  ? 9.579   -0.069  -7.089  1.00 20.91 ? 9   DG  A "C2'" 1 
ATOM   172  C  "C1'" . DG  A 1 9  ? 8.810   1.219   -7.381  1.00 22.31 ? 9   DG  A "C1'" 1 
ATOM   173  N  N9    . DG  A 1 9  ? 9.104   2.371   -6.534  1.00 16.23 ? 9   DG  A N9    1 
ATOM   174  C  C8    . DG  A 1 9  ? 9.433   2.398   -5.198  1.00 16.98 ? 9   DG  A C8    1 
ATOM   175  N  N7    . DG  A 1 9  ? 9.442   3.609   -4.695  1.00 19.68 ? 9   DG  A N7    1 
ATOM   176  C  C5    . DG  A 1 9  ? 9.123   4.425   -5.776  1.00 13.91 ? 9   DG  A C5    1 
ATOM   177  C  C6    . DG  A 1 9  ? 8.922   5.832   -5.855  1.00 16.52 ? 9   DG  A C6    1 
ATOM   178  O  O6    . DG  A 1 9  ? 8.897   6.669   -4.948  1.00 16.20 ? 9   DG  A O6    1 
ATOM   179  N  N1    . DG  A 1 9  ? 8.691   6.237   -7.149  1.00 10.47 ? 9   DG  A N1    1 
ATOM   180  C  C2    . DG  A 1 9  ? 8.600   5.406   -8.241  1.00 11.97 ? 9   DG  A C2    1 
ATOM   181  N  N2    . DG  A 1 9  ? 8.384   5.995   -9.432  1.00 15.48 ? 9   DG  A N2    1 
ATOM   182  N  N3    . DG  A 1 9  ? 8.719   4.092   -8.176  1.00 15.30 ? 9   DG  A N3    1 
ATOM   183  C  C4    . DG  A 1 9  ? 8.980   3.675   -6.927  1.00 15.08 ? 9   DG  A C4    1 
ATOM   184  P  P     . DG  A 1 10 ? 9.636   -2.138  -9.625  1.00 19.11 ? 10  DG  A P     1 
ATOM   185  O  OP1   . DG  A 1 10 ? 9.004   -2.784  -10.819 1.00 18.09 ? 10  DG  A OP1   1 
ATOM   186  O  OP2   . DG  A 1 10 ? 10.471  -2.938  -8.700  1.00 20.19 ? 10  DG  A OP2   1 
ATOM   187  O  "O5'" . DG  A 1 10 ? 10.527  -0.914  -10.094 1.00 19.96 ? 10  DG  A "O5'" 1 
ATOM   188  C  "C5'" . DG  A 1 10 ? 10.015  0.002   -11.050 1.00 20.27 ? 10  DG  A "C5'" 1 
ATOM   189  C  "C4'" . DG  A 1 10 ? 11.017  1.103   -11.283 1.00 19.66 ? 10  DG  A "C4'" 1 
ATOM   190  O  "O4'" . DG  A 1 10 ? 11.056  1.960   -10.109 1.00 17.06 ? 10  DG  A "O4'" 1 
ATOM   191  C  "C3'" . DG  A 1 10 ? 12.445  0.588   -11.486 1.00 18.31 ? 10  DG  A "C3'" 1 
ATOM   192  O  "O3'" . DG  A 1 10 ? 13.089  1.284   -12.532 1.00 20.37 ? 10  DG  A "O3'" 1 
ATOM   193  C  "C2'" . DG  A 1 10 ? 13.145  0.937   -10.180 1.00 20.28 ? 10  DG  A "C2'" 1 
ATOM   194  C  "C1'" . DG  A 1 10 ? 12.420  2.226   -9.822  1.00 14.67 ? 10  DG  A "C1'" 1 
ATOM   195  N  N9    . DG  A 1 10 ? 12.496  2.674   -8.440  1.00 16.97 ? 10  DG  A N9    1 
ATOM   196  C  C8    . DG  A 1 10 ? 12.728  1.926   -7.314  1.00 17.12 ? 10  DG  A C8    1 
ATOM   197  N  N7    . DG  A 1 10 ? 12.714  2.638   -6.218  1.00 15.44 ? 10  DG  A N7    1 
ATOM   198  C  C5    . DG  A 1 10 ? 12.462  3.937   -6.649  1.00 17.85 ? 10  DG  A C5    1 
ATOM   199  C  C6    . DG  A 1 10 ? 12.321  5.167   -5.909  1.00 16.60 ? 10  DG  A C6    1 
ATOM   200  O  O6    . DG  A 1 10 ? 12.383  5.340   -4.689  1.00 15.26 ? 10  DG  A O6    1 
ATOM   201  N  N1    . DG  A 1 10 ? 12.064  6.261   -6.757  1.00 12.69 ? 10  DG  A N1    1 
ATOM   202  C  C2    . DG  A 1 10 ? 11.939  6.169   -8.124  1.00 11.21 ? 10  DG  A C2    1 
ATOM   203  N  N2    . DG  A 1 10 ? 11.705  7.315   -8.791  1.00 13.77 ? 10  DG  A N2    1 
ATOM   204  N  N3    . DG  A 1 10 ? 12.046  5.032   -8.809  1.00 12.39 ? 10  DG  A N3    1 
ATOM   205  C  C4    . DG  A 1 10 ? 12.317  3.973   -8.015  1.00 12.82 ? 10  DG  A C4    1 
ATOM   206  O  "O5'" . DC  B 1 1  ? 9.654   14.666  -5.089  1.00 17.73 ? 1   DC  B "O5'" 1 
ATOM   207  C  "C5'" . DC  B 1 1  ? 10.940  15.297  -5.316  1.00 15.36 ? 1   DC  B "C5'" 1 
ATOM   208  C  "C4'" . DC  B 1 1  ? 11.715  14.641  -6.436  1.00 16.73 ? 1   DC  B "C4'" 1 
ATOM   209  O  "O4'" . DC  B 1 1  ? 12.274  13.413  -5.915  1.00 15.39 ? 1   DC  B "O4'" 1 
ATOM   210  C  "C3'" . DC  B 1 1  ? 10.884  14.242  -7.661  1.00 17.04 ? 1   DC  B "C3'" 1 
ATOM   211  O  "O3'" . DC  B 1 1  ? 11.648  14.466  -8.843  1.00 16.14 ? 1   DC  B "O3'" 1 
ATOM   212  C  "C2'" . DC  B 1 1  ? 10.683  12.749  -7.498  1.00 13.10 ? 1   DC  B "C2'" 1 
ATOM   213  C  "C1'" . DC  B 1 1  ? 11.906  12.311  -6.724  1.00 13.41 ? 1   DC  B "C1'" 1 
ATOM   214  N  N1    . DC  B 1 1  ? 11.700  11.157  -5.835  1.00 13.35 ? 1   DC  B N1    1 
ATOM   215  C  C2    . DC  B 1 1  ? 11.843  9.884   -6.379  1.00 12.13 ? 1   DC  B C2    1 
ATOM   216  O  O2    . DC  B 1 1  ? 12.052  9.786   -7.590  1.00 14.38 ? 1   DC  B O2    1 
ATOM   217  N  N3    . DC  B 1 1  ? 11.746  8.803   -5.580  1.00 13.00 ? 1   DC  B N3    1 
ATOM   218  C  C4    . DC  B 1 1  ? 11.499  8.962   -4.275  1.00 12.37 ? 1   DC  B C4    1 
ATOM   219  N  N4    . DC  B 1 1  ? 11.487  7.857   -3.504  1.00 12.62 ? 1   DC  B N4    1 
ATOM   220  C  C5    . DC  B 1 1  ? 11.288  10.253  -3.699  1.00 13.04 ? 1   DC  B C5    1 
ATOM   221  C  C6    . DC  B 1 1  ? 11.402  11.317  -4.511  1.00 10.24 ? 1   DC  B C6    1 
ATOM   222  P  P     . DC  B 1 2  ? 11.011  15.258  -10.071 1.00 17.70 ? 2   DC  B P     1 
ATOM   223  O  OP1   . DC  B 1 2  ? 12.128  15.532  -11.002 1.00 17.88 ? 2   DC  B OP1   1 
ATOM   224  O  OP2   . DC  B 1 2  ? 10.167  16.373  -9.560  1.00 21.03 ? 2   DC  B OP2   1 
ATOM   225  O  "O5'" . DC  B 1 2  ? 10.027  14.201  -10.736 1.00 15.60 ? 2   DC  B "O5'" 1 
ATOM   226  C  "C5'" . DC  B 1 2  ? 10.539  13.170  -11.576 1.00 17.67 ? 2   DC  B "C5'" 1 
ATOM   227  C  "C4'" . DC  B 1 2  ? 9.442   12.180  -11.881 1.00 13.84 ? 2   DC  B "C4'" 1 
ATOM   228  O  "O4'" . DC  B 1 2  ? 9.275   11.265  -10.767 1.00 15.12 ? 2   DC  B "O4'" 1 
ATOM   229  C  "C3'" . DC  B 1 2  ? 8.073   12.816  -12.114 1.00 18.75 ? 2   DC  B "C3'" 1 
ATOM   230  O  "O3'" . DC  B 1 2  ? 7.394   12.057  -13.106 1.00 19.78 ? 2   DC  B "O3'" 1 
ATOM   231  C  "C2'" . DC  B 1 2  ? 7.362   12.615  -10.787 1.00 15.84 ? 2   DC  B "C2'" 1 
ATOM   232  C  "C1'" . DC  B 1 2  ? 7.888   11.247  -10.421 1.00 15.47 ? 2   DC  B "C1'" 1 
ATOM   233  N  N1    . DC  B 1 2  ? 7.803   10.835  -9.022  1.00 11.69 ? 2   DC  B N1    1 
ATOM   234  C  C2    . DC  B 1 2  ? 8.101   9.520   -8.760  1.00 10.47 ? 2   DC  B C2    1 
ATOM   235  O  O2    . DC  B 1 2  ? 8.325   8.767   -9.720  1.00 13.48 ? 2   DC  B O2    1 
ATOM   236  N  N3    . DC  B 1 2  ? 8.153   9.087   -7.490  1.00 13.48 ? 2   DC  B N3    1 
ATOM   237  C  C4    . DC  B 1 2  ? 7.924   9.930   -6.492  1.00 12.03 ? 2   DC  B C4    1 
ATOM   238  N  N4    . DC  B 1 2  ? 8.073   9.449   -5.247  1.00 12.62 ? 2   DC  B N4    1 
ATOM   239  C  C5    . DC  B 1 2  ? 7.552   11.288  -6.719  1.00 10.54 ? 2   DC  B C5    1 
ATOM   240  C  C6    . DC  B 1 2  ? 7.491   11.701  -7.997  1.00 11.87 ? 2   DC  B C6    1 
ATOM   241  P  P     . DA  B 1 3  ? 7.294   12.618  -14.605 1.00 24.31 ? 3   DA  B P     1 
ATOM   242  O  OP1   . DA  B 1 3  ? 8.654   13.021  -15.008 1.00 24.90 ? 3   DA  B OP1   1 
ATOM   243  O  OP2   . DA  B 1 3  ? 6.201   13.582  -14.666 1.00 24.96 ? 3   DA  B OP2   1 
ATOM   244  O  "O5'" . DA  B 1 3  ? 6.916   11.308  -15.428 1.00 19.73 ? 3   DA  B "O5'" 1 
ATOM   245  C  "C5'" . DA  B 1 3  ? 7.882   10.296  -15.650 1.00 15.79 ? 3   DA  B "C5'" 1 
ATOM   246  C  "C4'" . DA  B 1 3  ? 7.199   8.952   -15.734 1.00 24.66 ? 3   DA  B "C4'" 1 
ATOM   247  O  "O4'" . DA  B 1 3  ? 6.732   8.529   -14.424 1.00 18.71 ? 3   DA  B "O4'" 1 
ATOM   248  C  "C3'" . DA  B 1 3  ? 5.974   8.951   -16.639 1.00 21.61 ? 3   DA  B "C3'" 1 
ATOM   249  O  "O3'" . DA  B 1 3  ? 5.964   7.699   -17.314 1.00 22.14 ? 3   DA  B "O3'" 1 
ATOM   250  C  "C2'" . DA  B 1 3  ? 4.818   9.130   -15.666 1.00 16.40 ? 3   DA  B "C2'" 1 
ATOM   251  C  "C1'" . DA  B 1 3  ? 5.311   8.458   -14.371 1.00 13.74 ? 3   DA  B "C1'" 1 
ATOM   252  N  N9    . DA  B 1 3  ? 4.910   9.133   -13.127 1.00 16.48 ? 3   DA  B N9    1 
ATOM   253  C  C8    . DA  B 1 3  ? 4.472   10.424  -12.983 1.00 17.35 ? 3   DA  B C8    1 
ATOM   254  N  N7    . DA  B 1 3  ? 4.314   10.798  -11.738 1.00 18.37 ? 3   DA  B N7    1 
ATOM   255  C  C5    . DA  B 1 3  ? 4.640   9.673   -11.010 1.00 15.43 ? 3   DA  B C5    1 
ATOM   256  C  C6    . DA  B 1 3  ? 4.687   9.425   -9.625  1.00 15.82 ? 3   DA  B C6    1 
ATOM   257  N  N6    . DA  B 1 3  ? 4.432   10.352  -8.685  1.00 17.95 ? 3   DA  B N6    1 
ATOM   258  N  N1    . DA  B 1 3  ? 5.021   8.181   -9.230  1.00 15.48 ? 3   DA  B N1    1 
ATOM   259  C  C2    . DA  B 1 3  ? 5.315   7.266   -10.162 1.00 16.66 ? 3   DA  B C2    1 
ATOM   260  N  N3    . DA  B 1 3  ? 5.334   7.382   -11.488 1.00 13.98 ? 3   DA  B N3    1 
ATOM   261  C  C4    . DA  B 1 3  ? 4.979   8.623   -11.854 1.00 12.89 ? 3   DA  B C4    1 
ATOM   262  P  P     . DG  B 1 4  ? 4.802   7.343   -18.364 1.00 23.23 ? 4   DG  B P     1 
ATOM   263  O  OP1   . DG  B 1 4  ? 5.454   6.506   -19.394 1.00 24.64 ? 4   DG  B OP1   1 
ATOM   264  O  OP2   . DG  B 1 4  ? 4.021   8.539   -18.782 1.00 25.01 ? 4   DG  B OP2   1 
ATOM   265  O  "O5'" . DG  B 1 4  ? 3.850   6.403   -17.502 1.00 22.68 ? 4   DG  B "O5'" 1 
ATOM   266  C  "C5'" . DG  B 1 4  ? 4.386   5.286   -16.802 1.00 16.15 ? 4   DG  B "C5'" 1 
ATOM   267  C  "C4'" . DG  B 1 4  ? 3.352   4.755   -15.839 1.00 19.44 ? 4   DG  B "C4'" 1 
ATOM   268  O  "O4'" . DG  B 1 4  ? 3.196   5.630   -14.690 1.00 16.91 ? 4   DG  B "O4'" 1 
ATOM   269  C  "C3'" . DG  B 1 4  ? 1.961   4.623   -16.452 1.00 18.64 ? 4   DG  B "C3'" 1 
ATOM   270  O  "O3'" . DG  B 1 4  ? 1.333   3.499   -15.837 1.00 23.83 ? 4   DG  B "O3'" 1 
ATOM   271  C  "C2'" . DG  B 1 4  ? 1.254   5.861   -15.931 1.00 19.92 ? 4   DG  B "C2'" 1 
ATOM   272  C  "C1'" . DG  B 1 4  ? 1.815   5.864   -14.523 1.00 14.09 ? 4   DG  B "C1'" 1 
ATOM   273  N  N9    . DG  B 1 4  ? 1.643   7.075   -13.732 1.00 15.25 ? 4   DG  B N9    1 
ATOM   274  C  C8    . DG  B 1 4  ? 1.354   8.353   -14.164 1.00 17.07 ? 4   DG  B C8    1 
ATOM   275  N  N7    . DG  B 1 4  ? 1.233   9.209   -13.179 1.00 16.43 ? 4   DG  B N7    1 
ATOM   276  C  C5    . DG  B 1 4  ? 1.456   8.451   -12.030 1.00 13.62 ? 4   DG  B C5    1 
ATOM   277  C  C6    . DG  B 1 4  ? 1.439   8.816   -10.653 1.00 10.93 ? 4   DG  B C6    1 
ATOM   278  O  O6    . DG  B 1 4  ? 1.218   9.939   -10.148 1.00 16.14 ? 4   DG  B O6    1 
ATOM   279  N  N1    . DG  B 1 4  ? 1.729   7.732   -9.829  1.00 15.26 ? 4   DG  B N1    1 
ATOM   280  C  C2    . DG  B 1 4  ? 1.998   6.463   -10.263 1.00 13.49 ? 4   DG  B C2    1 
ATOM   281  N  N2    . DG  B 1 4  ? 2.270   5.542   -9.313  1.00 14.09 ? 4   DG  B N2    1 
ATOM   282  N  N3    . DG  B 1 4  ? 2.001   6.103   -11.540 1.00 12.96 ? 4   DG  B N3    1 
ATOM   283  C  C4    . DG  B 1 4  ? 1.728   7.139   -12.358 1.00 12.16 ? 4   DG  B C4    1 
HETATM 284  P  P     . G47 B 1 5  ? 1.080   2.146   -16.669 1.00 22.32 ? 5   G47 B P     1 
HETATM 285  O  O1P   . G47 B 1 5  ? 2.344   1.735   -17.359 1.00 23.26 ? 5   G47 B O1P   1 
HETATM 286  O  O2P   . G47 B 1 5  ? -0.156  2.309   -17.427 1.00 19.10 ? 5   G47 B O2P   1 
HETATM 287  O  "O5'" . G47 B 1 5  ? 0.812   1.104   -15.491 1.00 20.03 ? 5   G47 B "O5'" 1 
HETATM 288  C  "C5'" . G47 B 1 5  ? 1.841   0.781   -14.560 1.00 25.89 ? 5   G47 B "C5'" 1 
HETATM 289  C  "C4'" . G47 B 1 5  ? 1.268   0.558   -13.176 1.00 18.86 ? 5   G47 B "C4'" 1 
HETATM 290  O  "O4'" . G47 B 1 5  ? 0.984   1.801   -12.494 1.00 17.26 ? 5   G47 B "O4'" 1 
HETATM 291  C  "C3'" . G47 B 1 5  ? -0.016  -0.269  -13.103 1.00 15.20 ? 5   G47 B "C3'" 1 
HETATM 292  O  "O3'" . G47 B 1 5  ? 0.115   -1.128  -11.966 1.00 18.99 ? 5   G47 B "O3'" 1 
HETATM 293  C  "C2'" . G47 B 1 5  ? -1.097  0.780   -12.909 1.00 15.43 ? 5   G47 B "C2'" 1 
HETATM 294  C  "C1'" . G47 B 1 5  ? -0.386  1.878   -12.110 1.00 13.46 ? 5   G47 B "C1'" 1 
HETATM 295  N  N9    . G47 B 1 5  ? -0.836  3.241   -12.396 1.00 13.23 ? 5   G47 B N9    1 
HETATM 296  C  C8    . G47 B 1 5  ? -1.069  3.785   -13.632 1.00 17.38 ? 5   G47 B C8    1 
HETATM 297  N  N7    . G47 B 1 5  ? -1.367  5.057   -13.588 1.00 17.28 ? 5   G47 B N7    1 
HETATM 298  C  C5    . G47 B 1 5  ? -1.351  5.368   -12.238 1.00 13.93 ? 5   G47 B C5    1 
HETATM 299  C  C6    . G47 B 1 5  ? -1.587  6.595   -11.585 1.00 16.89 ? 5   G47 B C6    1 
HETATM 300  O  O6    . G47 B 1 5  ? -1.839  7.683   -12.094 1.00 16.35 ? 5   G47 B O6    1 
HETATM 301  N  N1    . G47 B 1 5  ? -1.498  6.473   -10.199 1.00 14.72 ? 5   G47 B N1    1 
HETATM 302  C  C2    . G47 B 1 5  ? -1.183  5.314   -9.537  1.00 17.78 ? 5   G47 B C2    1 
HETATM 303  N  N2    . G47 B 1 5  ? -1.143  5.404   -8.202  1.00 13.96 ? 5   G47 B N2    1 
HETATM 304  N  N3    . G47 B 1 5  ? -0.927  4.157   -10.145 1.00 16.46 ? 5   G47 B N3    1 
HETATM 305  C  C4    . G47 B 1 5  ? -1.044  4.255   -11.482 1.00 14.49 ? 5   G47 B C4    1 
HETATM 306  C  C6A   . G47 B 1 5  ? -0.798  4.211   -7.306  1.00 18.66 ? 5   G47 B C6A   1 
HETATM 307  C  C7A   . G47 B 1 5  ? -1.358  4.694   -5.977  1.00 27.25 ? 5   G47 B C7A   1 
HETATM 308  S  SG    . G47 B 1 5  ? -3.107  4.121   -5.860  1.00 32.32 ? 5   G47 B SG    1 
ATOM   309  P  P     . DC  B 1 6  ? -1.034  -2.185  -11.595 1.00 18.31 ? 6   DC  B P     1 
ATOM   310  O  OP1   . DC  B 1 6  ? -0.337  -3.311  -10.916 1.00 19.69 ? 6   DC  B OP1   1 
ATOM   311  O  OP2   . DC  B 1 6  ? -1.959  -2.446  -12.724 1.00 19.75 ? 6   DC  B OP2   1 
ATOM   312  O  "O5'" . DC  B 1 6  ? -1.882  -1.456  -10.463 1.00 16.32 ? 6   DC  B "O5'" 1 
ATOM   313  C  "C5'" . DC  B 1 6  ? -1.223  -0.941  -9.335  1.00 14.28 ? 6   DC  B "C5'" 1 
ATOM   314  C  "C4'" . DC  B 1 6  ? -2.169  -0.086  -8.532  1.00 18.65 ? 6   DC  B "C4'" 1 
ATOM   315  O  "O4'" . DC  B 1 6  ? -2.453  1.144   -9.233  1.00 17.20 ? 6   DC  B "O4'" 1 
ATOM   316  C  "C3'" . DC  B 1 6  ? -3.529  -0.704  -8.208  1.00 16.05 ? 6   DC  B "C3'" 1 
ATOM   317  O  "O3'" . DC  B 1 6  ? -3.687  -0.564  -6.798  1.00 19.90 ? 6   DC  B "O3'" 1 
ATOM   318  C  "C2'" . DC  B 1 6  ? -4.520  0.154   -8.990  1.00 18.85 ? 6   DC  B "C2'" 1 
ATOM   319  C  "C1'" . DC  B 1 6  ? -3.815  1.491   -9.036  1.00 16.15 ? 6   DC  B "C1'" 1 
ATOM   320  N  N1    . DC  B 1 6  ? -4.189  2.431   -10.117 1.00 13.36 ? 6   DC  B N1    1 
ATOM   321  C  C2    . DC  B 1 6  ? -4.488  3.770   -9.785  1.00 15.91 ? 6   DC  B C2    1 
ATOM   322  O  O2    . DC  B 1 6  ? -4.567  4.096   -8.598  1.00 19.68 ? 6   DC  B O2    1 
ATOM   323  N  N3    . DC  B 1 6  ? -4.681  4.664   -10.768 1.00 13.74 ? 6   DC  B N3    1 
ATOM   324  C  C4    . DC  B 1 6  ? -4.620  4.279   -12.043 1.00 14.30 ? 6   DC  B C4    1 
ATOM   325  N  N4    . DC  B 1 6  ? -4.775  5.215   -12.980 1.00 16.87 ? 6   DC  B N4    1 
ATOM   326  C  C5    . DC  B 1 6  ? -4.382  2.919   -12.411 1.00 13.57 ? 6   DC  B C5    1 
ATOM   327  C  C6    . DC  B 1 6  ? -4.181  2.037   -11.420 1.00 13.03 ? 6   DC  B C6    1 
ATOM   328  P  P     . DC  B 1 7  ? -4.911  -1.256  -6.045  1.00 18.00 ? 7   DC  B P     1 
ATOM   329  O  OP1   . DC  B 1 7  ? -4.391  -1.812  -4.766  1.00 22.75 ? 7   DC  B OP1   1 
ATOM   330  O  OP2   . DC  B 1 7  ? -5.717  -2.113  -6.936  1.00 17.40 ? 7   DC  B OP2   1 
ATOM   331  O  "O5'" . DC  B 1 7  ? -5.819  -0.006  -5.656  1.00 15.54 ? 7   DC  B "O5'" 1 
ATOM   332  C  "C5'" . DC  B 1 7  ? -5.256  1.050   -4.899  1.00 14.76 ? 7   DC  B "C5'" 1 
ATOM   333  C  "C4'" . DC  B 1 7  ? -6.270  2.148   -4.717  1.00 18.38 ? 7   DC  B "C4'" 1 
ATOM   334  O  "O4'" . DC  B 1 7  ? -6.459  2.853   -5.964  1.00 17.52 ? 7   DC  B "O4'" 1 
ATOM   335  C  "C3'" . DC  B 1 7  ? -7.655  1.683   -4.276  1.00 19.30 ? 7   DC  B "C3'" 1 
ATOM   336  O  "O3'" . DC  B 1 7  ? -8.045  2.568   -3.222  1.00 22.44 ? 7   DC  B "O3'" 1 
ATOM   337  C  "C2'" . DC  B 1 7  ? -8.509  1.835   -5.528  1.00 19.17 ? 7   DC  B "C2'" 1 
ATOM   338  C  "C1'" . DC  B 1 7  ? -7.852  3.020   -6.215  1.00 17.30 ? 7   DC  B "C1'" 1 
ATOM   339  N  N1    . DC  B 1 7  ? -8.019  3.089   -7.677  1.00 14.84 ? 7   DC  B N1    1 
ATOM   340  C  C2    . DC  B 1 7  ? -8.332  4.322   -8.280  1.00 15.61 ? 7   DC  B C2    1 
ATOM   341  O  O2    . DC  B 1 7  ? -8.646  5.292   -7.568  1.00 15.06 ? 7   DC  B O2    1 
ATOM   342  N  N3    . DC  B 1 7  ? -8.300  4.413   -9.625  1.00 15.52 ? 7   DC  B N3    1 
ATOM   343  C  C4    . DC  B 1 7  ? -8.001  3.342   -10.367 1.00 15.72 ? 7   DC  B C4    1 
ATOM   344  N  N4    . DC  B 1 7  ? -7.882  3.509   -11.689 1.00 15.13 ? 7   DC  B N4    1 
ATOM   345  C  C5    . DC  B 1 7  ? -7.786  2.058   -9.781  1.00 12.70 ? 7   DC  B C5    1 
ATOM   346  C  C6    . DC  B 1 7  ? -7.810  1.979   -8.447  1.00 16.67 ? 7   DC  B C6    1 
ATOM   347  P  P     . DT  B 1 8  ? -9.154  2.112   -2.148  1.00 23.19 ? 8   DT  B P     1 
ATOM   348  O  OP1   . DT  B 1 8  ? -8.721  2.560   -0.801  1.00 28.68 ? 8   DT  B OP1   1 
ATOM   349  O  OP2   . DT  B 1 8  ? -9.587  0.714   -2.380  1.00 21.91 ? 8   DT  B OP2   1 
ATOM   350  O  "O5'" . DT  B 1 8  ? -10.394 3.003   -2.575  1.00 23.25 ? 8   DT  B "O5'" 1 
ATOM   351  C  "C5'" . DT  B 1 8  ? -10.302 4.411   -2.498  1.00 29.75 ? 8   DT  B "C5'" 1 
ATOM   352  C  "C4'" . DT  B 1 8  ? -11.467 5.032   -3.224  1.00 23.69 ? 8   DT  B "C4'" 1 
ATOM   353  O  "O4'" . DT  B 1 8  ? -11.278 4.874   -4.651  1.00 16.55 ? 8   DT  B "O4'" 1 
ATOM   354  C  "C3'" . DT  B 1 8  ? -12.802 4.363   -2.903  1.00 18.74 ? 8   DT  B "C3'" 1 
ATOM   355  O  "O3'" . DT  B 1 8  ? -13.773 5.368   -2.682  1.00 20.87 ? 8   DT  B "O3'" 1 
ATOM   356  C  "C2'" . DT  B 1 8  ? -13.140 3.601   -4.174  1.00 17.17 ? 8   DT  B "C2'" 1 
ATOM   357  C  "C1'" . DT  B 1 8  ? -12.518 4.510   -5.212  1.00 15.98 ? 8   DT  B "C1'" 1 
ATOM   358  N  N1    . DT  B 1 8  ? -12.248 3.928   -6.537  1.00 12.86 ? 8   DT  B N1    1 
ATOM   359  C  C2    . DT  B 1 8  ? -12.250 4.809   -7.585  1.00 14.24 ? 8   DT  B C2    1 
ATOM   360  O  O2    . DT  B 1 8  ? -12.489 5.986   -7.450  1.00 14.77 ? 8   DT  B O2    1 
ATOM   361  N  N3    . DT  B 1 8  ? -11.950 4.256   -8.800  1.00 13.03 ? 8   DT  B N3    1 
ATOM   362  C  C4    . DT  B 1 8  ? -11.627 2.945   -9.062  1.00 15.50 ? 8   DT  B C4    1 
ATOM   363  O  O4    . DT  B 1 8  ? -11.314 2.617   -10.194 1.00 16.44 ? 8   DT  B O4    1 
ATOM   364  C  C5    . DT  B 1 8  ? -11.672 2.065   -7.918  1.00 18.86 ? 8   DT  B C5    1 
ATOM   365  C  C7    . DT  B 1 8  ? -11.373 0.606   -8.106  1.00 16.47 ? 8   DT  B C7    1 
ATOM   366  C  C6    . DT  B 1 8  ? -11.981 2.596   -6.729  1.00 14.89 ? 8   DT  B C6    1 
ATOM   367  P  P     . DG  B 1 9  ? -13.964 5.945   -1.197  1.00 23.57 ? 9   DG  B P     1 
ATOM   368  O  OP1   . DG  B 1 9  ? -12.647 6.342   -0.650  1.00 23.57 ? 9   DG  B OP1   1 
ATOM   369  O  OP2   . DG  B 1 9  ? -14.785 4.927   -0.505  1.00 27.08 ? 9   DG  B OP2   1 
ATOM   370  O  "O5'" . DG  B 1 9  ? -14.823 7.266   -1.426  1.00 25.27 ? 9   DG  B "O5'" 1 
ATOM   371  C  "C5'" . DG  B 1 9  ? -14.247 8.408   -2.039  1.00 15.86 ? 9   DG  B "C5'" 1 
ATOM   372  C  "C4'" . DG  B 1 9  ? -15.205 8.996   -3.046  1.00 16.74 ? 9   DG  B "C4'" 1 
ATOM   373  O  "O4'" . DG  B 1 9  ? -15.230 8.194   -4.251  1.00 14.44 ? 9   DG  B "O4'" 1 
ATOM   374  C  "C3'" . DG  B 1 9  ? -16.656 9.090   -2.583  1.00 16.89 ? 9   DG  B "C3'" 1 
ATOM   375  O  "O3'" . DG  B 1 9  ? -17.234 10.183  -3.289  1.00 20.66 ? 9   DG  B "O3'" 1 
ATOM   376  C  "C2'" . DG  B 1 9  ? -17.259 7.820   -3.148  1.00 14.16 ? 9   DG  B "C2'" 1 
ATOM   377  C  "C1'" . DG  B 1 9  ? -16.556 7.760   -4.495  1.00 12.33 ? 9   DG  B "C1'" 1 
ATOM   378  N  N9    . DG  B 1 9  ? -16.451 6.428   -5.084  1.00 13.42 ? 9   DG  B N9    1 
ATOM   379  C  C8    . DG  B 1 9  ? -16.595 5.213   -4.464  1.00 18.35 ? 9   DG  B C8    1 
ATOM   380  N  N7    . DG  B 1 9  ? -16.336 4.205   -5.258  1.00 18.09 ? 9   DG  B N7    1 
ATOM   381  C  C5    . DG  B 1 9  ? -16.022 4.800   -6.474  1.00 13.13 ? 9   DG  B C5    1 
ATOM   382  C  C6    . DG  B 1 9  ? -15.643 4.217   -7.714  1.00 16.46 ? 9   DG  B C6    1 
ATOM   383  O  O6    . DG  B 1 9  ? -15.454 3.024   -7.981  1.00 18.51 ? 9   DG  B O6    1 
ATOM   384  N  N1    . DG  B 1 9  ? -15.452 5.182   -8.693  1.00 13.39 ? 9   DG  B N1    1 
ATOM   385  C  C2    . DG  B 1 9  ? -15.585 6.534   -8.494  1.00 16.17 ? 9   DG  B C2    1 
ATOM   386  N  N2    . DG  B 1 9  ? -15.367 7.310   -9.558  1.00 14.39 ? 9   DG  B N2    1 
ATOM   387  N  N3    . DG  B 1 9  ? -15.911 7.084   -7.342  1.00 14.54 ? 9   DG  B N3    1 
ATOM   388  C  C4    . DG  B 1 9  ? -16.112 6.162   -6.386  1.00 11.17 ? 9   DG  B C4    1 
ATOM   389  P  P     . DG  B 1 10 ? -17.919 11.398  -2.499  1.00 16.96 ? 10  DG  B P     1 
ATOM   390  O  OP1   . DG  B 1 10 ? -16.863 12.156  -1.799  1.00 17.81 ? 10  DG  B OP1   1 
ATOM   391  O  OP2   . DG  B 1 10 ? -19.035 10.806  -1.724  1.00 18.45 ? 10  DG  B OP2   1 
ATOM   392  O  "O5'" . DG  B 1 10 ? -18.454 12.243  -3.723  1.00 18.66 ? 10  DG  B "O5'" 1 
ATOM   393  C  "C5'" . DG  B 1 10 ? -17.574 12.700  -4.734  1.00 16.83 ? 10  DG  B "C5'" 1 
ATOM   394  C  "C4'" . DG  B 1 10 ? -18.278 12.701  -6.072  1.00 17.58 ? 10  DG  B "C4'" 1 
ATOM   395  O  "O4'" . DG  B 1 10 ? -18.327 11.344  -6.571  1.00 14.84 ? 10  DG  B "O4'" 1 
ATOM   396  C  "C3'" . DG  B 1 10 ? -19.722 13.205  -6.069  1.00 13.70 ? 10  DG  B "C3'" 1 
ATOM   397  O  "O3'" . DG  B 1 10 ? -19.993 13.778  -7.356  1.00 15.24 ? 10  DG  B "O3'" 1 
ATOM   398  C  "C2'" . DG  B 1 10 ? -20.524 11.917  -5.948  1.00 17.10 ? 10  DG  B "C2'" 1 
ATOM   399  C  "C1'" . DG  B 1 10 ? -19.672 10.939  -6.771  1.00 10.00 ? 10  DG  B "C1'" 1 
ATOM   400  N  N9    . DG  B 1 10 ? -19.763 9.532   -6.363  1.00 12.94 ? 10  DG  B N9    1 
ATOM   401  C  C8    . DG  B 1 10 ? -20.046 9.036   -5.113  1.00 16.41 ? 10  DG  B C8    1 
ATOM   402  N  N7    . DG  B 1 10 ? -19.990 7.732   -5.053  1.00 17.44 ? 10  DG  B N7    1 
ATOM   403  C  C5    . DG  B 1 10 ? -19.662 7.341   -6.339  1.00 10.03 ? 10  DG  B C5    1 
ATOM   404  C  C6    . DG  B 1 10 ? -19.458 6.039   -6.889  1.00 14.66 ? 10  DG  B C6    1 
ATOM   405  O  O6    . DG  B 1 10 ? -19.487 4.942   -6.313  1.00 15.70 ? 10  DG  B O6    1 
ATOM   406  N  N1    . DG  B 1 10 ? -19.175 6.092   -8.245  1.00 13.08 ? 10  DG  B N1    1 
ATOM   407  C  C2    . DG  B 1 10 ? -19.061 7.238   -8.982  1.00 9.41  ? 10  DG  B C2    1 
ATOM   408  N  N2    . DG  B 1 10 ? -18.760 7.063   -10.245 1.00 14.11 ? 10  DG  B N2    1 
ATOM   409  N  N3    . DG  B 1 10 ? -19.228 8.475   -8.482  1.00 12.75 ? 10  DG  B N3    1 
ATOM   410  C  C4    . DG  B 1 10 ? -19.531 8.443   -7.169  1.00 11.22 ? 10  DG  B C4    1 
ATOM   411  O  "O5'" . DC  C 1 1  ? 19.805  -13.540 9.567   1.00 38.50 ? 1   DC  C "O5'" 1 
ATOM   412  C  "C5'" . DC  C 1 1  ? 20.581  -13.989 10.683  1.00 29.08 ? 1   DC  C "C5'" 1 
ATOM   413  C  "C4'" . DC  C 1 1  ? 20.372  -13.112 11.895  1.00 33.25 ? 1   DC  C "C4'" 1 
ATOM   414  O  "O4'" . DC  C 1 1  ? 20.691  -11.744 11.557  1.00 23.82 ? 1   DC  C "O4'" 1 
ATOM   415  C  "C3'" . DC  C 1 1  ? 18.948  -13.082 12.454  1.00 27.99 ? 1   DC  C "C3'" 1 
ATOM   416  O  "O3'" . DC  C 1 1  ? 19.047  -12.953 13.867  1.00 26.57 ? 1   DC  C "O3'" 1 
ATOM   417  C  "C2'" . DC  C 1 1  ? 18.363  -11.819 11.844  1.00 24.67 ? 1   DC  C "C2'" 1 
ATOM   418  C  "C1'" . DC  C 1 1  ? 19.564  -10.893 11.769  1.00 20.68 ? 1   DC  C "C1'" 1 
ATOM   419  N  N1    . DC  C 1 1  ? 19.519  -9.954  10.636  1.00 16.91 ? 1   DC  C N1    1 
ATOM   420  C  C2    . DC  C 1 1  ? 19.490  -8.590  10.890  1.00 18.81 ? 1   DC  C C2    1 
ATOM   421  O  O2    . DC  C 1 1  ? 19.442  -8.200  12.071  1.00 19.14 ? 1   DC  C O2    1 
ATOM   422  N  N3    . DC  C 1 1  ? 19.515  -7.725  9.841   1.00 13.93 ? 1   DC  C N3    1 
ATOM   423  C  C4    . DC  C 1 1  ? 19.543  -8.190  8.594   1.00 12.05 ? 1   DC  C C4    1 
ATOM   424  N  N4    . DC  C 1 1  ? 19.575  -7.296  7.583   1.00 16.11 ? 1   DC  C N4    1 
ATOM   425  C  C5    . DC  C 1 1  ? 19.542  -9.580  8.310   1.00 16.45 ? 1   DC  C C5    1 
ATOM   426  C  C6    . DC  C 1 1  ? 19.528  -10.419 9.353   1.00 19.58 ? 1   DC  C C6    1 
ATOM   427  P  P     . DC  C 1 2  ? 17.876  -13.479 14.817  1.00 29.78 ? 2   DC  C P     1 
ATOM   428  O  OP1   . DC  C 1 2  ? 18.466  -13.612 16.182  1.00 28.56 ? 2   DC  C OP1   1 
ATOM   429  O  OP2   . DC  C 1 2  ? 17.167  -14.623 14.194  1.00 23.12 ? 2   DC  C OP2   1 
ATOM   430  O  "O5'" . DC  C 1 2  ? 16.822  -12.282 14.827  1.00 25.66 ? 2   DC  C "O5'" 1 
ATOM   431  C  "C5'" . DC  C 1 2  ? 16.999  -11.171 15.692  1.00 26.67 ? 2   DC  C "C5'" 1 
ATOM   432  C  "C4'" . DC  C 1 2  ? 15.905  -10.159 15.453  1.00 18.35 ? 2   DC  C "C4'" 1 
ATOM   433  O  "O4'" . DC  C 1 2  ? 16.163  -9.450  14.221  1.00 18.93 ? 2   DC  C "O4'" 1 
ATOM   434  C  "C3'" . DC  C 1 2  ? 14.493  -10.723 15.314  1.00 19.25 ? 2   DC  C "C3'" 1 
ATOM   435  O  "O3'" . DC  C 1 2  ? 13.580  -9.812  15.931  1.00 21.12 ? 2   DC  C "O3'" 1 
ATOM   436  C  "C2'" . DC  C 1 2  ? 14.249  -10.660 13.817  1.00 23.81 ? 2   DC  C "C2'" 1 
ATOM   437  C  "C1'" . DC  C 1 2  ? 14.964  -9.362  13.502  1.00 18.43 ? 2   DC  C "C1'" 1 
ATOM   438  N  N1    . DC  C 1 2  ? 15.305  -9.097  12.101  1.00 16.02 ? 2   DC  C N1    1 
ATOM   439  C  C2    . DC  C 1 2  ? 15.604  -7.784  11.732  1.00 15.15 ? 2   DC  C C2    1 
ATOM   440  O  O2    . DC  C 1 2  ? 15.525  -6.890  12.588  1.00 16.25 ? 2   DC  C O2    1 
ATOM   441  N  N3    . DC  C 1 2  ? 15.951  -7.529  10.460  1.00 16.13 ? 2   DC  C N3    1 
ATOM   442  C  C4    . DC  C 1 2  ? 15.987  -8.517  9.558   1.00 14.10 ? 2   DC  C C4    1 
ATOM   443  N  N4    . DC  C 1 2  ? 16.344  -8.216  8.312   1.00 15.13 ? 2   DC  C N4    1 
ATOM   444  C  C5    . DC  C 1 2  ? 15.659  -9.855  9.899   1.00 17.93 ? 2   DC  C C5    1 
ATOM   445  C  C6    . DC  C 1 2  ? 15.337  -10.097 11.176  1.00 16.75 ? 2   DC  C C6    1 
ATOM   446  P  P     . DA  C 1 3  ? 12.889  -10.169 17.343  1.00 20.98 ? 3   DA  C P     1 
ATOM   447  O  OP1   . DA  C 1 3  ? 13.891  -10.734 18.274  1.00 25.63 ? 3   DA  C OP1   1 
ATOM   448  O  OP2   . DA  C 1 3  ? 11.646  -10.931 17.057  1.00 19.43 ? 3   DA  C OP2   1 
ATOM   449  O  "O5'" . DA  C 1 3  ? 12.462  -8.732  17.897  1.00 20.23 ? 3   DA  C "O5'" 1 
ATOM   450  C  "C5'" . DA  C 1 3  ? 13.440  -7.825  18.398  1.00 18.13 ? 3   DA  C "C5'" 1 
ATOM   451  C  "C4'" . DA  C 1 3  ? 13.023  -6.394  18.140  1.00 18.38 ? 3   DA  C "C4'" 1 
ATOM   452  O  "O4'" . DA  C 1 3  ? 13.059  -6.126  16.727  1.00 21.61 ? 3   DA  C "O4'" 1 
ATOM   453  C  "C3'" . DA  C 1 3  ? 11.626  -5.998  18.606  1.00 19.78 ? 3   DA  C "C3'" 1 
ATOM   454  O  "O3'" . DA  C 1 3  ? 11.701  -4.661  19.108  1.00 23.89 ? 3   DA  C "O3'" 1 
ATOM   455  C  "C2'" . DA  C 1 3  ? 10.782  -6.121  17.341  1.00 19.28 ? 3   DA  C "C2'" 1 
ATOM   456  C  "C1'" . DA  C 1 3  ? 11.771  -5.839  16.212  1.00 17.26 ? 3   DA  C "C1'" 1 
ATOM   457  N  N9    . DA  C 1 3  ? 11.615  -6.669  15.017  1.00 14.03 ? 3   DA  C N9    1 
ATOM   458  C  C8    . DA  C 1 3  ? 11.193  -7.977  14.969  1.00 15.62 ? 3   DA  C C8    1 
ATOM   459  N  N7    . DA  C 1 3  ? 11.282  -8.522  13.782  1.00 17.57 ? 3   DA  C N7    1 
ATOM   460  C  C5    . DA  C 1 3  ? 11.769  -7.501  12.985  1.00 11.63 ? 3   DA  C C5    1 
ATOM   461  C  C6    . DA  C 1 3  ? 12.125  -7.454  11.633  1.00 15.77 ? 3   DA  C C6    1 
ATOM   462  N  N6    . DA  C 1 3  ? 12.087  -8.506  10.813  1.00 18.84 ? 3   DA  C N6    1 
ATOM   463  N  N1    . DA  C 1 3  ? 12.554  -6.273  11.145  1.00 14.79 ? 3   DA  C N1    1 
ATOM   464  C  C2    . DA  C 1 3  ? 12.619  -5.236  11.971  1.00 10.86 ? 3   DA  C C2    1 
ATOM   465  N  N3    . DA  C 1 3  ? 12.357  -5.161  13.263  1.00 15.53 ? 3   DA  C N3    1 
ATOM   466  C  C4    . DA  C 1 3  ? 11.934  -6.339  13.723  1.00 16.28 ? 3   DA  C C4    1 
ATOM   467  P  P     . DG  C 1 4  ? 10.411  -3.963  19.764  1.00 21.28 ? 4   DG  C P     1 
ATOM   468  O  OP1   . DG  C 1 4  ? 10.959  -3.035  20.804  1.00 23.79 ? 4   DG  C OP1   1 
ATOM   469  O  OP2   . DG  C 1 4  ? 9.383   -4.964  20.131  1.00 19.28 ? 4   DG  C OP2   1 
ATOM   470  O  "O5'" . DG  C 1 4  ? 9.847   -3.101  18.541  1.00 17.55 ? 4   DG  C "O5'" 1 
ATOM   471  C  "C5'" . DG  C 1 4  ? 10.711  -2.189  17.891  1.00 22.33 ? 4   DG  C "C5'" 1 
ATOM   472  C  "C4'" . DG  C 1 4  ? 10.069  -1.634  16.646  1.00 14.95 ? 4   DG  C "C4'" 1 
ATOM   473  O  "O4'" . DG  C 1 4  ? 10.074  -2.594  15.570  1.00 15.43 ? 4   DG  C "O4'" 1 
ATOM   474  C  "C3'" . DG  C 1 4  ? 8.628   -1.163  16.806  1.00 18.16 ? 4   DG  C "C3'" 1 
ATOM   475  O  "O3'" . DG  C 1 4  ? 8.577   0.185   16.321  1.00 14.36 ? 4   DG  C "O3'" 1 
ATOM   476  C  "C2'" . DG  C 1 4  ? 7.829   -2.162  15.975  1.00 14.27 ? 4   DG  C "C2'" 1 
ATOM   477  C  "C1'" . DG  C 1 4  ? 8.829   -2.602  14.928  1.00 12.48 ? 4   DG  C "C1'" 1 
ATOM   478  N  N9    . DG  C 1 4  ? 8.659   -3.928  14.341  1.00 15.49 ? 4   DG  C N9    1 
ATOM   479  C  C8    . DG  C 1 4  ? 8.236   -5.075  14.974  1.00 13.53 ? 4   DG  C C8    1 
ATOM   480  N  N7    . DG  C 1 4  ? 8.219   -6.121  14.182  1.00 14.46 ? 4   DG  C N7    1 
ATOM   481  C  C5    . DG  C 1 4  ? 8.661   -5.636  12.950  1.00 13.03 ? 4   DG  C C5    1 
ATOM   482  C  C6    . DG  C 1 4  ? 8.861   -6.306  11.702  1.00 14.46 ? 4   DG  C C6    1 
ATOM   483  O  O6    . DG  C 1 4  ? 8.666   -7.498  11.419  1.00 12.38 ? 4   DG  C O6    1 
ATOM   484  N  N1    . DG  C 1 4  ? 9.328   -5.435  10.712  1.00 15.11 ? 4   DG  C N1    1 
ATOM   485  C  C2    . DG  C 1 4  ? 9.552   -4.087  10.901  1.00 13.38 ? 4   DG  C C2    1 
ATOM   486  N  N2    . DG  C 1 4  ? 9.974   -3.380  9.821   1.00 15.29 ? 4   DG  C N2    1 
ATOM   487  N  N3    . DG  C 1 4  ? 9.372   -3.466  12.053  1.00 14.52 ? 4   DG  C N3    1 
ATOM   488  C  C4    . DG  C 1 4  ? 8.932   -4.288  13.026  1.00 12.16 ? 4   DG  C C4    1 
HETATM 489  P  P     . G47 C 1 5  ? 7.186   0.973   16.251  1.00 15.12 ? 5   G47 C P     1 
HETATM 490  O  O1P   . G47 C 1 5  ? 7.528   2.406   16.392  1.00 15.86 ? 5   G47 C O1P   1 
HETATM 491  O  O2P   . G47 C 1 5  ? 6.121   0.385   17.062  1.00 16.04 ? 5   G47 C O2P   1 
HETATM 492  O  "O5'" . G47 C 1 5  ? 6.789   0.725   14.732  1.00 14.87 ? 5   G47 C "O5'" 1 
HETATM 493  C  "C5'" . G47 C 1 5  ? 7.691   1.122   13.715  1.00 15.98 ? 5   G47 C "C5'" 1 
HETATM 494  C  "C4'" . G47 C 1 5  ? 7.123   0.813   12.355  1.00 12.14 ? 5   G47 C "C4'" 1 
HETATM 495  O  "O4'" . G47 C 1 5  ? 7.140   -0.613  12.152  1.00 13.09 ? 5   G47 C "O4'" 1 
HETATM 496  C  "C3'" . G47 C 1 5  ? 5.692   1.274   12.070  1.00 12.23 ? 5   G47 C "C3'" 1 
HETATM 497  O  "O3'" . G47 C 1 5  ? 5.713   1.931   10.790  1.00 13.11 ? 5   G47 C "O3'" 1 
HETATM 498  C  "C2'" . G47 C 1 5  ? 4.897   -0.023  12.025  1.00 16.08 ? 5   G47 C "C2'" 1 
HETATM 499  C  "C1'" . G47 C 1 5  ? 5.932   -1.017  11.534  1.00 12.19 ? 5   G47 C "C1'" 1 
HETATM 500  N  N9    . G47 C 1 5  ? 5.708   -2.418  11.893  1.00 15.69 ? 5   G47 C N9    1 
HETATM 501  C  C8    . G47 C 1 5  ? 5.368   -2.924  13.119  1.00 14.41 ? 5   G47 C C8    1 
HETATM 502  N  N7    . G47 C 1 5  ? 5.278   -4.229  13.131  1.00 16.40 ? 5   G47 C N7    1 
HETATM 503  C  C5    . G47 C 1 5  ? 5.583   -4.608  11.824  1.00 9.84  ? 5   G47 C C5    1 
HETATM 504  C  C6    . G47 C 1 5  ? 5.656   -5.915  11.226  1.00 14.81 ? 5   G47 C C6    1 
HETATM 505  O  O6    . G47 C 1 5  ? 5.463   -7.040  11.756  1.00 15.00 ? 5   G47 C O6    1 
HETATM 506  N  N1    . G47 C 1 5  ? 5.983   -5.837  9.882   1.00 12.48 ? 5   G47 C N1    1 
HETATM 507  C  C2    . G47 C 1 5  ? 6.198   -4.666  9.191   1.00 11.56 ? 5   G47 C C2    1 
HETATM 508  N  N2    . G47 C 1 5  ? 6.435   -4.806  7.904   1.00 11.17 ? 5   G47 C N2    1 
HETATM 509  N  N3    . G47 C 1 5  ? 6.161   -3.448  9.740   1.00 11.65 ? 5   G47 C N3    1 
HETATM 510  C  C4    . G47 C 1 5  ? 5.843   -3.501  11.047  1.00 12.15 ? 5   G47 C C4    1 
HETATM 511  C  C6A   . G47 C 1 5  ? 6.498   -3.706  6.924   1.00 16.12 ? 5   G47 C C6A   1 
HETATM 512  C  C7A   . G47 C 1 5  ? 5.730   -4.058  5.632   1.00 17.17 ? 5   G47 C C7A   1 
HETATM 513  S  SG    . G47 C 1 5  ? 3.960   -4.142  5.662   1.00 19.67 ? 5   G47 C SG    1 
ATOM   514  P  P     . DC  C 1 6  ? 4.387   2.603   10.196  1.00 16.58 ? 6   DC  C P     1 
ATOM   515  O  OP1   . DC  C 1 6  ? 4.862   3.637   9.241   1.00 20.73 ? 6   DC  C OP1   1 
ATOM   516  O  OP2   . DC  C 1 6  ? 3.408   2.958   11.233  1.00 17.29 ? 6   DC  C OP2   1 
ATOM   517  O  "O5'" . DC  C 1 6  ? 3.725   1.462   9.316   1.00 14.76 ? 6   DC  C "O5'" 1 
ATOM   518  C  "C5'" . DC  C 1 6  ? 4.506   0.878   8.300   1.00 12.66 ? 6   DC  C "C5'" 1 
ATOM   519  C  "C4'" . DC  C 1 6  ? 3.876   -0.396  7.821   1.00 11.97 ? 6   DC  C "C4'" 1 
ATOM   520  O  "O4'" . DC  C 1 6  ? 3.885   -1.313  8.936   1.00 14.05 ? 6   DC  C "O4'" 1 
ATOM   521  C  "C3'" . DC  C 1 6  ? 2.412   -0.240  7.434   1.00 15.52 ? 6   DC  C "C3'" 1 
ATOM   522  O  "O3'" . DC  C 1 6  ? 2.330   -0.046  6.029   1.00 20.36 ? 6   DC  C "O3'" 1 
ATOM   523  C  "C2'" . DC  C 1 6  ? 1.749   -1.519  7.948   1.00 19.94 ? 6   DC  C "C2'" 1 
ATOM   524  C  "C1'" . DC  C 1 6  ? 2.823   -2.249  8.771   1.00 18.33 ? 6   DC  C "C1'" 1 
ATOM   525  N  N1    . DC  C 1 6  ? 2.348   -2.601  10.128  1.00 14.45 ? 6   DC  C N1    1 
ATOM   526  C  C2    . DC  C 1 6  ? 2.418   -3.922  10.579  1.00 13.90 ? 6   DC  C C2    1 
ATOM   527  O  O2    . DC  C 1 6  ? 2.849   -4.803  9.812   1.00 14.12 ? 6   DC  C O2    1 
ATOM   528  N  N3    . DC  C 1 6  ? 2.013   -4.207  11.839  1.00 15.64 ? 6   DC  C N3    1 
ATOM   529  C  C4    . DC  C 1 6  ? 1.539   -3.232  12.627  1.00 19.16 ? 6   DC  C C4    1 
ATOM   530  N  N4    . DC  C 1 6  ? 1.178   -3.547  13.870  1.00 19.25 ? 6   DC  C N4    1 
ATOM   531  C  C5    . DC  C 1 6  ? 1.424   -1.888  12.176  1.00 19.37 ? 6   DC  C C5    1 
ATOM   532  C  C6    . DC  C 1 6  ? 1.840   -1.618  10.937  1.00 16.20 ? 6   DC  C C6    1 
ATOM   533  P  P     . DC  C 1 7  ? 0.924   0.289   5.345   1.00 20.27 ? 7   DC  C P     1 
ATOM   534  O  OP1   . DC  C 1 7  ? 1.196   1.043   4.102   1.00 22.13 ? 7   DC  C OP1   1 
ATOM   535  O  OP2   . DC  C 1 7  ? -0.059  0.817   6.311   1.00 19.76 ? 7   DC  C OP2   1 
ATOM   536  O  "O5'" . DC  C 1 7  ? 0.441   -1.156  4.922   1.00 16.75 ? 7   DC  C "O5'" 1 
ATOM   537  C  "C5'" . DC  C 1 7  ? 1.302   -1.950  4.134   1.00 18.67 ? 7   DC  C "C5'" 1 
ATOM   538  C  "C4'" . DC  C 1 7  ? 0.619   -3.233  3.749   1.00 22.83 ? 7   DC  C "C4'" 1 
ATOM   539  O  "O4'" . DC  C 1 7  ? 0.505   -4.102  4.891   1.00 18.26 ? 7   DC  C "O4'" 1 
ATOM   540  C  "C3'" . DC  C 1 7  ? -0.782  -3.094  3.173   1.00 18.25 ? 7   DC  C "C3'" 1 
ATOM   541  O  "O3'" . DC  C 1 7  ? -0.826  -3.939  2.035   1.00 25.83 ? 7   DC  C "O3'" 1 
ATOM   542  C  "C2'" . DC  C 1 7  ? -1.690  -3.613  4.282   1.00 19.89 ? 7   DC  C "C2'" 1 
ATOM   543  C  "C1'" . DC  C 1 7  ? -0.805  -4.628  4.994   1.00 18.04 ? 7   DC  C "C1'" 1 
ATOM   544  N  N1    . DC  C 1 7  ? -1.062  -4.818  6.433   1.00 14.82 ? 7   DC  C N1    1 
ATOM   545  C  C2    . DC  C 1 7  ? -1.184  -6.105  6.934   1.00 11.59 ? 7   DC  C C2    1 
ATOM   546  O  O2    . DC  C 1 7  ? -1.315  -7.049  6.134   1.00 14.83 ? 7   DC  C O2    1 
ATOM   547  N  N3    . DC  C 1 7  ? -1.182  -6.290  8.281   1.00 11.56 ? 7   DC  C N3    1 
ATOM   548  C  C4    . DC  C 1 7  ? -1.147  -5.232  9.091   1.00 12.24 ? 7   DC  C C4    1 
ATOM   549  N  N4    . DC  C 1 7  ? -1.073  -5.451  10.409  1.00 13.81 ? 7   DC  C N4    1 
ATOM   550  C  C5    . DC  C 1 7  ? -1.155  -3.903  8.591   1.00 16.82 ? 7   DC  C C5    1 
ATOM   551  C  C6    . DC  C 1 7  ? -1.102  -3.745  7.275   1.00 13.33 ? 7   DC  C C6    1 
ATOM   552  P  P     . DT  C 1 8  ? -2.062  -3.862  1.021   1.00 24.14 ? 8   DT  C P     1 
ATOM   553  O  OP1   . DT  C 1 8  ? -1.454  -4.079  -0.324  1.00 24.99 ? 8   DT  C OP1   1 
ATOM   554  O  OP2   . DT  C 1 8  ? -2.922  -2.690  1.280   1.00 26.40 ? 8   DT  C OP2   1 
ATOM   555  O  "O5'" . DT  C 1 8  ? -2.909  -5.147  1.403   1.00 24.43 ? 8   DT  C "O5'" 1 
ATOM   556  C  "C5'" . DT  C 1 8  ? -2.397  -6.451  1.176   1.00 21.22 ? 8   DT  C "C5'" 1 
ATOM   557  C  "C4'" . DT  C 1 8  ? -3.362  -7.473  1.728   1.00 21.23 ? 8   DT  C "C4'" 1 
ATOM   558  O  "O4'" . DT  C 1 8  ? -3.373  -7.425  3.182   1.00 17.51 ? 8   DT  C "O4'" 1 
ATOM   559  C  "C3'" . DT  C 1 8  ? -4.808  -7.226  1.293   1.00 23.14 ? 8   DT  C "C3'" 1 
ATOM   560  O  "O3'" . DT  C 1 8  ? -5.445  -8.488  1.077   1.00 24.39 ? 8   DT  C "O3'" 1 
ATOM   561  C  "C2'" . DT  C 1 8  ? -5.425  -6.567  2.516   1.00 20.86 ? 8   DT  C "C2'" 1 
ATOM   562  C  "C1'" . DT  C 1 8  ? -4.720  -7.335  3.621   1.00 15.85 ? 8   DT  C "C1'" 1 
ATOM   563  N  N1    . DT  C 1 8  ? -4.728  -6.753  4.989   1.00 15.58 ? 8   DT  C N1    1 
ATOM   564  C  C2    . DT  C 1 8  ? -4.676  -7.630  6.055   1.00 12.63 ? 8   DT  C C2    1 
ATOM   565  O  O2    . DT  C 1 8  ? -4.681  -8.835  5.926   1.00 14.50 ? 8   DT  C O2    1 
ATOM   566  N  N3    . DT  C 1 8  ? -4.612  -7.029  7.290   1.00 16.14 ? 8   DT  C N3    1 
ATOM   567  C  C4    . DT  C 1 8  ? -4.586  -5.676  7.569   1.00 13.17 ? 8   DT  C C4    1 
ATOM   568  O  O4    . DT  C 1 8  ? -4.455  -5.295  8.730   1.00 15.03 ? 8   DT  C O4    1 
ATOM   569  C  C5    . DT  C 1 8  ? -4.681  -4.815  6.419   1.00 15.38 ? 8   DT  C C5    1 
ATOM   570  C  C7    . DT  C 1 8  ? -4.689  -3.329  6.633   1.00 19.63 ? 8   DT  C C7    1 
ATOM   571  C  C6    . DT  C 1 8  ? -4.753  -5.390  5.202   1.00 15.98 ? 8   DT  C C6    1 
ATOM   572  P  P     . DG  C 1 9  ? -5.686  -9.034  -0.422  1.00 24.89 ? 9   DG  C P     1 
ATOM   573  O  OP1   . DG  C 1 9  ? -4.416  -9.009  -1.184  1.00 29.29 ? 9   DG  C OP1   1 
ATOM   574  O  OP2   . DG  C 1 9  ? -6.856  -8.303  -0.933  1.00 25.94 ? 9   DG  C OP2   1 
ATOM   575  O  "O5'" . DG  C 1 9  ? -6.087  -10.551 -0.155  1.00 23.77 ? 9   DG  C "O5'" 1 
ATOM   576  C  "C5'" . DG  C 1 9  ? -5.114  -11.487 0.340   1.00 21.54 ? 9   DG  C "C5'" 1 
ATOM   577  C  "C4'" . DG  C 1 9  ? -5.763  -12.494 1.263   1.00 19.58 ? 9   DG  C "C4'" 1 
ATOM   578  O  "O4'" . DG  C 1 9  ? -6.159  -11.887 2.513   1.00 19.46 ? 9   DG  C "O4'" 1 
ATOM   579  C  "C3'" . DG  C 1 9  ? -7.031  -13.140 0.716   1.00 21.30 ? 9   DG  C "C3'" 1 
ATOM   580  O  "O3'" . DG  C 1 9  ? -7.075  -14.462 1.254   1.00 29.71 ? 9   DG  C "O3'" 1 
ATOM   581  C  "C2'" . DG  C 1 9  ? -8.127  -12.248 1.273   1.00 25.06 ? 9   DG  C "C2'" 1 
ATOM   582  C  "C1'" . DG  C 1 9  ? -7.571  -11.851 2.634   1.00 15.46 ? 9   DG  C "C1'" 1 
ATOM   583  N  N9    . DG  C 1 9  ? -7.912  -10.509 3.097   1.00 15.43 ? 9   DG  C N9    1 
ATOM   584  C  C8    . DG  C 1 9  ? -8.222  -9.392  2.350   1.00 17.46 ? 9   DG  C C8    1 
ATOM   585  N  N7    . DG  C 1 9  ? -8.346  -8.310  3.084   1.00 20.87 ? 9   DG  C N7    1 
ATOM   586  C  C5    . DG  C 1 9  ? -8.121  -8.751  4.385   1.00 15.67 ? 9   DG  C C5    1 
ATOM   587  C  C6    . DG  C 1 9  ? -8.084  -8.036  5.611   1.00 15.89 ? 9   DG  C C6    1 
ATOM   588  O  O6    . DG  C 1 9  ? -8.182  -6.816  5.799   1.00 16.94 ? 9   DG  C O6    1 
ATOM   589  N  N1    . DG  C 1 9  ? -7.874  -8.889  6.703   1.00 12.77 ? 9   DG  C N1    1 
ATOM   590  C  C2    . DG  C 1 9  ? -7.671  -10.246 6.614   1.00 14.28 ? 9   DG  C C2    1 
ATOM   591  N  N2    . DG  C 1 9  ? -7.472  -10.900 7.768   1.00 14.97 ? 9   DG  C N2    1 
ATOM   592  N  N3    . DG  C 1 9  ? -7.657  -10.919 5.465   1.00 14.47 ? 9   DG  C N3    1 
ATOM   593  C  C4    . DG  C 1 9  ? -7.893  -10.111 4.406   1.00 14.22 ? 9   DG  C C4    1 
ATOM   594  P  P     . DG  C 1 10 ? -8.144  -15.525 0.714   1.00 30.50 ? 10  DG  C P     1 
ATOM   595  O  OP1   . DG  C 1 10 ? -7.432  -16.824 0.761   1.00 29.73 ? 10  DG  C OP1   1 
ATOM   596  O  OP2   . DG  C 1 10 ? -8.721  -15.039 -0.563  1.00 34.72 ? 10  DG  C OP2   1 
ATOM   597  O  "O5'" . DG  C 1 10 ? -9.298  -15.466 1.816   1.00 26.38 ? 10  DG  C "O5'" 1 
ATOM   598  C  "C5'" . DG  C 1 10 ? -9.040  -15.898 3.148   1.00 29.77 ? 10  DG  C "C5'" 1 
ATOM   599  C  "C4'" . DG  C 1 10 ? -10.149 -15.472 4.081   1.00 15.59 ? 10  DG  C "C4'" 1 
ATOM   600  O  "O4'" . DG  C 1 10 ? -10.118 -14.034 4.301   1.00 20.00 ? 10  DG  C "O4'" 1 
ATOM   601  C  "C3'" . DG  C 1 10 ? -11.571 -15.795 3.625   1.00 17.10 ? 10  DG  C "C3'" 1 
ATOM   602  O  "O3'" . DG  C 1 10 ? -12.326 -16.276 4.752   1.00 21.30 ? 10  DG  C "O3'" 1 
ATOM   603  C  "C2'" . DG  C 1 10 ? -12.114 -14.445 3.182   1.00 18.36 ? 10  DG  C "C2'" 1 
ATOM   604  C  "C1'" . DG  C 1 10 ? -11.440 -13.536 4.187   1.00 16.96 ? 10  DG  C "C1'" 1 
ATOM   605  N  N9    . DG  C 1 10 ? -11.380 -12.103 3.881   1.00 17.01 ? 10  DG  C N9    1 
ATOM   606  C  C8    . DG  C 1 10 ? -11.402 -11.491 2.652   1.00 20.82 ? 10  DG  C C8    1 
ATOM   607  N  N7    . DG  C 1 10 ? -11.375 -10.178 2.733   1.00 20.38 ? 10  DG  C N7    1 
ATOM   608  C  C5    . DG  C 1 10 ? -11.321 -9.922  4.099   1.00 21.17 ? 10  DG  C C5    1 
ATOM   609  C  C6    . DG  C 1 10 ? -11.280 -8.670  4.821   1.00 21.55 ? 10  DG  C C6    1 
ATOM   610  O  O6    . DG  C 1 10 ? -11.277 -7.515  4.374   1.00 20.81 ? 10  DG  C O6    1 
ATOM   611  N  N1    . DG  C 1 10 ? -11.230 -8.876  6.185   1.00 16.48 ? 10  DG  C N1    1 
ATOM   612  C  C2    . DG  C 1 10 ? -11.203 -10.114 6.803   1.00 21.66 ? 10  DG  C C2    1 
ATOM   613  N  N2    . DG  C 1 10 ? -11.134 -10.109 8.125   1.00 18.74 ? 10  DG  C N2    1 
ATOM   614  N  N3    . DG  C 1 10 ? -11.239 -11.274 6.153   1.00 17.84 ? 10  DG  C N3    1 
ATOM   615  C  C4    . DG  C 1 10 ? -11.301 -11.098 4.815   1.00 15.14 ? 10  DG  C C4    1 
ATOM   616  O  "O5'" . DC  D 1 1  ? -9.487  -2.937  12.471  1.00 30.78 ? 1   DC  D "O5'" 1 
ATOM   617  C  "C5'" . DC  D 1 1  ? -10.934 -2.952  12.502  1.00 42.19 ? 1   DC  D "C5'" 1 
ATOM   618  C  "C4'" . DC  D 1 1  ? -11.624 -4.177  13.067  1.00 43.68 ? 1   DC  D "C4'" 1 
ATOM   619  O  "O4'" . DC  D 1 1  ? -12.429 -4.771  12.029  1.00 31.21 ? 1   DC  D "O4'" 1 
ATOM   620  C  "C3'" . DC  D 1 1  ? -10.694 -5.286  13.541  1.00 26.54 ? 1   DC  D "C3'" 1 
ATOM   621  O  "O3'" . DC  D 1 1  ? -11.238 -6.007  14.655  1.00 24.01 ? 1   DC  D "O3'" 1 
ATOM   622  C  "C2'" . DC  D 1 1  ? -10.533 -6.164  12.323  1.00 30.11 ? 1   DC  D "C2'" 1 
ATOM   623  C  "C1'" . DC  D 1 1  ? -11.799 -5.941  11.518  1.00 26.35 ? 1   DC  D "C1'" 1 
ATOM   624  N  N1    . DC  D 1 1  ? -11.493 -5.684  10.115  1.00 18.96 ? 1   DC  D N1    1 
ATOM   625  C  C2    . DC  D 1 1  ? -11.429 -6.763  9.252   1.00 16.63 ? 1   DC  D C2    1 
ATOM   626  O  O2    . DC  D 1 1  ? -11.600 -7.894  9.728   1.00 21.61 ? 1   DC  D O2    1 
ATOM   627  N  N3    . DC  D 1 1  ? -11.174 -6.558  7.952   1.00 18.15 ? 1   DC  D N3    1 
ATOM   628  C  C4    . DC  D 1 1  ? -10.979 -5.323  7.497   1.00 18.27 ? 1   DC  D C4    1 
ATOM   629  N  N4    . DC  D 1 1  ? -10.772 -5.162  6.189   1.00 20.82 ? 1   DC  D N4    1 
ATOM   630  C  C5    . DC  D 1 1  ? -11.007 -4.190  8.367   1.00 17.50 ? 1   DC  D C5    1 
ATOM   631  C  C6    . DC  D 1 1  ? -11.271 -4.418  9.657   1.00 22.32 ? 1   DC  D C6    1 
ATOM   632  P  P     . DC  D 1 2  ? -10.306 -6.300  15.933  1.00 27.80 ? 2   DC  D P     1 
ATOM   633  O  OP1   . DC  D 1 2  ? -11.074 -6.952  17.010  1.00 31.69 ? 2   DC  D OP1   1 
ATOM   634  O  OP2   . DC  D 1 2  ? -9.516  -5.080  16.223  1.00 24.21 ? 2   DC  D OP2   1 
ATOM   635  O  "O5'" . DC  D 1 2  ? -9.206  -7.330  15.399  1.00 20.88 ? 2   DC  D "O5'" 1 
ATOM   636  C  "C5'" . DC  D 1 2  ? -9.484  -8.706  15.309  1.00 19.03 ? 2   DC  D "C5'" 1 
ATOM   637  C  "C4'" . DC  D 1 2  ? -8.377  -9.376  14.542  1.00 12.12 ? 2   DC  D "C4'" 1 
ATOM   638  O  "O4'" . DC  D 1 2  ? -8.472  -8.953  13.158  1.00 15.09 ? 2   DC  D "O4'" 1 
ATOM   639  C  "C3'" . DC  D 1 2  ? -6.960  -9.033  15.002  1.00 15.44 ? 2   DC  D "C3'" 1 
ATOM   640  O  "O3'" . DC  D 1 2  ? -6.160  -10.201 14.820  1.00 19.79 ? 2   DC  D "O3'" 1 
ATOM   641  C  "C2'" . DC  D 1 2  ? -6.506  -8.013  13.969  1.00 15.95 ? 2   DC  D "C2'" 1 
ATOM   642  C  "C1'" . DC  D 1 2  ? -7.169  -8.596  12.740  1.00 12.94 ? 2   DC  D "C1'" 1 
ATOM   643  N  N1    . DC  D 1 2  ? -7.286  -7.713  11.580  1.00 14.00 ? 2   DC  D N1    1 
ATOM   644  C  C2    . DC  D 1 2  ? -7.459  -8.293  10.328  1.00 13.81 ? 2   DC  D C2    1 
ATOM   645  O  O2    . DC  D 1 2  ? -7.469  -9.532  10.241  1.00 14.19 ? 2   DC  D O2    1 
ATOM   646  N  N3    . DC  D 1 2  ? -7.602  -7.502  9.253   1.00 11.64 ? 2   DC  D N3    1 
ATOM   647  C  C4    . DC  D 1 2  ? -7.562  -6.171  9.390   1.00 12.11 ? 2   DC  D C4    1 
ATOM   648  N  N4    . DC  D 1 2  ? -7.706  -5.420  8.286   1.00 14.54 ? 2   DC  D N4    1 
ATOM   649  C  C5    . DC  D 1 2  ? -7.366  -5.552  10.652  1.00 13.52 ? 2   DC  D C5    1 
ATOM   650  C  C6    . DC  D 1 2  ? -7.229  -6.353  11.715  1.00 14.99 ? 2   DC  D C6    1 
ATOM   651  P  P     . DA  D 1 3  ? -5.715  -11.086 16.088  1.00 17.79 ? 3   DA  D P     1 
ATOM   652  O  OP1   . DA  D 1 3  ? -6.869  -11.312 16.983  1.00 23.27 ? 3   DA  D OP1   1 
ATOM   653  O  OP2   . DA  D 1 3  ? -4.469  -10.521 16.634  1.00 20.59 ? 3   DA  D OP2   1 
ATOM   654  O  "O5'" . DA  D 1 3  ? -5.320  -12.458 15.373  1.00 15.28 ? 3   DA  D "O5'" 1 
ATOM   655  C  "C5'" . DA  D 1 3  ? -6.311  -13.272 14.793  1.00 11.59 ? 3   DA  D "C5'" 1 
ATOM   656  C  "C4'" . DA  D 1 3  ? -5.721  -14.047 13.637  1.00 16.45 ? 3   DA  D "C4'" 1 
ATOM   657  O  "O4'" . DA  D 1 3  ? -5.455  -13.125 12.543  1.00 17.70 ? 3   DA  D "O4'" 1 
ATOM   658  C  "C3'" . DA  D 1 3  ? -4.388  -14.726 13.942  1.00 19.40 ? 3   DA  D "C3'" 1 
ATOM   659  O  "O3'" . DA  D 1 3  ? -4.322  -15.994 13.282  1.00 23.89 ? 3   DA  D "O3'" 1 
ATOM   660  C  "C2'" . DA  D 1 3  ? -3.350  -13.735 13.431  1.00 21.05 ? 3   DA  D "C2'" 1 
ATOM   661  C  "C1'" . DA  D 1 3  ? -4.059  -12.996 12.307  1.00 16.70 ? 3   DA  D "C1'" 1 
ATOM   662  N  N9    . DA  D 1 3  ? -3.794  -11.563 12.272  1.00 15.99 ? 3   DA  D N9    1 
ATOM   663  C  C8    . DA  D 1 3  ? -3.419  -10.713 13.290  1.00 16.66 ? 3   DA  D C8    1 
ATOM   664  N  N7    . DA  D 1 3  ? -3.402  -9.450  12.940  1.00 14.36 ? 3   DA  D N7    1 
ATOM   665  C  C5    . DA  D 1 3  ? -3.770  -9.475  11.599  1.00 14.82 ? 3   DA  D C5    1 
ATOM   666  C  C6    . DA  D 1 3  ? -3.957  -8.461  10.655  1.00 15.69 ? 3   DA  D C6    1 
ATOM   667  N  N6    . DA  D 1 3  ? -3.820  -7.166  10.926  1.00 16.25 ? 3   DA  D N6    1 
ATOM   668  N  N1    . DA  D 1 3  ? -4.305  -8.826  9.409   1.00 12.61 ? 3   DA  D N1    1 
ATOM   669  C  C2    . DA  D 1 3  ? -4.461  -10.130 9.132   1.00 14.97 ? 3   DA  D C2    1 
ATOM   670  N  N3    . DA  D 1 3  ? -4.331  -11.176 9.940   1.00 17.67 ? 3   DA  D N3    1 
ATOM   671  C  C4    . DA  D 1 3  ? -3.979  -10.771 11.171  1.00 15.68 ? 3   DA  D C4    1 
ATOM   672  P  P     . DG  D 1 4  ? -3.035  -16.950 13.495  1.00 25.29 ? 4   DG  D P     1 
ATOM   673  O  OP1   . DG  D 1 4  ? -3.490  -18.344 13.336  1.00 29.35 ? 4   DG  D OP1   1 
ATOM   674  O  OP2   . DG  D 1 4  ? -2.247  -16.570 14.688  1.00 24.44 ? 4   DG  D OP2   1 
ATOM   675  O  "O5'" . DG  D 1 4  ? -2.116  -16.569 12.250  1.00 21.84 ? 4   DG  D "O5'" 1 
ATOM   676  C  "C5'" . DG  D 1 4  ? -2.622  -16.667 10.937  1.00 20.84 ? 4   DG  D "C5'" 1 
ATOM   677  C  "C4'" . DG  D 1 4  ? -1.674  -16.008 9.967   1.00 17.72 ? 4   DG  D "C4'" 1 
ATOM   678  O  "O4'" . DG  D 1 4  ? -1.740  -14.551 10.034  1.00 19.56 ? 4   DG  D "O4'" 1 
ATOM   679  C  "C3'" . DG  D 1 4  ? -0.201  -16.372 10.125  1.00 21.49 ? 4   DG  D "C3'" 1 
ATOM   680  O  "O3'" . DG  D 1 4  ? 0.280   -16.551 8.806   1.00 24.03 ? 4   DG  D "O3'" 1 
ATOM   681  C  "C2'" . DG  D 1 4  ? 0.406   -15.112 10.721  1.00 24.96 ? 4   DG  D "C2'" 1 
ATOM   682  C  "C1'" . DG  D 1 4  ? -0.408  -14.047 10.014  1.00 15.35 ? 4   DG  D "C1'" 1 
ATOM   683  N  N9    . DG  D 1 4  ? -0.405  -12.718 10.630  1.00 16.52 ? 4   DG  D N9    1 
ATOM   684  C  C8    . DG  D 1 4  ? -0.179  -12.406 11.945  1.00 21.74 ? 4   DG  D C8    1 
ATOM   685  N  N7    . DG  D 1 4  ? -0.231  -11.124 12.184  1.00 17.42 ? 4   DG  D N7    1 
ATOM   686  C  C5    . DG  D 1 4  ? -0.512  -10.552 10.950  1.00 14.87 ? 4   DG  D C5    1 
ATOM   687  C  C6    . DG  D 1 4  ? -0.680  -9.199  10.604  1.00 12.42 ? 4   DG  D C6    1 
ATOM   688  O  O6    . DG  D 1 4  ? -0.595  -8.216  11.334  1.00 14.39 ? 4   DG  D O6    1 
ATOM   689  N  N1    . DG  D 1 4  ? -0.965  -9.046  9.245   1.00 12.87 ? 4   DG  D N1    1 
ATOM   690  C  C2    . DG  D 1 4  ? -1.068  -10.076 8.344   1.00 15.03 ? 4   DG  D C2    1 
ATOM   691  N  N2    . DG  D 1 4  ? -1.324  -9.730  7.059   1.00 14.54 ? 4   DG  D N2    1 
ATOM   692  N  N3    . DG  D 1 4  ? -0.920  -11.362 8.669   1.00 16.40 ? 4   DG  D N3    1 
ATOM   693  C  C4    . DG  D 1 4  ? -0.634  -11.517 9.979   1.00 12.36 ? 4   DG  D C4    1 
HETATM 694  P  P     . G47 D 1 5  ? 1.756   -17.134 8.532   1.00 22.02 ? 5   G47 D P     1 
HETATM 695  O  O1P   . G47 D 1 5  ? 1.507   -18.418 7.836   1.00 25.61 ? 5   G47 D O1P   1 
HETATM 696  O  O2P   . G47 D 1 5  ? 2.641   -17.095 9.719   1.00 22.53 ? 5   G47 D O2P   1 
HETATM 697  O  "O5'" . G47 D 1 5  ? 2.258   -16.092 7.445   1.00 19.65 ? 5   G47 D "O5'" 1 
HETATM 698  C  "C5'" . G47 D 1 5  ? 1.401   -15.767 6.372   1.00 17.38 ? 5   G47 D "C5'" 1 
HETATM 699  C  "C4'" . G47 D 1 5  ? 1.697   -14.384 5.854   1.00 15.48 ? 5   G47 D "C4'" 1 
HETATM 700  O  "O4'" . G47 D 1 5  ? 1.294   -13.399 6.843   1.00 19.22 ? 5   G47 D "O4'" 1 
HETATM 701  C  "C3'" . G47 D 1 5  ? 3.189   -14.175 5.624   1.00 18.05 ? 5   G47 D "C3'" 1 
HETATM 702  O  "O3'" . G47 D 1 5  ? 3.532   -14.102 4.248   1.00 20.08 ? 5   G47 D "O3'" 1 
HETATM 703  C  "C2'" . G47 D 1 5  ? 3.540   -12.883 6.343   1.00 25.04 ? 5   G47 D "C2'" 1 
HETATM 704  C  "C1'" . G47 D 1 5  ? 2.247   -12.335 6.923   1.00 21.79 ? 5   G47 D "C1'" 1 
HETATM 705  N  N9    . G47 D 1 5  ? 2.488   -12.055 8.334   1.00 14.17 ? 5   G47 D N9    1 
HETATM 706  C  C8    . G47 D 1 5  ? 2.768   -13.003 9.288   1.00 14.34 ? 5   G47 D C8    1 
HETATM 707  N  N7    . G47 D 1 5  ? 2.995   -12.495 10.468  1.00 17.38 ? 5   G47 D N7    1 
HETATM 708  C  C5    . G47 D 1 5  ? 2.843   -11.132 10.297  1.00 16.51 ? 5   G47 D C5    1 
HETATM 709  C  C6    . G47 D 1 5  ? 2.950   -10.072 11.247  1.00 16.84 ? 5   G47 D C6    1 
HETATM 710  O  O6    . G47 D 1 5  ? 3.226   -10.135 12.451  1.00 21.56 ? 5   G47 D O6    1 
HETATM 711  N  N1    . G47 D 1 5  ? 2.703   -8.842  10.665  1.00 13.91 ? 5   G47 D N1    1 
HETATM 712  C  C2    . G47 D 1 5  ? 2.403   -8.637  9.342   1.00 14.15 ? 5   G47 D C2    1 
HETATM 713  N  N2    . G47 D 1 5  ? 2.192   -7.359  8.991   1.00 14.14 ? 5   G47 D N2    1 
HETATM 714  N  N3    . G47 D 1 5  ? 2.310   -9.612  8.432   1.00 16.18 ? 5   G47 D N3    1 
HETATM 715  C  C4    . G47 D 1 5  ? 2.536   -10.831 8.985   1.00 13.40 ? 5   G47 D C4    1 
HETATM 716  C  C6A   . G47 D 1 5  ? 2.031   -6.938  7.588   1.00 13.66 ? 5   G47 D C6A   1 
HETATM 717  C  C7A   . G47 D 1 5  ? 3.354   -7.128  6.905   1.00 17.56 ? 5   G47 D C7A   1 
HETATM 718  S  SG    . G47 D 1 5  ? 3.459   -6.203  5.342   1.00 20.62 ? 5   G47 D SG    1 
ATOM   719  P  P     . DC  D 1 6  ? 5.070   -14.115 3.839   1.00 18.85 ? 6   DC  D P     1 
ATOM   720  O  OP1   . DC  D 1 6  ? 5.182   -14.552 2.416   1.00 23.09 ? 6   DC  D OP1   1 
ATOM   721  O  OP2   . DC  D 1 6  ? 5.891   -14.798 4.873   1.00 19.55 ? 6   DC  D OP2   1 
ATOM   722  O  "O5'" . DC  D 1 6  ? 5.441   -12.577 3.848   1.00 19.23 ? 6   DC  D "O5'" 1 
ATOM   723  C  "C5'" . DC  D 1 6  ? 4.776   -11.706 2.954   1.00 19.25 ? 6   DC  D "C5'" 1 
ATOM   724  C  "C4'" . DC  D 1 6  ? 5.329   -10.317 3.099   1.00 20.89 ? 6   DC  D "C4'" 1 
ATOM   725  O  "O4'" . DC  D 1 6  ? 5.179   -9.864  4.458   1.00 20.90 ? 6   DC  D "O4'" 1 
ATOM   726  C  "C3'" . DC  D 1 6  ? 6.804   -10.144 2.763   1.00 23.94 ? 6   DC  D "C3'" 1 
ATOM   727  O  "O3'" . DC  D 1 6  ? 6.907   -8.884  2.098   1.00 33.34 ? 6   DC  D "O3'" 1 
ATOM   728  C  "C2'" . DC  D 1 6  ? 7.466   -10.098 4.134   1.00 25.23 ? 6   DC  D "C2'" 1 
ATOM   729  C  "C1'" . DC  D 1 6  ? 6.413   -9.346  4.920   1.00 17.61 ? 6   DC  D "C1'" 1 
ATOM   730  N  N1    . DC  D 1 6  ? 6.404   -9.463  6.392   1.00 16.65 ? 6   DC  D N1    1 
ATOM   731  C  C2    . DC  D 1 6  ? 6.421   -8.281  7.146   1.00 12.72 ? 6   DC  D C2    1 
ATOM   732  O  O2    . DC  D 1 6  ? 6.574   -7.195  6.539   1.00 13.66 ? 6   DC  D O2    1 
ATOM   733  N  N3    . DC  D 1 6  ? 6.280   -8.354  8.496   1.00 11.49 ? 6   DC  D N3    1 
ATOM   734  C  C4    . DC  D 1 6  ? 6.166   -9.543  9.090   1.00 12.95 ? 6   DC  D C4    1 
ATOM   735  N  N4    . DC  D 1 6  ? 6.020   -9.588  10.420  1.00 17.03 ? 6   DC  D N4    1 
ATOM   736  C  C5    . DC  D 1 6  ? 6.190   -10.762 8.343   1.00 15.39 ? 6   DC  D C5    1 
ATOM   737  C  C6    . DC  D 1 6  ? 6.317   -10.671 7.013   1.00 14.51 ? 6   DC  D C6    1 
ATOM   738  P  P     . DC  D 1 7  ? 8.196   -8.536  1.219   1.00 30.72 ? 7   DC  D P     1 
ATOM   739  O  OP1   . DC  D 1 7  ? 7.743   -8.151  -0.141  1.00 43.98 ? 7   DC  D OP1   1 
ATOM   740  O  OP2   . DC  D 1 7  ? 9.196   -9.597  1.393   1.00 19.74 ? 7   DC  D OP2   1 
ATOM   741  O  "O5'" . DC  D 1 7  ? 8.733   -7.226  1.914   1.00 30.06 ? 7   DC  D "O5'" 1 
ATOM   742  C  "C5'" . DC  D 1 7  ? 7.850   -6.156  2.133   1.00 28.08 ? 7   DC  D "C5'" 1 
ATOM   743  C  "C4'" . DC  D 1 7  ? 8.590   -5.014  2.769   1.00 28.79 ? 7   DC  D "C4'" 1 
ATOM   744  O  "O4'" . DC  D 1 7  ? 8.577   -5.194  4.202   1.00 26.49 ? 7   DC  D "O4'" 1 
ATOM   745  C  "C3'" . DC  D 1 7  ? 10.055  -4.897  2.356   1.00 25.82 ? 7   DC  D "C3'" 1 
ATOM   746  O  "O3'" . DC  D 1 7  ? 10.290  -3.514  2.177   1.00 26.15 ? 7   DC  D "O3'" 1 
ATOM   747  C  "C2'" . DC  D 1 7  ? 10.810  -5.479  3.545   1.00 19.12 ? 7   DC  D "C2'" 1 
ATOM   748  C  "C1'" . DC  D 1 7  ? 9.891   -5.189  4.720   1.00 19.47 ? 7   DC  D "C1'" 1 
ATOM   749  N  N1    . DC  D 1 7  ? 9.910   -6.167  5.820   1.00 14.56 ? 7   DC  D N1    1 
ATOM   750  C  C2    . DC  D 1 7  ? 9.874   -5.687  7.124   1.00 14.91 ? 7   DC  D C2    1 
ATOM   751  O  O2    . DC  D 1 7  ? 9.972   -4.470  7.317   1.00 16.75 ? 7   DC  D O2    1 
ATOM   752  N  N3    . DC  D 1 7  ? 9.750   -6.557  8.144   1.00 13.75 ? 7   DC  D N3    1 
ATOM   753  C  C4    . DC  D 1 7  ? 9.707   -7.863  7.906   1.00 10.57 ? 7   DC  D C4    1 
ATOM   754  N  N4    . DC  D 1 7  ? 9.570   -8.680  8.958   1.00 14.85 ? 7   DC  D N4    1 
ATOM   755  C  C5    . DC  D 1 7  ? 9.804   -8.395  6.582   1.00 13.88 ? 7   DC  D C5    1 
ATOM   756  C  C6    . DC  D 1 7  ? 9.911   -7.510  5.577   1.00 17.00 ? 7   DC  D C6    1 
ATOM   757  P  P     . DT  D 1 8  ? 11.668  -2.988  1.541   1.00 28.02 ? 8   DT  D P     1 
ATOM   758  O  OP1   . DT  D 1 8  ? 11.274  -1.726  0.883   1.00 30.98 ? 8   DT  D OP1   1 
ATOM   759  O  OP2   . DT  D 1 8  ? 12.393  -4.027  0.776   1.00 29.61 ? 8   DT  D OP2   1 
ATOM   760  O  "O5'" . DT  D 1 8  ? 12.506  -2.583  2.825   1.00 24.49 ? 8   DT  D "O5'" 1 
ATOM   761  C  "C5'" . DT  D 1 8  ? 12.004  -1.573  3.685   1.00 23.10 ? 8   DT  D "C5'" 1 
ATOM   762  C  "C4'" . DT  D 1 8  ? 12.890  -1.436  4.897   1.00 21.38 ? 8   DT  D "C4'" 1 
ATOM   763  O  "O4'" . DT  D 1 8  ? 12.652  -2.517  5.829   1.00 23.32 ? 8   DT  D "O4'" 1 
ATOM   764  C  "C3'" . DT  D 1 8  ? 14.375  -1.505  4.555   1.00 16.11 ? 8   DT  D "C3'" 1 
ATOM   765  O  "O3'" . DT  D 1 8  ? 15.051  -0.587  5.405   1.00 27.35 ? 8   DT  D "O3'" 1 
ATOM   766  C  "C2'" . DT  D 1 8  ? 14.745  -2.929  4.940   1.00 19.31 ? 8   DT  D "C2'" 1 
ATOM   767  C  "C1'" . DT  D 1 8  ? 13.898  -3.088  6.175   1.00 22.12 ? 8   DT  D "C1'" 1 
ATOM   768  N  N1    . DT  D 1 8  ? 13.667  -4.459  6.655   1.00 16.09 ? 8   DT  D N1    1 
ATOM   769  C  C2    . DT  D 1 8  ? 13.416  -4.592  7.993   1.00 15.53 ? 8   DT  D C2    1 
ATOM   770  O  O2    . DT  D 1 8  ? 13.382  -3.647  8.766   1.00 18.69 ? 8   DT  D O2    1 
ATOM   771  N  N3    . DT  D 1 8  ? 13.201  -5.871  8.402   1.00 16.97 ? 8   DT  D N3    1 
ATOM   772  C  C4    . DT  D 1 8  ? 13.205  -7.011  7.626   1.00 16.99 ? 8   DT  D C4    1 
ATOM   773  O  O4    . DT  D 1 8  ? 12.967  -8.096  8.145   1.00 18.80 ? 8   DT  D O4    1 
ATOM   774  C  C5    . DT  D 1 8  ? 13.493  -6.804  6.230   1.00 19.34 ? 8   DT  D C5    1 
ATOM   775  C  C7    . DT  D 1 8  ? 13.546  -7.991  5.313   1.00 21.65 ? 8   DT  D C7    1 
ATOM   776  C  C6    . DT  D 1 8  ? 13.702  -5.544  5.816   1.00 15.42 ? 8   DT  D C6    1 
ATOM   777  P  P     . DG  D 1 9  ? 15.691  0.765   4.797   1.00 33.50 ? 9   DG  D P     1 
ATOM   778  O  OP1   . DG  D 1 9  ? 14.661  1.564   4.099   1.00 31.89 ? 9   DG  D OP1   1 
ATOM   779  O  OP2   . DG  D 1 9  ? 16.922  0.369   4.073   1.00 28.15 ? 9   DG  D OP2   1 
ATOM   780  O  "O5'" . DG  D 1 9  ? 16.065  1.554   6.121   1.00 24.82 ? 9   DG  D "O5'" 1 
ATOM   781  C  "C5'" . DG  D 1 9  ? 15.044  2.115   6.924   1.00 24.23 ? 9   DG  D "C5'" 1 
ATOM   782  C  "C4'" . DG  D 1 9  ? 15.434  2.065   8.379   1.00 28.16 ? 9   DG  D "C4'" 1 
ATOM   783  O  "O4'" . DG  D 1 9  ? 15.468  0.698   8.848   1.00 26.58 ? 9   DG  D "O4'" 1 
ATOM   784  C  "C3'" . DG  D 1 9  ? 16.804  2.644   8.690   1.00 22.69 ? 9   DG  D "C3'" 1 
ATOM   785  O  "O3'" . DG  D 1 9  ? 16.695  3.305   9.937   1.00 26.80 ? 9   DG  D "O3'" 1 
ATOM   786  C  "C2'" . DG  D 1 9  ? 17.706  1.420   8.733   1.00 24.10 ? 9   DG  D "C2'" 1 
ATOM   787  C  "C1'" . DG  D 1 9  ? 16.784  0.303   9.216   1.00 24.79 ? 9   DG  D "C1'" 1 
ATOM   788  N  N9    . DG  D 1 9  ? 17.021  -1.007  8.608   1.00 19.20 ? 9   DG  D N9    1 
ATOM   789  C  C8    . DG  D 1 9  ? 17.491  -1.255  7.343   1.00 20.35 ? 9   DG  D C8    1 
ATOM   790  N  N7    . DG  D 1 9  ? 17.509  -2.529  7.041   1.00 22.38 ? 9   DG  D N7    1 
ATOM   791  C  C5    . DG  D 1 9  ? 17.030  -3.165  8.183   1.00 16.10 ? 9   DG  D C5    1 
ATOM   792  C  C6    . DG  D 1 9  ? 16.808  -4.555  8.447   1.00 17.24 ? 9   DG  D C6    1 
ATOM   793  O  O6    . DG  D 1 9  ? 16.916  -5.515  7.685   1.00 22.04 ? 9   DG  D O6    1 
ATOM   794  N  N1    . DG  D 1 9  ? 16.393  -4.768  9.754   1.00 14.96 ? 9   DG  D N1    1 
ATOM   795  C  C2    . DG  D 1 9  ? 16.169  -3.793  10.676  1.00 11.20 ? 9   DG  D C2    1 
ATOM   796  N  N2    . DG  D 1 9  ? 15.791  -4.215  11.902  1.00 18.65 ? 9   DG  D N2    1 
ATOM   797  N  N3    . DG  D 1 9  ? 16.308  -2.485  10.427  1.00 18.44 ? 9   DG  D N3    1 
ATOM   798  C  C4    . DG  D 1 9  ? 16.754  -2.252  9.172   1.00 18.04 ? 9   DG  D C4    1 
ATOM   799  P  P     . DG  D 1 10 ? 17.973  4.042   10.566  1.00 31.19 ? 10  DG  D P     1 
ATOM   800  O  OP1   . DG  D 1 10 ? 17.470  5.170   11.372  1.00 32.13 ? 10  DG  D OP1   1 
ATOM   801  O  OP2   . DG  D 1 10 ? 18.955  4.275   9.479   1.00 33.88 ? 10  DG  D OP2   1 
ATOM   802  O  "O5'" . DG  D 1 10 ? 18.583  2.941   11.545  1.00 24.20 ? 10  DG  D "O5'" 1 
ATOM   803  C  "C5'" . DG  D 1 10 ? 17.873  2.537   12.702  1.00 15.96 ? 10  DG  D "C5'" 1 
ATOM   804  C  "C4'" . DG  D 1 10 ? 18.610  1.427   13.405  1.00 19.28 ? 10  DG  D "C4'" 1 
ATOM   805  O  "O4'" . DG  D 1 10 ? 18.591  0.242   12.568  1.00 20.36 ? 10  DG  D "O4'" 1 
ATOM   806  C  "C3'" . DG  D 1 10 ? 20.084  1.738   13.662  1.00 20.53 ? 10  DG  D "C3'" 1 
ATOM   807  O  "O3'" . DG  D 1 10 ? 20.411  1.304   14.980  1.00 21.64 ? 10  DG  D "O3'" 1 
ATOM   808  C  "C2'" . DG  D 1 10 ? 20.807  0.935   12.594  1.00 20.44 ? 10  DG  D "C2'" 1 
ATOM   809  C  "C1'" . DG  D 1 10 ? 19.905  -0.275  12.469  1.00 21.17 ? 10  DG  D "C1'" 1 
ATOM   810  N  N9    . DG  D 1 10 ? 20.012  -1.054  11.238  1.00 17.31 ? 10  DG  D N9    1 
ATOM   811  C  C8    . DG  D 1 10 ? 20.342  -0.598  9.989   1.00 21.41 ? 10  DG  D C8    1 
ATOM   812  N  N7    . DG  D 1 10 ? 20.397  -1.549  9.097   1.00 20.65 ? 10  DG  D N7    1 
ATOM   813  C  C5    . DG  D 1 10 ? 20.067  -2.702  9.794   1.00 17.83 ? 10  DG  D C5    1 
ATOM   814  C  C6    . DG  D 1 10 ? 19.989  -4.062  9.351   1.00 13.01 ? 10  DG  D C6    1 
ATOM   815  O  O6    . DG  D 1 10 ? 20.202  -4.509  8.231   1.00 15.50 ? 10  DG  D O6    1 
ATOM   816  N  N1    . DG  D 1 10 ? 19.649  -4.924  10.391  1.00 16.60 ? 10  DG  D N1    1 
ATOM   817  C  C2    . DG  D 1 10 ? 19.428  -4.536  11.691  1.00 12.17 ? 10  DG  D C2    1 
ATOM   818  N  N2    . DG  D 1 10 ? 19.140  -5.515  12.564  1.00 13.46 ? 10  DG  D N2    1 
ATOM   819  N  N3    . DG  D 1 10 ? 19.495  -3.275  12.115  1.00 15.61 ? 10  DG  D N3    1 
ATOM   820  C  C4    . DG  D 1 10 ? 19.821  -2.419  11.115  1.00 14.13 ? 10  DG  D C4    1 
HETATM 821  CA CA    . CA  E 2 .  ? -3.375  8.863   -13.741 1.00 16.75 ? 11  CA  A CA    1 
HETATM 822  O  O     . HOH F 3 .  ? -7.711  5.934   -17.704 1.00 6.49  ? 12  HOH A O     1 
HETATM 823  O  O     . HOH F 3 .  ? 4.173   11.965  -5.180  1.00 23.78 ? 13  HOH A O     1 
HETATM 824  O  O     . HOH F 3 .  ? -10.126 3.428   -14.969 1.00 20.16 ? 14  HOH A O     1 
HETATM 825  O  O     . HOH F 3 .  ? -19.460 6.221   -13.642 1.00 18.11 ? 15  HOH A O     1 
HETATM 826  O  O     . HOH F 3 .  ? -4.633  10.882  -13.188 1.00 18.02 ? 16  HOH A O     1 
HETATM 827  O  O     . HOH F 3 .  ? 9.750   -5.138  -7.535  1.00 18.29 ? 17  HOH A O     1 
HETATM 828  O  O     . HOH F 3 .  ? 8.661   6.964   -2.116  1.00 24.43 ? 18  HOH A O     1 
HETATM 829  O  O     . HOH F 3 .  ? -20.898 5.392   -15.762 1.00 24.87 ? 19  HOH A O     1 
HETATM 830  O  O     . HOH F 3 .  ? 11.169  5.205   -11.528 1.00 21.83 ? 20  HOH A O     1 
HETATM 831  O  O     . HOH F 3 .  ? -1.609  10.343  -13.479 1.00 19.57 ? 21  HOH A O     1 
HETATM 832  O  O     . HOH F 3 .  ? -9.448  11.203  -5.047  1.00 26.51 ? 22  HOH A O     1 
HETATM 833  O  O     . HOH F 3 .  ? -12.527 10.927  -10.540 1.00 20.30 ? 23  HOH A O     1 
HETATM 834  O  O     . HOH F 3 .  ? -7.691  5.215   -15.375 1.00 21.11 ? 24  HOH A O     1 
HETATM 835  O  O     . HOH F 3 .  ? -23.377 5.259   -16.216 1.00 12.46 ? 25  HOH A O     1 
HETATM 836  O  O     . HOH F 3 .  ? -5.227  7.713   -14.657 1.00 21.51 ? 26  HOH A O     1 
HETATM 837  O  O     . HOH F 3 .  ? 9.747   5.621   -0.323  1.00 20.48 ? 27  HOH A O     1 
HETATM 838  O  O     . HOH F 3 .  ? -9.997  10.961  -8.615  1.00 17.18 ? 28  HOH A O     1 
HETATM 839  O  O     . HOH F 3 .  ? -14.800 -1.639  -8.220  1.00 25.10 ? 29  HOH A O     1 
HETATM 840  O  O     . HOH F 3 .  ? -3.507  10.001  -15.954 1.00 19.18 ? 30  HOH A O     1 
HETATM 841  O  O     . HOH F 3 .  ? -11.573 10.321  -6.005  1.00 20.05 ? 31  HOH A O     1 
HETATM 842  O  O     . HOH F 3 .  ? 10.682  4.029   -2.121  1.00 24.27 ? 32  HOH A O     1 
HETATM 843  O  O     . HOH F 3 .  ? -2.373  13.120  -11.402 1.00 23.45 ? 33  HOH A O     1 
HETATM 844  O  O     . HOH F 3 .  ? -8.303  15.068  -16.376 1.00 25.94 ? 34  HOH A O     1 
HETATM 845  O  O     . HOH F 3 .  ? 12.610  -2.572  -7.220  1.00 25.23 ? 35  HOH A O     1 
HETATM 846  O  O     . HOH F 3 .  ? -6.273  16.847  -4.424  1.00 28.26 ? 36  HOH A O     1 
HETATM 847  O  O     . HOH F 3 .  ? -5.874  10.061  -17.374 1.00 24.37 ? 37  HOH A O     1 
HETATM 848  O  O     . HOH F 3 .  ? -12.524 -3.289  -7.739  1.00 35.05 ? 38  HOH A O     1 
HETATM 849  O  O     . HOH F 3 .  ? -15.275 8.726   -13.116 1.00 23.17 ? 39  HOH A O     1 
HETATM 850  O  O     . HOH F 3 .  ? -25.479 6.050   -15.619 1.00 23.10 ? 40  HOH A O     1 
HETATM 851  O  O     . HOH F 3 .  ? 10.611  -5.730  -5.179  1.00 26.32 ? 41  HOH A O     1 
HETATM 852  O  O     . HOH F 3 .  ? -3.813  14.754  -9.837  1.00 27.26 ? 42  HOH A O     1 
HETATM 853  O  O     . HOH F 3 .  ? -9.641  9.549   -17.944 1.00 29.04 ? 43  HOH A O     1 
HETATM 854  O  O     . HOH F 3 .  ? -2.545  14.033  -5.438  1.00 25.11 ? 44  HOH A O     1 
HETATM 855  O  O     . HOH F 3 .  ? -10.183 6.134   -17.072 1.00 21.09 ? 45  HOH A O     1 
HETATM 856  O  O     . HOH F 3 .  ? -5.363  6.534   -17.064 1.00 23.90 ? 46  HOH A O     1 
HETATM 857  O  O     . HOH F 3 .  ? -23.327 6.755   -17.982 1.00 31.76 ? 47  HOH A O     1 
HETATM 858  O  O     . HOH F 3 .  ? 10.588  -0.316  -3.145  1.00 31.85 ? 48  HOH A O     1 
HETATM 859  O  O     . HOH F 3 .  ? -7.907  8.136   -16.572 1.00 25.88 ? 49  HOH A O     1 
HETATM 860  O  O     . HOH F 3 .  ? -15.167 -0.964  -10.920 1.00 30.61 ? 50  HOH A O     1 
HETATM 861  O  O     . HOH F 3 .  ? -14.003 10.457  -20.724 1.00 24.15 ? 51  HOH A O     1 
HETATM 862  O  O     . HOH F 3 .  ? 12.324  -3.621  -4.858  1.00 36.98 ? 52  HOH A O     1 
HETATM 863  O  O     . HOH F 3 .  ? -10.847 3.063   -17.641 1.00 35.74 ? 53  HOH A O     1 
HETATM 864  O  O     . HOH F 3 .  ? 1.110   13.230  -5.996  1.00 36.04 ? 54  HOH A O     1 
HETATM 865  O  O     . HOH F 3 .  ? -17.572 8.007   -13.886 1.00 30.24 ? 55  HOH A O     1 
HETATM 866  O  O     . HOH F 3 .  ? 12.843  1.503   -3.882  1.00 31.76 ? 56  HOH A O     1 
HETATM 867  O  O     . HOH F 3 .  ? 11.899  6.258   0.660   1.00 38.42 ? 57  HOH A O     1 
HETATM 868  O  O     . HOH F 3 .  ? -25.129 3.984   -17.264 1.00 36.79 ? 58  HOH A O     1 
HETATM 869  O  O     . HOH F 3 .  ? -2.587  15.545  -7.278  1.00 34.42 ? 59  HOH A O     1 
HETATM 870  O  O     . HOH F 3 .  ? -21.920 3.901   -17.731 1.00 30.83 ? 60  HOH A O     1 
HETATM 871  O  O     . HOH F 3 .  ? -12.026 11.849  -8.123  1.00 26.99 ? 61  HOH A O     1 
HETATM 872  O  O     . HOH F 3 .  ? 2.323   3.163   -6.520  1.00 29.90 ? 62  HOH A O     1 
HETATM 873  O  O     . HOH F 3 .  ? -23.100 6.581   -20.506 1.00 30.60 ? 63  HOH A O     1 
HETATM 874  O  O     . HOH F 3 .  ? -7.812  9.208   -5.677  1.00 30.11 ? 64  HOH A O     1 
HETATM 875  O  O     . HOH F 3 .  ? 4.951   2.336   -7.491  1.00 32.72 ? 65  HOH A O     1 
HETATM 876  O  O     . HOH F 3 .  ? -9.023  12.089  -2.511  1.00 28.43 ? 66  HOH A O     1 
HETATM 877  O  O     . HOH F 3 .  ? 7.452   4.991   -0.241  1.00 39.11 ? 67  HOH A O     1 
HETATM 878  O  O     . HOH F 3 .  ? 7.416   2.672   -10.338 1.00 27.77 ? 68  HOH A O     1 
HETATM 879  O  O     . HOH F 3 .  ? 13.507  1.830   -1.424  1.00 34.56 ? 69  HOH A O     1 
HETATM 880  O  O     . HOH F 3 .  ? 13.975  -5.693  -4.129  1.00 38.41 ? 70  HOH A O     1 
HETATM 881  O  O     . HOH F 3 .  ? 13.988  -2.626  -3.133  1.00 42.16 ? 71  HOH A O     1 
HETATM 882  O  O     . HOH F 3 .  ? -11.500 12.980  -6.222  1.00 34.07 ? 72  HOH A O     1 
HETATM 883  O  O     . HOH F 3 .  ? 13.189  3.845   -2.749  1.00 37.90 ? 73  HOH A O     1 
HETATM 884  O  O     . HOH F 3 .  ? -17.017 -2.479  -6.522  1.00 30.36 ? 74  HOH A O     1 
HETATM 885  O  O     . HOH F 3 .  ? -12.005 14.497  -18.549 1.00 40.24 ? 75  HOH A O     1 
HETATM 886  O  O     . HOH F 3 .  ? -16.855 9.072   -18.752 1.00 38.55 ? 76  HOH A O     1 
HETATM 887  O  O     . HOH F 3 .  ? 4.523   -1.727  1.913   1.00 37.32 ? 77  HOH A O     1 
HETATM 888  O  O     . HOH F 3 .  ? -7.450  7.877   -19.059 1.00 46.91 ? 78  HOH A O     1 
HETATM 889  O  O     . HOH F 3 .  ? -7.697  3.421   -17.726 1.00 44.30 ? 79  HOH A O     1 
HETATM 890  O  O     . HOH F 3 .  ? -11.480 9.868   -3.675  1.00 40.28 ? 80  HOH A O     1 
HETATM 891  O  O     . HOH F 3 .  ? -10.618 -3.304  -9.248  1.00 46.34 ? 81  HOH A O     1 
HETATM 892  O  O     . HOH F 3 .  ? 1.158   13.769  -8.374  1.00 44.98 ? 82  HOH A O     1 
HETATM 893  O  O     . HOH F 3 .  ? -4.567  17.747  -5.860  1.00 46.58 ? 83  HOH A O     1 
HETATM 894  O  O     . HOH F 3 .  ? -12.473 13.826  -9.175  1.00 41.76 ? 84  HOH A O     1 
HETATM 895  O  O     . HOH F 3 .  ? -20.043 5.661   -20.127 1.00 45.73 ? 85  HOH A O     1 
HETATM 896  O  O     . HOH F 3 .  ? 2.461   -2.181  0.577   1.00 43.85 ? 86  HOH A O     1 
HETATM 897  O  O     . HOH F 3 .  ? 3.118   0.370   1.196   1.00 40.28 ? 87  HOH A O     1 
HETATM 898  O  O     . HOH F 3 .  ? -5.961  19.239  -3.236  1.00 44.76 ? 88  HOH A O     1 
HETATM 899  O  O     . HOH G 3 .  ? -18.389 10.448  -10.217 1.00 21.85 ? 304 HOH B O     1 
HETATM 900  O  O     . HOH G 3 .  ? -10.607 0.190   -11.500 1.00 20.28 ? 306 HOH B O     1 
HETATM 901  O  O     . HOH G 3 .  ? -12.942 8.151   -5.823  1.00 18.51 ? 316 HOH B O     1 
HETATM 902  O  O     . HOH G 3 .  ? -18.846 10.510  1.157   1.00 29.85 ? 326 HOH B O     1 
HETATM 903  O  O     . HOH G 3 .  ? -15.201 0.702   -6.605  1.00 24.46 ? 328 HOH B O     1 
HETATM 904  O  O     . HOH G 3 .  ? -15.910 9.886   -7.254  1.00 17.24 ? 331 HOH B O     1 
HETATM 905  O  O     . HOH G 3 .  ? 9.531   15.634  -14.679 1.00 35.61 ? 333 HOH B O     1 
HETATM 906  O  O     . HOH G 3 .  ? -6.639  -4.650  -6.047  1.00 29.22 ? 338 HOH B O     1 
HETATM 907  O  O     . HOH G 3 .  ? -14.271 11.572  -8.775  1.00 12.78 ? 345 HOH B O     1 
HETATM 908  O  O     . HOH G 3 .  ? -8.229  -1.125  -7.587  1.00 17.67 ? 347 HOH B O     1 
HETATM 909  O  O     . HOH G 3 .  ? -18.727 13.183  -9.603  1.00 17.21 ? 348 HOH B O     1 
HETATM 910  O  O     . HOH G 3 .  ? 13.183  10.443  -9.891  1.00 18.77 ? 353 HOH B O     1 
HETATM 911  O  O     . HOH G 3 .  ? 11.954  15.982  -13.738 1.00 19.71 ? 356 HOH B O     1 
HETATM 912  O  O     . HOH G 3 .  ? -2.321  7.220   -15.159 1.00 23.23 ? 359 HOH B O     1 
HETATM 913  O  O     . HOH G 3 .  ? 4.236   8.606   -22.569 1.00 30.78 ? 363 HOH B O     1 
HETATM 914  O  O     . HOH G 3 .  ? -11.470 0.290   -4.294  1.00 27.29 ? 366 HOH B O     1 
HETATM 915  O  O     . HOH G 3 .  ? 3.007   3.490   -11.898 1.00 21.96 ? 367 HOH B O     1 
HETATM 916  O  O     . HOH G 3 .  ? -19.046 10.306  -12.923 1.00 28.85 ? 369 HOH B O     1 
HETATM 917  O  O     . HOH G 3 .  ? 0.770   12.648  -11.145 1.00 26.60 ? 380 HOH B O     1 
HETATM 918  O  O     . HOH G 3 .  ? 1.437   9.098   -17.373 1.00 24.55 ? 382 HOH B O     1 
HETATM 919  O  O     . HOH G 3 .  ? -15.597 10.168  -10.448 1.00 20.07 ? 386 HOH B O     1 
HETATM 920  O  O     . HOH G 3 .  ? -4.434  4.179   -15.570 1.00 21.27 ? 392 HOH B O     1 
HETATM 921  O  O     . HOH G 3 .  ? -1.214  -2.871  -15.244 1.00 24.28 ? 393 HOH B O     1 
HETATM 922  O  O     . HOH G 3 .  ? 11.160  9.286   -11.540 1.00 23.67 ? 395 HOH B O     1 
HETATM 923  O  O     . HOH G 3 .  ? -10.112 0.832   -14.047 1.00 24.55 ? 397 HOH B O     1 
HETATM 924  O  O     . HOH G 3 .  ? 1.253   2.580   -9.230  1.00 26.92 ? 419 HOH B O     1 
HETATM 925  O  O     . HOH G 3 .  ? 1.568   14.324  -12.818 1.00 24.14 ? 421 HOH B O     1 
HETATM 926  O  O     . HOH G 3 .  ? -15.118 13.879  -2.189  1.00 27.54 ? 424 HOH B O     1 
HETATM 927  O  O     . HOH G 3 .  ? -15.488 11.378  0.324   1.00 32.45 ? 428 HOH B O     1 
HETATM 928  O  O     . HOH G 3 .  ? -20.164 8.410   -1.048  1.00 28.35 ? 434 HOH B O     1 
HETATM 929  O  O     . HOH G 3 .  ? 1.491   12.075  -14.028 1.00 32.89 ? 449 HOH B O     1 
HETATM 930  O  O     . HOH G 3 .  ? 3.742   13.148  -9.059  1.00 31.32 ? 450 HOH B O     1 
HETATM 931  O  O     . HOH G 3 .  ? 9.067   16.965  -17.285 1.00 20.80 ? 452 HOH B O     1 
HETATM 932  O  O     . HOH G 3 .  ? -10.160 -1.728  -5.952  1.00 30.02 ? 458 HOH B O     1 
HETATM 933  O  O     . HOH G 3 .  ? -20.386 5.926   -2.637  1.00 29.95 ? 467 HOH B O     1 
HETATM 934  O  O     . HOH G 3 .  ? 5.181   2.860   -13.505 1.00 32.51 ? 474 HOH B O     1 
HETATM 935  O  O     . HOH G 3 .  ? 6.113   5.207   -12.931 1.00 32.93 ? 475 HOH B O     1 
HETATM 936  O  O     . HOH G 3 .  ? -9.471  6.349   -5.287  1.00 33.62 ? 492 HOH B O     1 
HETATM 937  O  O     . HOH G 3 .  ? -2.192  -2.789  -4.305  1.00 39.11 ? 493 HOH B O     1 
HETATM 938  O  O     . HOH G 3 .  ? -20.233 3.938   -3.975  1.00 32.56 ? 501 HOH B O     1 
HETATM 939  O  O     . HOH G 3 .  ? -4.288  3.315   -19.262 1.00 44.51 ? 507 HOH B O     1 
HETATM 940  O  O     . HOH G 3 .  ? -16.959 1.839   -4.207  1.00 31.39 ? 509 HOH B O     1 
HETATM 941  O  O     . HOH G 3 .  ? 10.484  18.627  -7.952  1.00 30.46 ? 510 HOH B O     1 
HETATM 942  O  O     . HOH G 3 .  ? 2.136   8.214   -20.856 1.00 31.45 ? 513 HOH B O     1 
HETATM 943  O  O     . HOH G 3 .  ? -2.166  6.861   -17.835 1.00 29.64 ? 523 HOH B O     1 
HETATM 944  O  O     . HOH G 3 .  ? -18.264 0.008   -3.593  1.00 25.12 ? 530 HOH B O     1 
HETATM 945  O  O     . HOH G 3 .  ? -0.591  13.740  -12.843 1.00 30.08 ? 533 HOH B O     1 
HETATM 946  O  O     . HOH G 3 .  ? -15.815 13.439  -8.772  1.00 31.22 ? 537 HOH B O     1 
HETATM 947  O  O     . HOH G 3 .  ? -12.140 -0.701  -15.146 1.00 33.35 ? 541 HOH B O     1 
HETATM 948  O  O     . HOH G 3 .  ? 3.721   13.559  -11.581 1.00 38.42 ? 545 HOH B O     1 
HETATM 949  O  O     . HOH G 3 .  ? -15.814 0.797   -2.118  1.00 36.14 ? 572 HOH B O     1 
HETATM 950  O  O     . HOH G 3 .  ? 7.613   3.537   -12.947 1.00 27.02 ? 573 HOH B O     1 
HETATM 951  O  O     . HOH G 3 .  ? -15.996 3.163   -1.454  1.00 42.51 ? 587 HOH B O     1 
HETATM 952  O  O     . HOH G 3 .  ? 5.044   0.944   -15.923 1.00 35.23 ? 588 HOH B O     1 
HETATM 953  O  O     . HOH G 3 .  ? 0.023   9.428   -22.166 1.00 41.06 ? 593 HOH B O     1 
HETATM 954  O  O     . HOH G 3 .  ? -12.715 12.225  -1.743  1.00 38.71 ? 596 HOH B O     1 
HETATM 955  O  O     . HOH G 3 .  ? -14.521 12.694  -6.690  1.00 32.60 ? 599 HOH B O     1 
HETATM 956  O  O     . HOH G 3 .  ? -2.093  4.324   -17.421 1.00 36.20 ? 603 HOH B O     1 
HETATM 957  O  O     . HOH G 3 .  ? -0.160  -2.422  -5.956  1.00 35.77 ? 609 HOH B O     1 
HETATM 958  O  O     . HOH G 3 .  ? 0.152   15.127  -14.579 1.00 34.17 ? 631 HOH B O     1 
HETATM 959  O  O     . HOH G 3 .  ? -15.912 15.837  -7.957  1.00 45.90 ? 636 HOH B O     1 
HETATM 960  O  O     . HOH G 3 .  ? 4.338   11.086  -19.643 1.00 42.82 ? 637 HOH B O     1 
HETATM 961  O  O     . HOH G 3 .  ? -5.675  6.090   -1.549  1.00 45.34 ? 638 HOH B O     1 
HETATM 962  O  O     . HOH G 3 .  ? -7.429  7.269   -3.041  1.00 44.75 ? 649 HOH B O     1 
HETATM 963  O  O     . HOH G 3 .  ? 0.371   0.484   -19.640 1.00 39.20 ? 651 HOH B O     1 
HETATM 964  O  O     . HOH G 3 .  ? 8.242   1.398   -13.630 1.00 41.46 ? 669 HOH B O     1 
HETATM 965  O  O     . HOH G 3 .  ? 5.495   15.324  -12.777 1.00 45.81 ? 698 HOH B O     1 
HETATM 966  O  O     . HOH G 3 .  ? -16.042 -1.872  -2.068  1.00 51.83 ? 706 HOH B O     1 
HETATM 967  O  O     . HOH H 3 .  ? 14.286  -0.912  14.208  1.00 7.25  ? 11  HOH C O     1 
HETATM 968  O  O     . HOH H 3 .  ? 9.497   2.768   18.356  1.00 17.24 ? 12  HOH C O     1 
HETATM 969  O  O     . HOH H 3 .  ? -1.968  -3.199  12.056  1.00 22.31 ? 13  HOH C O     1 
HETATM 970  O  O     . HOH H 3 .  ? -12.513 -6.017  2.675   1.00 16.41 ? 14  HOH C O     1 
HETATM 971  O  O     . HOH H 3 .  ? 1.531   -6.024  15.673  1.00 30.49 ? 15  HOH C O     1 
HETATM 972  O  O     . HOH H 3 .  ? 6.181   -0.596  19.562  1.00 30.97 ? 16  HOH C O     1 
HETATM 973  O  O     . HOH H 3 .  ? -10.044 -6.466  2.243   1.00 17.63 ? 17  HOH C O     1 
HETATM 974  O  O     . HOH H 3 .  ? 16.077  -9.968  19.410  1.00 29.67 ? 18  HOH C O     1 
HETATM 975  O  O     . HOH H 3 .  ? 15.417  -6.022  15.261  1.00 23.64 ? 19  HOH C O     1 
HETATM 976  O  O     . HOH H 3 .  ? 4.975   -3.973  17.520  1.00 27.79 ? 20  HOH C O     1 
HETATM 977  O  O     . HOH H 3 .  ? 16.336  -10.539 6.439   1.00 24.88 ? 21  HOH C O     1 
HETATM 978  O  O     . HOH H 3 .  ? -2.411  -0.725  6.763   1.00 24.87 ? 22  HOH C O     1 
HETATM 979  O  O     . HOH H 3 .  ? 4.441   -5.846  15.203  1.00 27.15 ? 23  HOH C O     1 
HETATM 980  O  O     . HOH H 3 .  ? 16.978  -13.824 18.270  1.00 30.66 ? 24  HOH C O     1 
HETATM 981  O  O     . HOH H 3 .  ? 4.473   -1.625  16.075  1.00 17.72 ? 25  HOH C O     1 
HETATM 982  O  O     . HOH H 3 .  ? -4.291  -3.027  10.315  1.00 25.72 ? 26  HOH C O     1 
HETATM 983  O  O     . HOH H 3 .  ? 7.510   -1.024  8.636   1.00 19.37 ? 27  HOH C O     1 
HETATM 984  O  O     . HOH H 3 .  ? 10.588  -0.885  11.995  1.00 22.69 ? 28  HOH C O     1 
HETATM 985  O  O     . HOH H 3 .  ? 12.807  -2.797  14.416  1.00 23.38 ? 29  HOH C O     1 
HETATM 986  O  O     . HOH H 3 .  ? 9.105   1.083   20.628  1.00 24.08 ? 30  HOH C O     1 
HETATM 987  O  O     . HOH H 3 .  ? 11.857  2.275   17.193  1.00 23.13 ? 31  HOH C O     1 
HETATM 988  O  O     . HOH H 3 .  ? 14.331  -1.155  16.582  1.00 32.45 ? 32  HOH C O     1 
HETATM 989  O  O     . HOH H 3 .  ? 9.729   0.374   9.937   1.00 30.21 ? 33  HOH C O     1 
HETATM 990  O  O     . HOH H 3 .  ? 19.404  -8.717  4.846   1.00 28.35 ? 34  HOH C O     1 
HETATM 991  O  O     . HOH H 3 .  ? -4.177  -11.112 4.387   1.00 26.65 ? 35  HOH C O     1 
HETATM 992  O  O     . HOH H 3 .  ? 11.202  -0.325  21.094  1.00 29.21 ? 36  HOH C O     1 
HETATM 993  O  O     . HOH H 3 .  ? 14.939  -15.120 18.606  1.00 24.76 ? 37  HOH C O     1 
HETATM 994  O  O     . HOH H 3 .  ? -14.645 -5.349  2.124   1.00 34.95 ? 38  HOH C O     1 
HETATM 995  O  O     . HOH H 3 .  ? 13.253  0.294   19.014  1.00 22.03 ? 39  HOH C O     1 
HETATM 996  O  O     . HOH H 3 .  ? 0.894   1.593   10.936  1.00 28.51 ? 40  HOH C O     1 
HETATM 997  O  O     . HOH H 3 .  ? -4.812  -2.693  2.922   1.00 31.42 ? 41  HOH C O     1 
HETATM 998  O  O     . HOH H 3 .  ? 8.495   -9.859  12.928  1.00 24.84 ? 42  HOH C O     1 
HETATM 999  O  O     . HOH H 3 .  ? -3.673  -0.676  8.979   1.00 26.76 ? 43  HOH C O     1 
HETATM 1000 O  O     . HOH H 3 .  ? 11.416  -11.258 11.332  1.00 26.56 ? 44  HOH C O     1 
HETATM 1001 O  O     . HOH H 3 .  ? 11.764  0.766   23.735  1.00 31.04 ? 45  HOH C O     1 
HETATM 1002 O  O     . HOH H 3 .  ? 12.007  0.080   14.250  1.00 32.16 ? 46  HOH C O     1 
HETATM 1003 O  O     . HOH H 3 .  ? -8.401  -4.888  3.964   1.00 28.24 ? 47  HOH C O     1 
HETATM 1004 O  O     . HOH H 3 .  ? -6.184  -0.210  8.590   1.00 35.66 ? 48  HOH C O     1 
HETATM 1005 O  O     . HOH H 3 .  ? 15.637  -3.291  17.680  1.00 41.98 ? 49  HOH C O     1 
HETATM 1006 O  O     . HOH H 3 .  ? 5.836   0.618   21.707  1.00 46.04 ? 50  HOH C O     1 
HETATM 1007 O  O     . HOH H 3 .  ? -3.959  -0.404  4.010   1.00 33.55 ? 51  HOH C O     1 
HETATM 1008 O  O     . HOH H 3 .  ? -1.745  -10.283 0.556   1.00 43.65 ? 52  HOH C O     1 
HETATM 1009 O  O     . HOH H 3 .  ? 6.234   -8.009  14.452  1.00 27.50 ? 53  HOH C O     1 
HETATM 1010 O  O     . HOH H 3 .  ? -6.703  -4.771  -0.179  1.00 43.91 ? 54  HOH C O     1 
HETATM 1011 O  O     . HOH H 3 .  ? -0.344  -3.219  -2.747  1.00 43.71 ? 55  HOH C O     1 
HETATM 1012 O  O     . HOH H 3 .  ? 0.257   -12.414 3.617   1.00 33.48 ? 56  HOH C O     1 
HETATM 1013 O  O     . HOH H 3 .  ? -7.797  1.616   9.898   1.00 34.83 ? 57  HOH C O     1 
HETATM 1014 O  O     . HOH H 3 .  ? 7.189   -5.286  18.072  1.00 30.59 ? 58  HOH C O     1 
HETATM 1015 O  O     . HOH H 3 .  ? 15.278  0.931   20.266  1.00 34.51 ? 59  HOH C O     1 
HETATM 1016 O  O     . HOH H 3 .  ? 1.773   -9.993  0.056   1.00 36.97 ? 60  HOH C O     1 
HETATM 1017 O  O     . HOH H 3 .  ? -1.982  -12.142 4.250   1.00 44.12 ? 61  HOH C O     1 
HETATM 1018 O  O     . HOH H 3 .  ? 0.151   -8.406  3.748   1.00 41.21 ? 62  HOH C O     1 
HETATM 1019 O  O     . HOH H 3 .  ? 9.364   -9.561  18.196  1.00 33.47 ? 63  HOH C O     1 
HETATM 1020 O  O     . HOH H 3 .  ? 14.918  1.499   14.434  1.00 34.42 ? 64  HOH C O     1 
HETATM 1021 O  O     . HOH H 3 .  ? -6.255  1.283   12.290  1.00 37.05 ? 65  HOH C O     1 
HETATM 1022 O  O     . HOH H 3 .  ? 1.655   -7.621  1.915   1.00 42.08 ? 66  HOH C O     1 
HETATM 1023 O  O     . HOH H 3 .  ? -8.977  -13.521 7.226   1.00 41.67 ? 67  HOH C O     1 
HETATM 1024 O  O     . HOH H 3 .  ? 11.593  2.592   14.373  1.00 40.09 ? 68  HOH C O     1 
HETATM 1025 O  O     . HOH H 3 .  ? -10.858 -4.140  1.445   1.00 45.13 ? 69  HOH C O     1 
HETATM 1026 O  O     . HOH H 3 .  ? 16.494  -0.425  15.726  1.00 49.61 ? 70  HOH C O     1 
HETATM 1027 O  O     . HOH H 3 .  ? 3.421   -5.725  1.427   1.00 51.03 ? 71  HOH C O     1 
HETATM 1028 O  O     . HOH I 3 .  ? 0.341   -8.193  15.958  1.00 8.26  ? 11  HOH D O     1 
HETATM 1029 O  O     . HOH I 3 .  ? 13.020  -10.788 7.323   1.00 34.03 ? 12  HOH D O     1 
HETATM 1030 O  O     . HOH I 3 .  ? -7.745  -12.024 11.273  1.00 22.04 ? 13  HOH D O     1 
HETATM 1031 O  O     . HOH I 3 .  ? -3.108  -16.242 17.235  1.00 23.93 ? 14  HOH D O     1 
HETATM 1032 O  O     . HOH I 3 .  ? 2.580   -6.851  12.580  1.00 16.44 ? 15  HOH D O     1 
HETATM 1033 O  O     . HOH I 3 .  ? -7.823  -2.462  8.456   1.00 20.65 ? 16  HOH D O     1 
HETATM 1034 O  O     . HOH I 3 .  ? 18.433  -2.836  14.776  1.00 26.87 ? 17  HOH D O     1 
HETATM 1035 O  O     . HOH I 3 .  ? -12.907 -9.607  11.226  1.00 28.69 ? 18  HOH D O     1 
HETATM 1036 O  O     . HOH I 3 .  ? 9.999   -11.601 8.439   1.00 26.92 ? 19  HOH D O     1 
HETATM 1037 O  O     . HOH I 3 .  ? -5.834  -15.847 17.392  1.00 22.05 ? 20  HOH D O     1 
HETATM 1038 O  O     . HOH I 3 .  ? 2.732   -8.564  14.720  1.00 33.50 ? 21  HOH D O     1 
HETATM 1039 O  O     . HOH I 3 .  ? -4.582  -13.500 8.408   1.00 26.13 ? 22  HOH D O     1 
HETATM 1040 O  O     . HOH I 3 .  ? 6.100   -14.169 7.922   1.00 27.15 ? 23  HOH D O     1 
HETATM 1041 O  O     . HOH I 3 .  ? -9.477  -11.983 16.921  1.00 29.35 ? 24  HOH D O     1 
HETATM 1042 O  O     . HOH I 3 .  ? 14.153  -5.464  2.256   1.00 25.21 ? 25  HOH D O     1 
HETATM 1043 O  O     . HOH I 3 .  ? 9.515   -1.766  6.624   1.00 24.59 ? 26  HOH D O     1 
HETATM 1044 O  O     . HOH I 3 .  ? 0.066   -10.088 14.724  1.00 26.54 ? 27  HOH D O     1 
HETATM 1045 O  O     . HOH I 3 .  ? -2.062  -11.805 16.371  1.00 25.17 ? 28  HOH D O     1 
HETATM 1046 O  O     . HOH I 3 .  ? -11.646 -11.459 15.305  1.00 31.87 ? 29  HOH D O     1 
HETATM 1047 O  O     . HOH I 3 .  ? 1.339   -19.621 5.563   1.00 30.26 ? 30  HOH D O     1 
HETATM 1048 O  O     . HOH I 3 .  ? -12.208 -11.345 12.862  1.00 15.45 ? 31  HOH D O     1 
HETATM 1049 O  O     . HOH I 3 .  ? -7.889  -16.687 15.657  1.00 23.50 ? 32  HOH D O     1 
HETATM 1050 O  O     . HOH I 3 .  ? 13.198  -1.033  9.273   1.00 23.20 ? 33  HOH D O     1 
HETATM 1051 O  O     . HOH I 3 .  ? -3.468  -5.605  13.420  1.00 26.76 ? 34  HOH D O     1 
HETATM 1052 O  O     . HOH I 3 .  ? -10.009 -13.115 10.929  1.00 23.68 ? 35  HOH D O     1 
HETATM 1053 O  O     . HOH I 3 .  ? 4.941   -15.658 9.931   1.00 25.00 ? 36  HOH D O     1 
HETATM 1054 O  O     . HOH I 3 .  ? 15.765  -2.960  14.422  1.00 29.17 ? 37  HOH D O     1 
HETATM 1055 O  O     . HOH I 3 .  ? 19.489  -5.456  16.117  1.00 33.22 ? 38  HOH D O     1 
HETATM 1056 O  O     . HOH I 3 .  ? -10.607 -11.217 19.327  1.00 27.09 ? 39  HOH D O     1 
HETATM 1057 O  O     . HOH I 3 .  ? 2.474   -14.340 1.077   1.00 32.86 ? 40  HOH D O     1 
HETATM 1058 O  O     . HOH I 3 .  ? 7.077   -9.453  -2.052  1.00 36.72 ? 41  HOH D O     1 
HETATM 1059 O  O     . HOH I 3 .  ? -2.442  -8.243  15.390  1.00 32.54 ? 42  HOH D O     1 
HETATM 1060 O  O     . HOH I 3 .  ? 11.253  0.015   7.740   1.00 25.72 ? 43  HOH D O     1 
HETATM 1061 O  O     . HOH I 3 .  ? -6.467  -13.533 18.795  1.00 25.03 ? 44  HOH D O     1 
HETATM 1062 O  O     . HOH I 3 .  ? -4.646  -5.571  15.672  1.00 32.88 ? 45  HOH D O     1 
HETATM 1063 O  O     . HOH I 3 .  ? 11.020  -9.747  3.130   1.00 39.08 ? 46  HOH D O     1 
HETATM 1064 O  O     . HOH I 3 .  ? -0.076  -7.247  13.859  1.00 26.70 ? 47  HOH D O     1 
HETATM 1065 O  O     . HOH I 3 .  ? -9.972  -12.831 13.248  1.00 33.76 ? 48  HOH D O     1 
HETATM 1066 O  O     . HOH I 3 .  ? -10.715 -2.912  16.939  1.00 33.30 ? 49  HOH D O     1 
HETATM 1067 O  O     . HOH I 3 .  ? 11.478  -11.394 4.901   1.00 37.09 ? 50  HOH D O     1 
HETATM 1068 O  O     . HOH I 3 .  ? 15.992  -0.878  12.316  1.00 31.03 ? 51  HOH D O     1 
HETATM 1069 O  O     . HOH I 3 .  ? 5.481   -11.135 13.252  1.00 30.78 ? 52  HOH D O     1 
HETATM 1070 O  O     . HOH I 3 .  ? 8.501   -14.897 4.053   1.00 33.11 ? 53  HOH D O     1 
HETATM 1071 O  O     . HOH I 3 .  ? 17.409  -5.955  5.232   1.00 35.49 ? 54  HOH D O     1 
HETATM 1072 O  O     . HOH I 3 .  ? -10.002 -1.531  10.317  1.00 37.13 ? 55  HOH D O     1 
HETATM 1073 O  O     . HOH I 3 .  ? 19.859  -1.016  16.619  1.00 35.05 ? 56  HOH D O     1 
HETATM 1074 O  O     . HOH I 3 .  ? -0.808  -6.536  17.498  1.00 36.53 ? 57  HOH D O     1 
HETATM 1075 O  O     . HOH I 3 .  ? 7.903   -0.922  4.611   1.00 41.05 ? 58  HOH D O     1 
HETATM 1076 O  O     . HOH I 3 .  ? 5.820   -16.253 12.431  1.00 37.98 ? 59  HOH D O     1 
HETATM 1077 O  O     . HOH I 3 .  ? 12.207  -0.124  -0.781  1.00 38.93 ? 60  HOH D O     1 
HETATM 1078 O  O     . HOH I 3 .  ? 5.172   -10.590 16.325  1.00 39.90 ? 61  HOH D O     1 
HETATM 1079 O  O     . HOH I 3 .  ? -2.071  -13.274 6.820   1.00 26.52 ? 62  HOH D O     1 
HETATM 1080 O  O     . HOH I 3 .  ? -6.035  -14.429 6.789   1.00 39.40 ? 63  HOH D O     1 
HETATM 1081 O  O     . HOH I 3 .  ? -10.411 -16.834 14.518  1.00 43.24 ? 64  HOH D O     1 
HETATM 1082 O  O     . HOH I 3 .  ? 21.059  -0.997  6.580   1.00 37.52 ? 65  HOH D O     1 
HETATM 1083 O  O     . HOH I 3 .  ? 5.273   -1.025  4.404   1.00 41.89 ? 66  HOH D O     1 
HETATM 1084 O  O     . HOH I 3 .  ? -7.940  -15.860 6.964   1.00 47.99 ? 67  HOH D O     1 
HETATM 1085 O  O     . HOH I 3 .  ? 11.821  2.469   7.090   1.00 45.78 ? 68  HOH D O     1 
HETATM 1086 O  O     . HOH I 3 .  ? 6.870   -12.179 11.501  1.00 40.67 ? 69  HOH D O     1 
HETATM 1087 O  O     . HOH I 3 .  ? -3.832  -10.921 19.829  1.00 41.65 ? 70  HOH D O     1 
HETATM 1088 O  O     . HOH I 3 .  ? -4.582  -14.972 4.144   1.00 34.64 ? 71  HOH D O     1 
HETATM 1089 O  O     . HOH I 3 .  ? -12.722 -8.491  17.120  1.00 39.63 ? 72  HOH D O     1 
HETATM 1090 O  O     . HOH I 3 .  ? -7.221  -9.544  19.156  1.00 41.61 ? 73  HOH D O     1 
HETATM 1091 O  O     . HOH I 3 .  ? 2.166   -8.174  17.739  1.00 44.34 ? 74  HOH D O     1 
HETATM 1092 O  O     . HOH I 3 .  ? -9.256  -2.609  6.352   1.00 51.95 ? 75  HOH D O     1 
# 
